data_1X4C
#
_entry.id   1X4C
#
_entity_poly.entity_id   1
_entity_poly.type   'polypeptide(L)'
_entity_poly.pdbx_seq_one_letter_code
;GSSGSSGGPPSRRSENRVVVSGLPPSGSWQDLKDHMREAGDVCYADVYRDGTGVVEFVRKEDMTYAVRKLDNTKFRSHEG
ETAYIRVKVDGPRSPSYGRSRSSGPSSG
;
_entity_poly.pdbx_strand_id   A
#
# COMPACT_ATOMS: atom_id res chain seq x y z
N GLY A 1 12.94 8.20 -19.27
CA GLY A 1 13.42 6.93 -18.75
C GLY A 1 14.59 7.10 -17.80
N SER A 2 14.33 6.94 -16.51
CA SER A 2 15.36 7.08 -15.50
C SER A 2 16.01 5.73 -15.18
N SER A 3 16.27 4.96 -16.22
CA SER A 3 16.88 3.64 -16.06
C SER A 3 15.96 2.71 -15.28
N GLY A 4 16.21 1.41 -15.41
CA GLY A 4 15.39 0.44 -14.71
C GLY A 4 16.02 -0.95 -14.70
N SER A 5 15.61 -1.78 -13.74
CA SER A 5 16.14 -3.12 -13.62
C SER A 5 15.02 -4.13 -13.38
N SER A 6 15.02 -5.21 -14.15
CA SER A 6 14.01 -6.25 -14.04
C SER A 6 14.64 -7.63 -14.02
N GLY A 7 13.81 -8.65 -13.78
CA GLY A 7 14.32 -10.01 -13.74
C GLY A 7 14.13 -10.66 -12.38
N GLY A 8 12.89 -10.61 -11.88
CA GLY A 8 12.61 -11.21 -10.59
C GLY A 8 11.12 -11.27 -10.30
N PRO A 9 10.61 -10.25 -9.58
CA PRO A 9 9.19 -10.17 -9.22
C PRO A 9 8.30 -9.90 -10.43
N PRO A 10 7.08 -10.44 -10.40
CA PRO A 10 6.11 -10.27 -11.49
C PRO A 10 5.58 -8.85 -11.57
N SER A 11 5.66 -8.12 -10.45
CA SER A 11 5.19 -6.75 -10.39
C SER A 11 5.41 -6.04 -11.73
N ARG A 12 4.35 -5.92 -12.52
CA ARG A 12 4.45 -5.26 -13.82
C ARG A 12 3.06 -5.06 -14.43
N ARG A 13 2.88 -3.94 -15.12
CA ARG A 13 1.60 -3.62 -15.74
C ARG A 13 0.54 -3.29 -14.69
N SER A 14 0.94 -3.35 -13.42
CA SER A 14 0.04 -3.06 -12.32
C SER A 14 0.09 -1.58 -11.94
N GLU A 15 -0.57 -1.23 -10.83
CA GLU A 15 -0.59 0.14 -10.35
C GLU A 15 -1.58 0.31 -9.21
N ASN A 16 -1.66 -0.70 -8.35
CA ASN A 16 -2.57 -0.67 -7.22
C ASN A 16 -2.11 -1.63 -6.12
N ARG A 17 -0.80 -1.76 -5.98
CA ARG A 17 -0.22 -2.64 -4.97
C ARG A 17 0.62 -1.85 -3.98
N VAL A 18 0.27 -1.95 -2.69
CA VAL A 18 1.00 -1.25 -1.65
C VAL A 18 1.73 -2.23 -0.74
N VAL A 19 2.81 -1.76 -0.12
CA VAL A 19 3.61 -2.59 0.78
C VAL A 19 3.30 -2.27 2.23
N VAL A 20 3.14 -3.31 3.05
CA VAL A 20 2.85 -3.14 4.46
C VAL A 20 4.05 -3.55 5.32
N SER A 21 4.31 -2.76 6.35
CA SER A 21 5.43 -3.03 7.25
C SER A 21 5.02 -2.85 8.71
N GLY A 22 5.84 -3.35 9.63
CA GLY A 22 5.54 -3.23 11.04
C GLY A 22 4.39 -4.11 11.47
N LEU A 23 4.22 -5.24 10.79
CA LEU A 23 3.15 -6.17 11.10
C LEU A 23 3.52 -7.06 12.28
N PRO A 24 2.53 -7.39 13.11
CA PRO A 24 2.73 -8.24 14.29
C PRO A 24 3.02 -9.70 13.91
N PRO A 25 3.61 -10.44 14.85
CA PRO A 25 3.94 -11.86 14.65
C PRO A 25 2.71 -12.74 14.57
N SER A 26 1.56 -12.19 14.94
CA SER A 26 0.31 -12.92 14.92
C SER A 26 -0.61 -12.41 13.82
N GLY A 27 -0.25 -11.27 13.24
CA GLY A 27 -1.05 -10.69 12.18
C GLY A 27 -1.08 -11.54 10.93
N SER A 28 -2.28 -11.77 10.40
CA SER A 28 -2.44 -12.58 9.20
C SER A 28 -3.11 -11.77 8.09
N TRP A 29 -2.90 -12.20 6.85
CA TRP A 29 -3.48 -11.53 5.69
C TRP A 29 -4.98 -11.34 5.88
N GLN A 30 -5.66 -12.42 6.29
CA GLN A 30 -7.10 -12.37 6.50
C GLN A 30 -7.49 -11.13 7.30
N ASP A 31 -6.69 -10.80 8.31
CA ASP A 31 -6.96 -9.65 9.16
C ASP A 31 -6.46 -8.37 8.50
N LEU A 32 -5.20 -8.39 8.05
CA LEU A 32 -4.60 -7.24 7.40
C LEU A 32 -5.54 -6.65 6.35
N LYS A 33 -6.13 -7.52 5.54
CA LYS A 33 -7.05 -7.09 4.50
C LYS A 33 -8.27 -6.39 5.09
N ASP A 34 -8.69 -6.84 6.27
CA ASP A 34 -9.83 -6.25 6.96
C ASP A 34 -9.53 -4.82 7.39
N HIS A 35 -8.25 -4.47 7.42
CA HIS A 35 -7.83 -3.13 7.81
C HIS A 35 -7.71 -2.22 6.59
N MET A 36 -7.39 -2.81 5.44
CA MET A 36 -7.24 -2.05 4.20
C MET A 36 -8.61 -1.69 3.63
N ARG A 37 -9.64 -2.42 4.06
CA ARG A 37 -10.99 -2.18 3.59
C ARG A 37 -11.39 -0.72 3.76
N GLU A 38 -10.99 -0.13 4.89
CA GLU A 38 -11.31 1.26 5.18
C GLU A 38 -11.16 2.12 3.93
N ALA A 39 -10.21 1.76 3.08
CA ALA A 39 -9.97 2.50 1.84
C ALA A 39 -11.04 2.20 0.81
N GLY A 40 -11.43 0.93 0.71
CA GLY A 40 -12.45 0.54 -0.25
C GLY A 40 -12.61 -0.97 -0.34
N ASP A 41 -12.19 -1.55 -1.45
CA ASP A 41 -12.30 -2.99 -1.66
C ASP A 41 -10.93 -3.59 -1.98
N VAL A 42 -10.61 -4.70 -1.33
CA VAL A 42 -9.34 -5.38 -1.55
C VAL A 42 -9.44 -6.39 -2.69
N CYS A 43 -8.34 -6.53 -3.44
CA CYS A 43 -8.30 -7.47 -4.56
C CYS A 43 -7.32 -8.59 -4.30
N TYR A 44 -6.28 -8.30 -3.53
CA TYR A 44 -5.25 -9.28 -3.20
C TYR A 44 -4.63 -8.99 -1.85
N ALA A 45 -4.45 -10.04 -1.05
CA ALA A 45 -3.85 -9.90 0.28
C ALA A 45 -2.87 -11.03 0.55
N ASP A 46 -1.77 -10.68 1.22
CA ASP A 46 -0.74 -11.67 1.54
C ASP A 46 0.26 -11.09 2.55
N VAL A 47 0.60 -11.89 3.56
CA VAL A 47 1.55 -11.46 4.59
C VAL A 47 2.68 -12.46 4.73
N TYR A 48 3.86 -11.95 5.08
CA TYR A 48 5.04 -12.81 5.26
C TYR A 48 5.43 -12.89 6.73
N ARG A 49 6.20 -13.92 7.08
CA ARG A 49 6.65 -14.12 8.45
C ARG A 49 7.85 -13.23 8.76
N ASP A 50 7.74 -11.95 8.42
CA ASP A 50 8.82 -11.01 8.66
C ASP A 50 8.26 -9.64 9.06
N GLY A 51 7.05 -9.63 9.59
CA GLY A 51 6.43 -8.39 10.00
C GLY A 51 6.11 -7.48 8.82
N THR A 52 5.94 -8.08 7.65
CA THR A 52 5.64 -7.31 6.44
C THR A 52 4.50 -7.96 5.65
N GLY A 53 3.91 -7.19 4.75
CA GLY A 53 2.81 -7.70 3.95
C GLY A 53 2.62 -6.92 2.66
N VAL A 54 1.56 -7.23 1.93
CA VAL A 54 1.27 -6.56 0.66
C VAL A 54 -0.21 -6.67 0.30
N VAL A 55 -0.82 -5.53 -0.01
CA VAL A 55 -2.23 -5.50 -0.37
C VAL A 55 -2.43 -4.83 -1.73
N GLU A 56 -3.42 -5.32 -2.48
CA GLU A 56 -3.71 -4.77 -3.80
C GLU A 56 -5.16 -4.30 -3.88
N PHE A 57 -5.35 -2.99 -3.92
CA PHE A 57 -6.69 -2.41 -4.00
C PHE A 57 -7.21 -2.46 -5.43
N VAL A 58 -8.40 -3.05 -5.59
CA VAL A 58 -9.02 -3.16 -6.91
C VAL A 58 -9.14 -1.79 -7.58
N ARG A 59 -9.37 -0.77 -6.76
CA ARG A 59 -9.51 0.60 -7.27
C ARG A 59 -8.36 1.47 -6.80
N LYS A 60 -7.53 1.92 -7.73
CA LYS A 60 -6.39 2.76 -7.41
C LYS A 60 -6.78 3.84 -6.41
N GLU A 61 -8.04 4.26 -6.46
CA GLU A 61 -8.53 5.29 -5.55
C GLU A 61 -8.38 4.85 -4.10
N ASP A 62 -8.75 3.61 -3.81
CA ASP A 62 -8.65 3.07 -2.46
C ASP A 62 -7.19 2.96 -2.03
N MET A 63 -6.31 2.75 -3.01
CA MET A 63 -4.88 2.62 -2.73
C MET A 63 -4.28 3.95 -2.29
N THR A 64 -4.37 4.95 -3.16
CA THR A 64 -3.84 6.28 -2.85
C THR A 64 -4.43 6.81 -1.56
N TYR A 65 -5.67 6.43 -1.28
CA TYR A 65 -6.36 6.89 -0.07
C TYR A 65 -5.82 6.16 1.17
N ALA A 66 -5.61 4.85 1.02
CA ALA A 66 -5.10 4.05 2.12
C ALA A 66 -3.73 4.53 2.58
N VAL A 67 -2.88 4.89 1.62
CA VAL A 67 -1.54 5.38 1.93
C VAL A 67 -1.60 6.75 2.59
N ARG A 68 -2.75 7.39 2.50
CA ARG A 68 -2.93 8.72 3.09
C ARG A 68 -3.55 8.61 4.48
N LYS A 69 -4.68 7.91 4.57
CA LYS A 69 -5.37 7.73 5.84
C LYS A 69 -4.91 6.46 6.54
N LEU A 70 -4.69 5.41 5.77
CA LEU A 70 -4.25 4.13 6.31
C LEU A 70 -2.74 3.97 6.14
N ASP A 71 -1.98 4.88 6.73
CA ASP A 71 -0.52 4.84 6.65
C ASP A 71 0.11 5.23 7.99
N ASN A 72 0.69 4.25 8.67
CA ASN A 72 1.33 4.50 9.96
C ASN A 72 0.30 4.50 11.09
N THR A 73 -0.71 3.65 10.96
CA THR A 73 -1.77 3.55 11.97
C THR A 73 -1.64 2.28 12.79
N LYS A 74 -2.32 2.24 13.92
CA LYS A 74 -2.28 1.07 14.80
C LYS A 74 -3.20 -0.03 14.29
N PHE A 75 -2.60 -1.10 13.76
CA PHE A 75 -3.36 -2.22 13.22
C PHE A 75 -3.55 -3.30 14.28
N ARG A 76 -4.78 -3.80 14.40
CA ARG A 76 -5.10 -4.83 15.38
C ARG A 76 -5.38 -6.17 14.68
N SER A 77 -4.79 -7.24 15.21
CA SER A 77 -4.97 -8.57 14.65
C SER A 77 -6.15 -9.28 15.29
N HIS A 78 -6.60 -10.35 14.66
CA HIS A 78 -7.73 -11.13 15.17
C HIS A 78 -7.44 -11.66 16.57
N GLU A 79 -6.16 -11.66 16.94
CA GLU A 79 -5.75 -12.15 18.25
C GLU A 79 -5.94 -11.08 19.31
N GLY A 80 -6.20 -9.85 18.87
CA GLY A 80 -6.40 -8.76 19.80
C GLY A 80 -5.13 -7.95 20.04
N GLU A 81 -4.08 -8.27 19.29
CA GLU A 81 -2.82 -7.58 19.42
C GLU A 81 -2.75 -6.37 18.47
N THR A 82 -2.23 -5.26 18.99
CA THR A 82 -2.13 -4.04 18.20
C THR A 82 -0.68 -3.79 17.78
N ALA A 83 -0.52 -3.10 16.65
CA ALA A 83 0.82 -2.79 16.13
C ALA A 83 0.74 -1.78 14.99
N TYR A 84 1.56 -0.74 15.08
CA TYR A 84 1.59 0.30 14.05
C TYR A 84 2.19 -0.24 12.75
N ILE A 85 1.44 -0.06 11.65
CA ILE A 85 1.90 -0.53 10.35
C ILE A 85 2.03 0.64 9.38
N ARG A 86 2.91 0.48 8.39
CA ARG A 86 3.13 1.52 7.39
C ARG A 86 2.69 1.04 6.00
N VAL A 87 2.01 1.90 5.27
CA VAL A 87 1.54 1.57 3.93
C VAL A 87 2.04 2.57 2.89
N LYS A 88 2.44 2.06 1.74
CA LYS A 88 2.95 2.92 0.67
C LYS A 88 2.71 2.28 -0.69
N VAL A 89 2.65 3.11 -1.73
CA VAL A 89 2.44 2.63 -3.09
C VAL A 89 3.67 1.92 -3.62
N ASP A 90 3.53 0.62 -3.89
CA ASP A 90 4.64 -0.17 -4.41
C ASP A 90 5.34 0.56 -5.57
N GLY A 91 6.61 0.24 -5.78
CA GLY A 91 7.36 0.87 -6.84
C GLY A 91 8.65 1.49 -6.34
N PRO A 92 9.26 2.35 -7.17
CA PRO A 92 10.51 3.03 -6.84
C PRO A 92 10.32 4.07 -5.73
N ARG A 93 11.14 3.98 -4.68
CA ARG A 93 11.06 4.90 -3.57
C ARG A 93 12.02 6.08 -3.77
N SER A 94 11.70 7.22 -3.18
CA SER A 94 12.53 8.40 -3.29
C SER A 94 12.67 8.83 -4.75
N PRO A 95 12.72 10.15 -4.99
CA PRO A 95 12.86 10.71 -6.32
C PRO A 95 14.25 10.46 -6.92
N SER A 96 14.32 10.42 -8.25
CA SER A 96 15.58 10.19 -8.94
C SER A 96 15.97 11.40 -9.78
N TYR A 97 17.28 11.56 -10.01
CA TYR A 97 17.78 12.67 -10.80
C TYR A 97 19.30 12.62 -10.90
N GLY A 98 19.86 13.45 -11.76
CA GLY A 98 21.30 13.50 -11.95
C GLY A 98 21.73 14.43 -13.06
N ARG A 99 23.03 14.47 -13.34
CA ARG A 99 23.56 15.33 -14.38
C ARG A 99 24.96 14.89 -14.78
N SER A 100 25.75 14.45 -13.80
CA SER A 100 27.11 14.01 -14.05
C SER A 100 28.07 15.19 -14.11
N ARG A 101 27.65 16.24 -14.81
CA ARG A 101 28.47 17.44 -14.94
C ARG A 101 27.80 18.63 -14.27
N SER A 102 28.60 19.43 -13.56
CA SER A 102 28.08 20.60 -12.86
C SER A 102 27.47 21.59 -13.84
N SER A 103 26.28 22.08 -13.51
CA SER A 103 25.58 23.02 -14.36
C SER A 103 25.56 24.42 -13.72
N GLY A 104 26.17 25.38 -14.41
CA GLY A 104 26.22 26.73 -13.90
C GLY A 104 26.53 27.75 -14.98
N PRO A 105 25.49 28.15 -15.74
CA PRO A 105 25.63 29.12 -16.82
C PRO A 105 25.91 30.52 -16.31
N SER A 106 25.93 31.49 -17.21
CA SER A 106 26.19 32.88 -16.85
C SER A 106 24.91 33.57 -16.37
N SER A 107 24.01 33.84 -17.30
CA SER A 107 22.74 34.50 -16.98
C SER A 107 21.66 33.47 -16.66
N GLY A 108 20.57 33.93 -16.07
CA GLY A 108 19.48 33.05 -15.71
C GLY A 108 18.30 33.18 -16.65
N GLY A 1 -2.44 -35.55 3.06
CA GLY A 1 -2.70 -34.26 2.46
C GLY A 1 -1.53 -33.30 2.63
N SER A 2 -1.34 -32.41 1.65
CA SER A 2 -0.25 -31.45 1.69
C SER A 2 -0.33 -30.49 0.52
N SER A 3 -1.37 -29.65 0.52
CA SER A 3 -1.58 -28.68 -0.55
C SER A 3 -2.39 -27.50 -0.06
N GLY A 4 -1.97 -26.29 -0.44
CA GLY A 4 -2.67 -25.09 -0.02
C GLY A 4 -2.47 -23.94 -0.98
N SER A 5 -2.98 -22.77 -0.62
CA SER A 5 -2.84 -21.58 -1.46
C SER A 5 -3.83 -21.63 -2.63
N SER A 6 -3.71 -22.66 -3.45
CA SER A 6 -4.58 -22.83 -4.61
C SER A 6 -4.30 -21.77 -5.66
N GLY A 7 -3.67 -22.17 -6.75
CA GLY A 7 -3.35 -21.24 -7.82
C GLY A 7 -2.09 -20.46 -7.54
N GLY A 8 -2.01 -19.26 -8.11
CA GLY A 8 -0.83 -18.42 -7.91
C GLY A 8 -0.20 -17.98 -9.21
N PRO A 9 -0.79 -16.95 -9.84
CA PRO A 9 -0.29 -16.41 -11.11
C PRO A 9 1.05 -15.70 -10.96
N PRO A 10 1.87 -15.75 -12.02
CA PRO A 10 3.19 -15.12 -12.03
C PRO A 10 3.10 -13.59 -12.05
N SER A 11 1.87 -13.07 -12.03
CA SER A 11 1.65 -11.63 -12.05
C SER A 11 2.72 -10.91 -11.24
N ARG A 12 3.55 -10.14 -11.93
CA ARG A 12 4.62 -9.39 -11.27
C ARG A 12 4.15 -7.98 -10.91
N ARG A 13 5.08 -7.04 -10.89
CA ARG A 13 4.76 -5.66 -10.55
C ARG A 13 3.35 -5.29 -11.01
N SER A 14 2.50 -4.94 -10.06
CA SER A 14 1.12 -4.57 -10.37
C SER A 14 1.00 -3.06 -10.60
N GLU A 15 -0.23 -2.57 -10.60
CA GLU A 15 -0.49 -1.15 -10.81
C GLU A 15 -0.91 -0.47 -9.51
N ASN A 16 -1.94 -1.01 -8.87
CA ASN A 16 -2.44 -0.45 -7.63
C ASN A 16 -2.10 -1.37 -6.45
N ARG A 17 -0.81 -1.52 -6.19
CA ARG A 17 -0.35 -2.37 -5.10
C ARG A 17 0.45 -1.56 -4.08
N VAL A 18 0.20 -1.81 -2.81
CA VAL A 18 0.90 -1.09 -1.74
C VAL A 18 1.65 -2.07 -0.84
N VAL A 19 2.67 -1.56 -0.16
CA VAL A 19 3.47 -2.38 0.74
C VAL A 19 3.15 -2.08 2.20
N VAL A 20 3.06 -3.12 3.02
CA VAL A 20 2.76 -2.97 4.44
C VAL A 20 3.92 -3.44 5.30
N SER A 21 4.25 -2.66 6.32
CA SER A 21 5.35 -2.98 7.23
C SER A 21 4.95 -2.73 8.67
N GLY A 22 5.71 -3.32 9.60
CA GLY A 22 5.43 -3.14 11.01
C GLY A 22 4.30 -4.03 11.49
N LEU A 23 4.04 -5.11 10.76
CA LEU A 23 2.98 -6.05 11.11
C LEU A 23 3.38 -6.88 12.33
N PRO A 24 2.39 -7.22 13.16
CA PRO A 24 2.61 -8.02 14.38
C PRO A 24 2.97 -9.47 14.05
N PRO A 25 3.48 -10.19 15.07
CA PRO A 25 3.87 -11.59 14.93
C PRO A 25 2.67 -12.51 14.74
N SER A 26 1.49 -12.02 15.10
CA SER A 26 0.26 -12.80 14.98
C SER A 26 -0.70 -12.16 13.99
N GLY A 27 -0.14 -11.46 13.00
CA GLY A 27 -0.96 -10.79 12.00
C GLY A 27 -1.07 -11.60 10.72
N SER A 28 -2.30 -11.94 10.35
CA SER A 28 -2.54 -12.72 9.14
C SER A 28 -3.24 -11.87 8.08
N TRP A 29 -3.05 -12.23 6.81
CA TRP A 29 -3.67 -11.50 5.71
C TRP A 29 -5.15 -11.24 5.99
N GLN A 30 -5.87 -12.30 6.35
CA GLN A 30 -7.29 -12.18 6.65
C GLN A 30 -7.56 -11.01 7.58
N ASP A 31 -6.64 -10.76 8.50
CA ASP A 31 -6.77 -9.67 9.45
C ASP A 31 -6.26 -8.36 8.86
N LEU A 32 -5.24 -8.46 8.01
CA LEU A 32 -4.67 -7.29 7.38
C LEU A 32 -5.67 -6.62 6.43
N LYS A 33 -6.12 -7.38 5.43
CA LYS A 33 -7.08 -6.87 4.46
C LYS A 33 -8.24 -6.17 5.17
N ASP A 34 -8.71 -6.78 6.25
CA ASP A 34 -9.83 -6.22 7.02
C ASP A 34 -9.51 -4.79 7.47
N HIS A 35 -8.23 -4.53 7.70
CA HIS A 35 -7.79 -3.21 8.13
C HIS A 35 -7.57 -2.28 6.94
N MET A 36 -7.42 -2.87 5.76
CA MET A 36 -7.21 -2.10 4.55
C MET A 36 -8.51 -1.89 3.79
N ARG A 37 -9.55 -2.60 4.22
CA ARG A 37 -10.87 -2.49 3.59
C ARG A 37 -11.37 -1.06 3.62
N GLU A 38 -11.18 -0.39 4.76
CA GLU A 38 -11.61 0.99 4.92
C GLU A 38 -11.35 1.80 3.65
N ALA A 39 -10.21 1.52 3.00
CA ALA A 39 -9.84 2.21 1.78
C ALA A 39 -10.88 2.01 0.69
N GLY A 40 -11.37 0.78 0.57
CA GLY A 40 -12.38 0.47 -0.43
C GLY A 40 -12.58 -1.03 -0.61
N ASP A 41 -11.96 -1.60 -1.63
CA ASP A 41 -12.07 -3.03 -1.89
C ASP A 41 -10.70 -3.64 -2.18
N VAL A 42 -10.45 -4.79 -1.55
CA VAL A 42 -9.17 -5.48 -1.73
C VAL A 42 -9.28 -6.54 -2.81
N CYS A 43 -8.25 -6.63 -3.66
CA CYS A 43 -8.23 -7.60 -4.73
C CYS A 43 -7.22 -8.71 -4.45
N TYR A 44 -6.28 -8.42 -3.56
CA TYR A 44 -5.24 -9.39 -3.20
C TYR A 44 -4.60 -9.03 -1.87
N ALA A 45 -4.47 -10.02 -0.99
CA ALA A 45 -3.87 -9.81 0.32
C ALA A 45 -2.96 -10.97 0.70
N ASP A 46 -1.79 -10.64 1.22
CA ASP A 46 -0.81 -11.65 1.63
C ASP A 46 0.19 -11.08 2.61
N VAL A 47 0.50 -11.85 3.65
CA VAL A 47 1.45 -11.42 4.67
C VAL A 47 2.57 -12.45 4.85
N TYR A 48 3.79 -11.96 4.98
CA TYR A 48 4.95 -12.83 5.15
C TYR A 48 5.31 -12.96 6.63
N ARG A 49 6.02 -14.03 6.96
CA ARG A 49 6.44 -14.28 8.34
C ARG A 49 7.64 -13.42 8.70
N ASP A 50 7.56 -12.13 8.40
CA ASP A 50 8.65 -11.20 8.70
C ASP A 50 8.10 -9.86 9.16
N GLY A 51 6.80 -9.81 9.43
CA GLY A 51 6.18 -8.58 9.89
C GLY A 51 5.82 -7.66 8.73
N THR A 52 5.71 -8.23 7.54
CA THR A 52 5.36 -7.45 6.35
C THR A 52 4.18 -8.07 5.62
N GLY A 53 3.60 -7.29 4.71
CA GLY A 53 2.46 -7.78 3.94
C GLY A 53 2.13 -6.88 2.77
N VAL A 54 1.78 -7.50 1.64
CA VAL A 54 1.43 -6.75 0.43
C VAL A 54 -0.07 -6.78 0.18
N VAL A 55 -0.58 -5.74 -0.47
CA VAL A 55 -2.00 -5.65 -0.79
C VAL A 55 -2.23 -4.95 -2.12
N GLU A 56 -3.25 -5.38 -2.84
CA GLU A 56 -3.58 -4.80 -4.13
C GLU A 56 -5.02 -4.27 -4.15
N PHE A 57 -5.16 -2.95 -4.17
CA PHE A 57 -6.47 -2.32 -4.18
C PHE A 57 -7.05 -2.31 -5.59
N VAL A 58 -8.14 -3.06 -5.79
CA VAL A 58 -8.79 -3.12 -7.09
C VAL A 58 -8.91 -1.74 -7.71
N ARG A 59 -9.21 -0.74 -6.89
CA ARG A 59 -9.36 0.62 -7.38
C ARG A 59 -8.24 1.51 -6.84
N LYS A 60 -7.52 2.16 -7.75
CA LYS A 60 -6.42 3.04 -7.37
C LYS A 60 -6.87 4.02 -6.28
N GLU A 61 -8.05 4.60 -6.47
CA GLU A 61 -8.59 5.56 -5.50
C GLU A 61 -8.40 5.06 -4.07
N ASP A 62 -8.81 3.82 -3.83
CA ASP A 62 -8.68 3.22 -2.51
C ASP A 62 -7.23 3.11 -2.09
N MET A 63 -6.35 2.93 -3.08
CA MET A 63 -4.92 2.81 -2.82
C MET A 63 -4.33 4.13 -2.34
N THR A 64 -4.41 5.14 -3.20
CA THR A 64 -3.88 6.46 -2.86
C THR A 64 -4.48 6.98 -1.56
N TYR A 65 -5.67 6.51 -1.23
CA TYR A 65 -6.35 6.91 0.00
C TYR A 65 -5.79 6.16 1.21
N ALA A 66 -5.61 4.87 1.05
CA ALA A 66 -5.07 4.03 2.12
C ALA A 66 -3.72 4.53 2.59
N VAL A 67 -2.89 4.96 1.64
CA VAL A 67 -1.56 5.46 1.94
C VAL A 67 -1.64 6.81 2.66
N ARG A 68 -2.78 7.49 2.52
CA ARG A 68 -2.99 8.78 3.16
C ARG A 68 -3.55 8.62 4.56
N LYS A 69 -4.69 7.94 4.65
CA LYS A 69 -5.34 7.71 5.94
C LYS A 69 -4.78 6.46 6.62
N LEU A 70 -4.70 5.38 5.86
CA LEU A 70 -4.19 4.11 6.39
C LEU A 70 -2.67 4.02 6.19
N ASP A 71 -1.94 5.00 6.71
CA ASP A 71 -0.50 5.03 6.60
C ASP A 71 0.15 5.34 7.95
N ASN A 72 0.71 4.32 8.57
CA ASN A 72 1.36 4.48 9.88
C ASN A 72 0.33 4.52 11.00
N THR A 73 -0.66 3.64 10.91
CA THR A 73 -1.71 3.57 11.93
C THR A 73 -1.58 2.29 12.75
N LYS A 74 -2.33 2.24 13.85
CA LYS A 74 -2.30 1.07 14.73
C LYS A 74 -3.19 -0.04 14.19
N PHE A 75 -2.57 -1.17 13.85
CA PHE A 75 -3.30 -2.31 13.32
C PHE A 75 -3.49 -3.38 14.39
N ARG A 76 -4.72 -3.89 14.49
CA ARG A 76 -5.03 -4.92 15.48
C ARG A 76 -5.28 -6.26 14.79
N SER A 77 -4.77 -7.33 15.40
CA SER A 77 -4.93 -8.67 14.86
C SER A 77 -6.03 -9.42 15.58
N HIS A 78 -6.37 -10.61 15.08
CA HIS A 78 -7.42 -11.43 15.68
C HIS A 78 -7.08 -11.75 17.14
N GLU A 79 -5.80 -11.99 17.40
CA GLU A 79 -5.34 -12.31 18.75
C GLU A 79 -5.55 -11.13 19.69
N GLY A 80 -5.96 -10.00 19.13
CA GLY A 80 -6.19 -8.81 19.93
C GLY A 80 -4.96 -7.94 20.02
N GLU A 81 -3.81 -8.47 19.61
CA GLU A 81 -2.56 -7.74 19.66
C GLU A 81 -2.64 -6.48 18.80
N THR A 82 -1.86 -5.46 19.17
CA THR A 82 -1.84 -4.21 18.43
C THR A 82 -0.43 -3.85 17.99
N ALA A 83 -0.30 -3.29 16.79
CA ALA A 83 1.00 -2.90 16.26
C ALA A 83 0.84 -1.89 15.13
N TYR A 84 1.63 -0.82 15.18
CA TYR A 84 1.58 0.22 14.16
C TYR A 84 2.18 -0.28 12.84
N ILE A 85 1.41 -0.13 11.76
CA ILE A 85 1.87 -0.57 10.44
C ILE A 85 1.98 0.61 9.49
N ARG A 86 2.91 0.51 8.54
CA ARG A 86 3.11 1.57 7.56
C ARG A 86 2.64 1.13 6.18
N VAL A 87 1.99 2.05 5.47
CA VAL A 87 1.48 1.76 4.13
C VAL A 87 2.02 2.76 3.11
N LYS A 88 2.41 2.25 1.95
CA LYS A 88 2.94 3.10 0.89
C LYS A 88 2.71 2.47 -0.48
N VAL A 89 2.58 3.31 -1.50
CA VAL A 89 2.35 2.83 -2.86
C VAL A 89 3.60 2.14 -3.41
N ASP A 90 3.43 0.88 -3.83
CA ASP A 90 4.53 0.11 -4.37
C ASP A 90 5.19 0.83 -5.54
N GLY A 91 6.47 1.17 -5.38
CA GLY A 91 7.19 1.87 -6.42
C GLY A 91 7.64 3.25 -5.99
N PRO A 92 7.89 4.13 -6.99
CA PRO A 92 8.34 5.50 -6.73
C PRO A 92 7.23 6.36 -6.11
N ARG A 93 7.50 7.66 -5.97
CA ARG A 93 6.54 8.58 -5.39
C ARG A 93 6.94 10.03 -5.67
N SER A 94 6.06 10.96 -5.34
CA SER A 94 6.32 12.37 -5.55
C SER A 94 6.47 13.11 -4.22
N PRO A 95 7.08 14.30 -4.27
CA PRO A 95 7.29 15.12 -3.08
C PRO A 95 5.99 15.71 -2.52
N SER A 96 5.20 16.31 -3.40
CA SER A 96 3.94 16.91 -3.00
C SER A 96 3.17 17.44 -4.21
N TYR A 97 3.66 18.53 -4.78
CA TYR A 97 3.03 19.14 -5.95
C TYR A 97 3.91 20.24 -6.53
N GLY A 98 3.43 20.88 -7.59
CA GLY A 98 4.18 21.94 -8.23
C GLY A 98 4.25 23.19 -7.37
N ARG A 99 5.44 23.79 -7.30
CA ARG A 99 5.64 24.98 -6.51
C ARG A 99 5.49 26.24 -7.37
N SER A 100 4.37 26.94 -7.19
CA SER A 100 4.10 28.15 -7.96
C SER A 100 4.11 29.38 -7.05
N ARG A 101 4.15 30.56 -7.66
CA ARG A 101 4.16 31.81 -6.92
C ARG A 101 3.76 32.98 -7.80
N SER A 102 2.65 33.64 -7.46
CA SER A 102 2.16 34.76 -8.23
C SER A 102 1.98 34.39 -9.69
N SER A 103 0.75 34.05 -10.08
CA SER A 103 0.45 33.67 -11.45
C SER A 103 -0.62 34.59 -12.04
N GLY A 104 -1.79 34.61 -11.41
CA GLY A 104 -2.88 35.44 -11.89
C GLY A 104 -3.98 34.63 -12.54
N PRO A 105 -4.89 34.10 -11.72
CA PRO A 105 -6.02 33.29 -12.19
C PRO A 105 -7.05 34.12 -12.95
N SER A 106 -7.47 33.62 -14.11
CA SER A 106 -8.46 34.32 -14.92
C SER A 106 -9.11 33.37 -15.92
N SER A 107 -9.99 33.91 -16.75
CA SER A 107 -10.69 33.11 -17.76
C SER A 107 -11.65 32.13 -17.08
N GLY A 108 -12.42 31.42 -17.91
CA GLY A 108 -13.37 30.46 -17.38
C GLY A 108 -14.67 31.10 -16.92
N GLY A 1 34.24 -3.04 -9.38
CA GLY A 1 33.07 -2.18 -9.41
C GLY A 1 31.78 -2.98 -9.41
N SER A 2 30.65 -2.26 -9.41
CA SER A 2 29.35 -2.91 -9.40
C SER A 2 28.28 -1.98 -9.99
N SER A 3 28.16 -0.78 -9.42
CA SER A 3 27.18 0.19 -9.89
C SER A 3 25.76 -0.35 -9.73
N GLY A 4 24.78 0.50 -10.02
CA GLY A 4 23.39 0.09 -9.91
C GLY A 4 22.47 1.26 -9.63
N SER A 5 21.25 1.18 -10.15
CA SER A 5 20.27 2.25 -9.96
C SER A 5 18.89 1.81 -10.46
N SER A 6 17.88 2.63 -10.17
CA SER A 6 16.52 2.33 -10.58
C SER A 6 15.67 3.60 -10.64
N GLY A 7 14.91 3.75 -11.72
CA GLY A 7 14.07 4.92 -11.88
C GLY A 7 13.45 5.01 -13.27
N GLY A 8 12.77 6.12 -13.53
CA GLY A 8 12.13 6.30 -14.83
C GLY A 8 10.65 6.53 -14.72
N PRO A 9 9.87 5.44 -14.86
CA PRO A 9 8.40 5.50 -14.77
C PRO A 9 7.91 5.79 -13.36
N PRO A 10 6.77 6.49 -13.26
CA PRO A 10 6.17 6.84 -11.97
C PRO A 10 5.60 5.63 -11.24
N SER A 11 4.95 4.74 -11.99
CA SER A 11 4.36 3.54 -11.41
C SER A 11 5.10 2.30 -11.90
N ARG A 12 5.10 1.26 -11.05
CA ARG A 12 5.77 0.01 -11.39
C ARG A 12 4.76 -1.12 -11.56
N ARG A 13 5.23 -2.36 -11.47
CA ARG A 13 4.37 -3.51 -11.60
C ARG A 13 2.98 -3.23 -11.04
N SER A 14 1.96 -3.32 -11.90
CA SER A 14 0.59 -3.06 -11.49
C SER A 14 0.34 -1.57 -11.34
N GLU A 15 -0.83 -1.23 -10.80
CA GLU A 15 -1.19 0.17 -10.60
C GLU A 15 -2.14 0.33 -9.40
N ASN A 16 -2.01 -0.57 -8.43
CA ASN A 16 -2.85 -0.54 -7.25
C ASN A 16 -2.30 -1.48 -6.17
N ARG A 17 -0.98 -1.58 -6.09
CA ARG A 17 -0.35 -2.44 -5.10
C ARG A 17 0.45 -1.63 -4.10
N VAL A 18 0.24 -1.90 -2.81
CA VAL A 18 0.94 -1.19 -1.75
C VAL A 18 1.65 -2.16 -0.82
N VAL A 19 2.71 -1.68 -0.16
CA VAL A 19 3.47 -2.50 0.76
C VAL A 19 3.14 -2.16 2.21
N VAL A 20 3.28 -3.15 3.09
CA VAL A 20 3.00 -2.95 4.51
C VAL A 20 4.16 -3.43 5.37
N SER A 21 4.45 -2.69 6.43
CA SER A 21 5.54 -3.05 7.34
C SER A 21 5.14 -2.83 8.80
N GLY A 22 5.88 -3.45 9.71
CA GLY A 22 5.59 -3.31 11.12
C GLY A 22 4.41 -4.17 11.54
N LEU A 23 4.24 -5.30 10.88
CA LEU A 23 3.14 -6.21 11.19
C LEU A 23 3.53 -7.15 12.34
N PRO A 24 2.54 -7.47 13.20
CA PRO A 24 2.75 -8.36 14.35
C PRO A 24 2.99 -9.80 13.93
N PRO A 25 3.39 -10.65 14.89
CA PRO A 25 3.67 -12.06 14.65
C PRO A 25 2.40 -12.86 14.35
N SER A 26 1.38 -12.64 15.18
CA SER A 26 0.11 -13.34 15.01
C SER A 26 -0.67 -12.79 13.81
N GLY A 27 -0.44 -11.51 13.52
CA GLY A 27 -1.13 -10.88 12.40
C GLY A 27 -1.13 -11.75 11.16
N SER A 28 -2.25 -11.75 10.44
CA SER A 28 -2.38 -12.54 9.23
C SER A 28 -3.13 -11.77 8.14
N TRP A 29 -2.88 -12.12 6.89
CA TRP A 29 -3.53 -11.47 5.76
C TRP A 29 -5.01 -11.23 6.05
N GLN A 30 -5.67 -12.26 6.57
CA GLN A 30 -7.09 -12.16 6.89
C GLN A 30 -7.38 -10.90 7.72
N ASP A 31 -6.51 -10.62 8.68
CA ASP A 31 -6.67 -9.45 9.54
C ASP A 31 -6.23 -8.19 8.82
N LEU A 32 -5.07 -8.26 8.17
CA LEU A 32 -4.53 -7.12 7.44
C LEU A 32 -5.56 -6.56 6.47
N LYS A 33 -5.99 -7.40 5.52
CA LYS A 33 -6.98 -6.98 4.54
C LYS A 33 -8.19 -6.35 5.21
N ASP A 34 -8.68 -6.98 6.26
CA ASP A 34 -9.84 -6.46 6.99
C ASP A 34 -9.59 -5.04 7.48
N HIS A 35 -8.31 -4.68 7.60
CA HIS A 35 -7.94 -3.34 8.05
C HIS A 35 -7.75 -2.40 6.87
N MET A 36 -7.43 -2.98 5.71
CA MET A 36 -7.22 -2.18 4.50
C MET A 36 -8.54 -1.94 3.78
N ARG A 37 -9.53 -2.77 4.06
CA ARG A 37 -10.84 -2.65 3.44
C ARG A 37 -11.34 -1.21 3.51
N GLU A 38 -10.99 -0.52 4.59
CA GLU A 38 -11.41 0.86 4.79
C GLU A 38 -11.17 1.69 3.53
N ALA A 39 -10.06 1.40 2.84
CA ALA A 39 -9.73 2.11 1.61
C ALA A 39 -10.82 1.96 0.57
N GLY A 40 -11.37 0.75 0.45
CA GLY A 40 -12.41 0.50 -0.52
C GLY A 40 -12.23 -0.82 -1.23
N ASP A 41 -12.80 -1.89 -0.67
CA ASP A 41 -12.70 -3.22 -1.27
C ASP A 41 -11.24 -3.62 -1.44
N VAL A 42 -11.00 -4.93 -1.51
CA VAL A 42 -9.65 -5.45 -1.66
C VAL A 42 -9.54 -6.35 -2.89
N CYS A 43 -8.34 -6.44 -3.45
CA CYS A 43 -8.11 -7.27 -4.63
C CYS A 43 -7.10 -8.37 -4.33
N TYR A 44 -6.25 -8.14 -3.34
CA TYR A 44 -5.22 -9.10 -2.96
C TYR A 44 -4.73 -8.84 -1.54
N ALA A 45 -4.45 -9.92 -0.81
CA ALA A 45 -3.97 -9.81 0.56
C ALA A 45 -3.01 -10.94 0.90
N ASP A 46 -1.83 -10.59 1.38
CA ASP A 46 -0.82 -11.58 1.74
C ASP A 46 0.23 -10.99 2.67
N VAL A 47 0.66 -11.77 3.66
CA VAL A 47 1.66 -11.31 4.62
C VAL A 47 2.83 -12.29 4.69
N TYR A 48 4.03 -11.74 4.89
CA TYR A 48 5.23 -12.55 4.97
C TYR A 48 5.61 -12.82 6.43
N ARG A 49 6.37 -13.90 6.65
CA ARG A 49 6.79 -14.26 8.00
C ARG A 49 7.97 -13.39 8.45
N ASP A 50 7.81 -12.08 8.32
CA ASP A 50 8.86 -11.15 8.72
C ASP A 50 8.25 -9.82 9.15
N GLY A 51 6.99 -9.85 9.57
CA GLY A 51 6.32 -8.64 10.00
C GLY A 51 6.00 -7.71 8.84
N THR A 52 5.81 -8.28 7.66
CA THR A 52 5.51 -7.49 6.47
C THR A 52 4.34 -8.09 5.70
N GLY A 53 3.81 -7.33 4.75
CA GLY A 53 2.69 -7.79 3.96
C GLY A 53 2.31 -6.83 2.85
N VAL A 54 1.79 -7.36 1.75
CA VAL A 54 1.38 -6.53 0.62
C VAL A 54 -0.11 -6.64 0.38
N VAL A 55 -0.71 -5.56 -0.11
CA VAL A 55 -2.14 -5.53 -0.41
C VAL A 55 -2.43 -4.76 -1.69
N GLU A 56 -3.35 -5.29 -2.49
CA GLU A 56 -3.71 -4.65 -3.75
C GLU A 56 -5.16 -4.19 -3.72
N PHE A 57 -5.38 -2.90 -3.97
CA PHE A 57 -6.72 -2.33 -3.97
C PHE A 57 -7.32 -2.36 -5.37
N VAL A 58 -8.40 -3.12 -5.52
CA VAL A 58 -9.07 -3.25 -6.81
C VAL A 58 -9.21 -1.89 -7.48
N ARG A 59 -9.42 -0.85 -6.68
CA ARG A 59 -9.57 0.50 -7.20
C ARG A 59 -8.41 1.38 -6.76
N LYS A 60 -7.64 1.87 -7.72
CA LYS A 60 -6.50 2.74 -7.43
C LYS A 60 -6.90 3.88 -6.51
N GLU A 61 -8.00 4.55 -6.85
CA GLU A 61 -8.48 5.66 -6.05
C GLU A 61 -8.47 5.31 -4.56
N ASP A 62 -8.67 4.04 -4.25
CA ASP A 62 -8.68 3.56 -2.88
C ASP A 62 -7.25 3.37 -2.36
N MET A 63 -6.34 3.03 -3.27
CA MET A 63 -4.95 2.82 -2.90
C MET A 63 -4.31 4.11 -2.40
N THR A 64 -4.34 5.14 -3.23
CA THR A 64 -3.77 6.43 -2.87
C THR A 64 -4.36 6.96 -1.57
N TYR A 65 -5.60 6.56 -1.30
CA TYR A 65 -6.28 6.99 -0.08
C TYR A 65 -5.75 6.24 1.14
N ALA A 66 -5.45 4.96 0.95
CA ALA A 66 -4.93 4.13 2.03
C ALA A 66 -3.61 4.68 2.55
N VAL A 67 -2.74 5.08 1.64
CA VAL A 67 -1.43 5.62 2.03
C VAL A 67 -1.58 6.98 2.69
N ARG A 68 -2.74 7.61 2.49
CA ARG A 68 -3.01 8.92 3.07
C ARG A 68 -3.61 8.79 4.46
N LYS A 69 -4.66 7.98 4.57
CA LYS A 69 -5.33 7.77 5.84
C LYS A 69 -4.82 6.50 6.53
N LEU A 70 -4.72 5.42 5.76
CA LEU A 70 -4.23 4.15 6.29
C LEU A 70 -2.73 4.05 6.18
N ASP A 71 -2.03 5.03 6.76
CA ASP A 71 -0.58 5.06 6.73
C ASP A 71 0.00 5.31 8.13
N ASN A 72 0.76 4.34 8.63
CA ASN A 72 1.36 4.46 9.95
C ASN A 72 0.29 4.48 11.04
N THR A 73 -0.69 3.59 10.91
CA THR A 73 -1.78 3.49 11.87
C THR A 73 -1.68 2.22 12.70
N LYS A 74 -2.34 2.21 13.84
CA LYS A 74 -2.32 1.05 14.73
C LYS A 74 -3.24 -0.04 14.21
N PHE A 75 -2.65 -1.10 13.66
CA PHE A 75 -3.42 -2.21 13.12
C PHE A 75 -3.69 -3.26 14.20
N ARG A 76 -4.88 -3.85 14.15
CA ARG A 76 -5.26 -4.86 15.13
C ARG A 76 -5.44 -6.23 14.45
N SER A 77 -4.88 -7.26 15.07
CA SER A 77 -4.98 -8.61 14.53
C SER A 77 -6.19 -9.34 15.10
N HIS A 78 -6.25 -10.65 14.86
CA HIS A 78 -7.35 -11.47 15.36
C HIS A 78 -7.26 -11.64 16.87
N GLU A 79 -6.07 -11.97 17.35
CA GLU A 79 -5.86 -12.17 18.78
C GLU A 79 -6.01 -10.85 19.54
N GLY A 80 -6.18 -9.76 18.80
CA GLY A 80 -6.32 -8.46 19.42
C GLY A 80 -5.06 -7.64 19.38
N GLU A 81 -3.92 -8.33 19.24
CA GLU A 81 -2.63 -7.65 19.19
C GLU A 81 -2.71 -6.38 18.34
N THR A 82 -2.02 -5.34 18.78
CA THR A 82 -2.01 -4.08 18.06
C THR A 82 -0.58 -3.64 17.73
N ALA A 83 -0.38 -3.20 16.49
CA ALA A 83 0.93 -2.75 16.04
C ALA A 83 0.82 -1.71 14.94
N TYR A 84 1.60 -0.65 15.03
CA TYR A 84 1.58 0.42 14.04
C TYR A 84 2.20 -0.06 12.73
N ILE A 85 1.39 -0.10 11.67
CA ILE A 85 1.86 -0.52 10.36
C ILE A 85 1.98 0.65 9.41
N ARG A 86 2.95 0.58 8.50
CA ARG A 86 3.17 1.64 7.53
C ARG A 86 2.81 1.17 6.12
N VAL A 87 2.08 2.02 5.39
CA VAL A 87 1.68 1.70 4.03
C VAL A 87 2.28 2.67 3.02
N LYS A 88 2.66 2.15 1.86
CA LYS A 88 3.25 2.98 0.82
C LYS A 88 2.98 2.37 -0.57
N VAL A 89 2.80 3.24 -1.56
CA VAL A 89 2.54 2.79 -2.92
C VAL A 89 3.77 2.12 -3.52
N ASP A 90 3.64 0.83 -3.82
CA ASP A 90 4.74 0.06 -4.40
C ASP A 90 5.44 0.86 -5.50
N GLY A 91 6.65 1.32 -5.20
CA GLY A 91 7.40 2.10 -6.18
C GLY A 91 8.89 2.06 -5.91
N PRO A 92 9.69 2.40 -6.94
CA PRO A 92 11.15 2.41 -6.83
C PRO A 92 11.66 3.54 -5.95
N ARG A 93 10.78 4.50 -5.65
CA ARG A 93 11.14 5.63 -4.80
C ARG A 93 12.02 6.61 -5.57
N SER A 94 11.40 7.64 -6.15
CA SER A 94 12.14 8.64 -6.91
C SER A 94 11.22 9.80 -7.31
N PRO A 95 10.20 9.50 -8.12
CA PRO A 95 9.24 10.49 -8.59
C PRO A 95 8.32 10.98 -7.48
N SER A 96 7.88 12.23 -7.59
CA SER A 96 7.01 12.83 -6.58
C SER A 96 6.54 14.21 -7.02
N TYR A 97 7.44 14.96 -7.63
CA TYR A 97 7.12 16.31 -8.10
C TYR A 97 8.15 16.79 -9.11
N GLY A 98 9.42 16.68 -8.76
CA GLY A 98 10.49 17.11 -9.65
C GLY A 98 10.32 16.57 -11.05
N ARG A 99 10.12 17.47 -12.01
CA ARG A 99 9.93 17.08 -13.40
C ARG A 99 10.38 18.19 -14.35
N SER A 100 11.22 17.84 -15.32
CA SER A 100 11.73 18.81 -16.29
C SER A 100 11.49 18.32 -17.72
N ARG A 101 10.93 19.20 -18.54
CA ARG A 101 10.64 18.86 -19.94
C ARG A 101 11.68 19.50 -20.86
N SER A 102 11.90 20.79 -20.69
CA SER A 102 12.85 21.53 -21.51
C SER A 102 12.47 21.46 -22.98
N SER A 103 12.87 22.48 -23.74
CA SER A 103 12.56 22.53 -25.17
C SER A 103 13.49 23.52 -25.88
N GLY A 104 13.59 23.37 -27.20
CA GLY A 104 14.44 24.25 -27.98
C GLY A 104 13.67 25.37 -28.64
N PRO A 105 14.31 26.53 -28.76
CA PRO A 105 13.69 27.72 -29.38
C PRO A 105 13.49 27.55 -30.88
N SER A 106 13.09 28.63 -31.55
CA SER A 106 12.87 28.61 -32.99
C SER A 106 13.09 29.98 -33.60
N SER A 107 12.29 30.95 -33.16
CA SER A 107 12.39 32.31 -33.67
C SER A 107 12.81 33.27 -32.56
N GLY A 108 12.22 33.12 -31.39
CA GLY A 108 12.55 33.97 -30.26
C GLY A 108 14.02 34.33 -30.21
N GLY A 1 17.90 8.87 5.69
CA GLY A 1 16.70 9.65 5.51
C GLY A 1 16.96 10.99 4.87
N SER A 2 15.90 11.77 4.67
CA SER A 2 16.03 13.08 4.06
C SER A 2 16.67 12.98 2.68
N SER A 3 15.84 12.96 1.64
CA SER A 3 16.32 12.87 0.27
C SER A 3 15.57 13.82 -0.64
N GLY A 4 16.00 15.08 -0.65
CA GLY A 4 15.35 16.07 -1.50
C GLY A 4 16.14 16.38 -2.74
N SER A 5 16.34 15.38 -3.59
CA SER A 5 17.10 15.55 -4.82
C SER A 5 17.01 14.31 -5.70
N SER A 6 15.91 14.21 -6.46
CA SER A 6 15.69 13.07 -7.34
C SER A 6 14.77 13.44 -8.50
N GLY A 7 15.20 13.14 -9.71
CA GLY A 7 14.40 13.45 -10.88
C GLY A 7 13.30 12.43 -11.12
N GLY A 8 12.64 12.54 -12.26
CA GLY A 8 11.56 11.63 -12.59
C GLY A 8 10.42 11.67 -11.59
N PRO A 9 9.29 11.05 -11.95
CA PRO A 9 8.11 11.02 -11.09
C PRO A 9 8.32 10.14 -9.86
N PRO A 10 7.63 10.50 -8.75
CA PRO A 10 7.73 9.76 -7.49
C PRO A 10 7.07 8.40 -7.57
N SER A 11 5.93 8.34 -8.27
CA SER A 11 5.19 7.09 -8.42
C SER A 11 4.33 7.12 -9.68
N ARG A 12 4.56 6.15 -10.56
CA ARG A 12 3.80 6.07 -11.81
C ARG A 12 3.75 4.64 -12.32
N ARG A 13 2.67 4.29 -13.01
CA ARG A 13 2.50 2.95 -13.55
C ARG A 13 2.56 1.91 -12.44
N SER A 14 1.43 1.22 -12.22
CA SER A 14 1.36 0.19 -11.18
C SER A 14 0.01 -0.51 -11.22
N GLU A 15 -0.08 -1.64 -10.53
CA GLU A 15 -1.31 -2.42 -10.48
C GLU A 15 -2.07 -2.16 -9.19
N ASN A 16 -1.88 -0.97 -8.63
CA ASN A 16 -2.54 -0.58 -7.40
C ASN A 16 -2.08 -1.47 -6.24
N ARG A 17 -0.78 -1.74 -6.18
CA ARG A 17 -0.21 -2.56 -5.13
C ARG A 17 0.59 -1.72 -4.14
N VAL A 18 0.37 -1.95 -2.85
CA VAL A 18 1.07 -1.21 -1.81
C VAL A 18 1.86 -2.16 -0.90
N VAL A 19 2.89 -1.63 -0.25
CA VAL A 19 3.72 -2.42 0.65
C VAL A 19 3.39 -2.10 2.11
N VAL A 20 3.46 -3.13 2.96
CA VAL A 20 3.18 -2.96 4.38
C VAL A 20 4.33 -3.47 5.23
N SER A 21 4.60 -2.77 6.33
CA SER A 21 5.68 -3.16 7.24
C SER A 21 5.32 -2.83 8.68
N GLY A 22 5.91 -3.57 9.61
CA GLY A 22 5.64 -3.35 11.02
C GLY A 22 4.56 -4.26 11.56
N LEU A 23 4.00 -5.09 10.68
CA LEU A 23 2.95 -6.02 11.08
C LEU A 23 3.39 -6.89 12.24
N PRO A 24 2.46 -7.21 13.15
CA PRO A 24 2.73 -8.05 14.31
C PRO A 24 3.00 -9.50 13.93
N PRO A 25 3.54 -10.27 14.89
CA PRO A 25 3.86 -11.69 14.68
C PRO A 25 2.60 -12.55 14.57
N SER A 26 1.45 -11.96 14.90
CA SER A 26 0.19 -12.67 14.84
C SER A 26 -0.73 -12.06 13.78
N GLY A 27 -0.16 -11.20 12.94
CA GLY A 27 -0.95 -10.56 11.91
C GLY A 27 -1.05 -11.40 10.65
N SER A 28 -2.27 -11.80 10.30
CA SER A 28 -2.49 -12.62 9.12
C SER A 28 -3.20 -11.82 8.02
N TRP A 29 -2.99 -12.23 6.78
CA TRP A 29 -3.61 -11.55 5.64
C TRP A 29 -5.11 -11.36 5.87
N GLN A 30 -5.78 -12.43 6.28
CA GLN A 30 -7.21 -12.37 6.53
C GLN A 30 -7.57 -11.20 7.44
N ASP A 31 -6.63 -10.82 8.30
CA ASP A 31 -6.83 -9.71 9.22
C ASP A 31 -6.40 -8.39 8.59
N LEU A 32 -5.22 -8.41 7.96
CA LEU A 32 -4.69 -7.21 7.32
C LEU A 32 -5.70 -6.61 6.35
N LYS A 33 -6.07 -7.39 5.34
CA LYS A 33 -7.03 -6.94 4.34
C LYS A 33 -8.23 -6.27 5.00
N ASP A 34 -8.71 -6.87 6.08
CA ASP A 34 -9.86 -6.34 6.82
C ASP A 34 -9.58 -4.90 7.27
N HIS A 35 -8.33 -4.61 7.58
CA HIS A 35 -7.94 -3.28 8.03
C HIS A 35 -7.72 -2.35 6.83
N MET A 36 -7.41 -2.93 5.68
CA MET A 36 -7.18 -2.16 4.47
C MET A 36 -8.49 -1.88 3.74
N ARG A 37 -9.54 -2.61 4.12
CA ARG A 37 -10.85 -2.45 3.50
C ARG A 37 -11.33 -1.00 3.64
N GLU A 38 -11.09 -0.41 4.80
CA GLU A 38 -11.51 0.96 5.06
C GLU A 38 -11.28 1.84 3.83
N ALA A 39 -10.19 1.57 3.11
CA ALA A 39 -9.86 2.33 1.92
C ALA A 39 -10.89 2.10 0.81
N GLY A 40 -11.32 0.85 0.66
CA GLY A 40 -12.30 0.52 -0.36
C GLY A 40 -12.46 -0.98 -0.54
N ASP A 41 -11.98 -1.49 -1.66
CA ASP A 41 -12.09 -2.92 -1.95
C ASP A 41 -10.70 -3.53 -2.19
N VAL A 42 -10.48 -4.72 -1.64
CA VAL A 42 -9.21 -5.40 -1.81
C VAL A 42 -9.30 -6.51 -2.85
N CYS A 43 -8.30 -6.59 -3.73
CA CYS A 43 -8.28 -7.60 -4.77
C CYS A 43 -7.24 -8.67 -4.45
N TYR A 44 -6.15 -8.27 -3.83
CA TYR A 44 -5.08 -9.20 -3.47
C TYR A 44 -4.56 -8.92 -2.07
N ALA A 45 -4.45 -9.99 -1.27
CA ALA A 45 -3.96 -9.86 0.10
C ALA A 45 -2.94 -10.96 0.42
N ASP A 46 -1.87 -10.56 1.09
CA ASP A 46 -0.82 -11.51 1.47
C ASP A 46 0.12 -10.91 2.52
N VAL A 47 0.57 -11.74 3.45
CA VAL A 47 1.47 -11.28 4.50
C VAL A 47 2.64 -12.25 4.68
N TYR A 48 3.79 -11.71 5.08
CA TYR A 48 4.98 -12.53 5.30
C TYR A 48 5.25 -12.72 6.79
N ARG A 49 6.04 -13.73 7.11
CA ARG A 49 6.38 -14.03 8.50
C ARG A 49 7.54 -13.15 8.98
N ASP A 50 7.54 -11.91 8.53
CA ASP A 50 8.59 -10.96 8.91
C ASP A 50 7.99 -9.61 9.31
N GLY A 51 6.71 -9.62 9.63
CA GLY A 51 6.03 -8.39 10.03
C GLY A 51 5.75 -7.48 8.85
N THR A 52 5.56 -8.08 7.67
CA THR A 52 5.29 -7.31 6.47
C THR A 52 4.14 -7.94 5.67
N GLY A 53 3.68 -7.22 4.64
CA GLY A 53 2.60 -7.73 3.82
C GLY A 53 2.34 -6.84 2.61
N VAL A 54 1.72 -7.42 1.58
CA VAL A 54 1.40 -6.68 0.36
C VAL A 54 -0.07 -6.78 0.02
N VAL A 55 -0.68 -5.64 -0.28
CA VAL A 55 -2.10 -5.60 -0.64
C VAL A 55 -2.32 -4.82 -1.92
N GLU A 56 -3.32 -5.23 -2.69
CA GLU A 56 -3.65 -4.56 -3.94
C GLU A 56 -5.14 -4.24 -4.02
N PHE A 57 -5.45 -2.95 -3.98
CA PHE A 57 -6.83 -2.49 -4.04
C PHE A 57 -7.33 -2.48 -5.48
N VAL A 58 -8.43 -3.20 -5.73
CA VAL A 58 -9.00 -3.27 -7.06
C VAL A 58 -9.18 -1.87 -7.66
N ARG A 59 -9.45 -0.89 -6.80
CA ARG A 59 -9.62 0.48 -7.24
C ARG A 59 -8.52 1.38 -6.69
N LYS A 60 -7.62 1.81 -7.58
CA LYS A 60 -6.52 2.68 -7.19
C LYS A 60 -6.96 3.68 -6.14
N GLU A 61 -8.12 4.31 -6.36
CA GLU A 61 -8.65 5.29 -5.45
C GLU A 61 -8.41 4.88 -4.00
N ASP A 62 -8.87 3.68 -3.65
CA ASP A 62 -8.70 3.16 -2.29
C ASP A 62 -7.22 3.09 -1.92
N MET A 63 -6.38 2.74 -2.89
CA MET A 63 -4.95 2.64 -2.66
C MET A 63 -4.36 3.99 -2.25
N THR A 64 -4.53 4.99 -3.12
CA THR A 64 -4.01 6.32 -2.84
C THR A 64 -4.59 6.87 -1.54
N TYR A 65 -5.71 6.31 -1.11
CA TYR A 65 -6.35 6.74 0.12
C TYR A 65 -5.79 6.00 1.33
N ALA A 66 -5.47 4.72 1.13
CA ALA A 66 -4.93 3.91 2.21
C ALA A 66 -3.56 4.43 2.66
N VAL A 67 -2.76 4.88 1.69
CA VAL A 67 -1.43 5.39 1.99
C VAL A 67 -1.52 6.76 2.67
N ARG A 68 -2.67 7.41 2.54
CA ARG A 68 -2.89 8.72 3.15
C ARG A 68 -3.45 8.58 4.56
N LYS A 69 -4.49 7.77 4.69
CA LYS A 69 -5.13 7.55 5.98
C LYS A 69 -4.60 6.29 6.65
N LEU A 70 -4.57 5.20 5.89
CA LEU A 70 -4.08 3.93 6.41
C LEU A 70 -2.57 3.81 6.23
N ASP A 71 -1.84 4.79 6.77
CA ASP A 71 -0.38 4.79 6.68
C ASP A 71 0.25 5.17 8.02
N ASN A 72 0.78 4.18 8.72
CA ASN A 72 1.41 4.40 10.01
C ASN A 72 0.36 4.46 11.13
N THR A 73 -0.64 3.58 11.03
CA THR A 73 -1.70 3.54 12.03
C THR A 73 -1.62 2.25 12.85
N LYS A 74 -2.24 2.28 14.03
CA LYS A 74 -2.24 1.11 14.91
C LYS A 74 -3.17 0.03 14.38
N PHE A 75 -2.59 -1.09 13.94
CA PHE A 75 -3.36 -2.19 13.41
C PHE A 75 -3.59 -3.25 14.49
N ARG A 76 -4.82 -3.76 14.55
CA ARG A 76 -5.17 -4.78 15.53
C ARG A 76 -5.51 -6.11 14.85
N SER A 77 -4.94 -7.19 15.36
CA SER A 77 -5.18 -8.51 14.79
C SER A 77 -6.29 -9.24 15.54
N HIS A 78 -6.71 -10.37 15.00
CA HIS A 78 -7.77 -11.16 15.63
C HIS A 78 -7.37 -11.58 17.04
N GLU A 79 -6.08 -11.75 17.25
CA GLU A 79 -5.57 -12.16 18.56
C GLU A 79 -5.75 -11.05 19.59
N GLY A 80 -5.89 -9.82 19.09
CA GLY A 80 -6.06 -8.68 19.98
C GLY A 80 -4.83 -7.80 20.06
N GLU A 81 -3.73 -8.29 19.50
CA GLU A 81 -2.48 -7.55 19.51
C GLU A 81 -2.57 -6.31 18.62
N THR A 82 -1.87 -5.25 19.01
CA THR A 82 -1.88 -4.00 18.26
C THR A 82 -0.46 -3.58 17.88
N ALA A 83 -0.30 -3.08 16.65
CA ALA A 83 1.00 -2.64 16.18
C ALA A 83 0.86 -1.63 15.04
N TYR A 84 1.62 -0.55 15.11
CA TYR A 84 1.58 0.48 14.09
C TYR A 84 2.18 -0.02 12.78
N ILE A 85 1.36 -0.11 11.75
CA ILE A 85 1.80 -0.58 10.45
C ILE A 85 1.90 0.58 9.45
N ARG A 86 2.79 0.44 8.48
CA ARG A 86 2.97 1.48 7.47
C ARG A 86 2.44 1.02 6.11
N VAL A 87 2.12 1.98 5.25
CA VAL A 87 1.59 1.68 3.92
C VAL A 87 2.12 2.65 2.88
N LYS A 88 2.60 2.13 1.76
CA LYS A 88 3.13 2.96 0.68
C LYS A 88 2.83 2.34 -0.68
N VAL A 89 2.68 3.19 -1.69
CA VAL A 89 2.40 2.72 -3.04
C VAL A 89 3.62 2.03 -3.64
N ASP A 90 3.47 0.75 -3.97
CA ASP A 90 4.56 -0.02 -4.56
C ASP A 90 5.12 0.69 -5.79
N GLY A 91 6.40 1.07 -5.72
CA GLY A 91 7.02 1.75 -6.84
C GLY A 91 7.91 0.82 -7.65
N PRO A 92 7.98 1.07 -8.97
CA PRO A 92 8.80 0.26 -9.88
C PRO A 92 10.29 0.47 -9.66
N ARG A 93 10.70 1.73 -9.62
CA ARG A 93 12.11 2.08 -9.42
C ARG A 93 12.93 1.72 -10.66
N SER A 94 13.20 2.73 -11.50
CA SER A 94 13.97 2.51 -12.71
C SER A 94 15.43 2.90 -12.49
N PRO A 95 16.34 2.15 -13.14
CA PRO A 95 17.79 2.38 -13.03
C PRO A 95 18.21 3.68 -13.72
N SER A 96 17.27 4.31 -14.41
CA SER A 96 17.55 5.56 -15.13
C SER A 96 18.24 6.56 -14.21
N TYR A 97 19.50 6.87 -14.51
CA TYR A 97 20.26 7.81 -13.71
C TYR A 97 19.83 9.24 -13.99
N GLY A 98 20.62 10.20 -13.51
CA GLY A 98 20.30 11.60 -13.72
C GLY A 98 21.54 12.45 -13.93
N ARG A 99 22.00 12.54 -15.17
CA ARG A 99 23.18 13.33 -15.49
C ARG A 99 22.82 14.80 -15.67
N SER A 100 23.49 15.66 -14.91
CA SER A 100 23.24 17.09 -14.98
C SER A 100 24.38 17.87 -14.32
N ARG A 101 24.48 19.15 -14.67
CA ARG A 101 25.53 20.01 -14.12
C ARG A 101 25.00 21.43 -13.89
N SER A 102 25.53 22.08 -12.87
CA SER A 102 25.12 23.44 -12.54
C SER A 102 26.24 24.21 -11.85
N SER A 103 26.27 25.52 -12.06
CA SER A 103 27.30 26.37 -11.46
C SER A 103 26.83 26.94 -10.13
N GLY A 104 27.77 27.49 -9.36
CA GLY A 104 27.43 28.06 -8.07
C GLY A 104 28.55 28.93 -7.52
N PRO A 105 28.60 30.19 -7.96
CA PRO A 105 29.61 31.15 -7.51
C PRO A 105 29.42 31.57 -6.06
N SER A 106 30.24 32.51 -5.60
CA SER A 106 30.16 32.99 -4.23
C SER A 106 29.21 34.17 -4.12
N SER A 107 29.76 35.38 -4.20
CA SER A 107 28.95 36.59 -4.11
C SER A 107 29.36 37.59 -5.19
N GLY A 108 28.70 38.74 -5.20
CA GLY A 108 29.00 39.77 -6.18
C GLY A 108 29.77 40.94 -5.59
N GLY A 1 27.56 -22.82 -14.52
CA GLY A 1 27.04 -21.56 -15.02
C GLY A 1 25.67 -21.70 -15.63
N SER A 2 24.68 -21.07 -15.01
CA SER A 2 23.31 -21.13 -15.50
C SER A 2 22.94 -19.87 -16.26
N SER A 3 21.84 -19.93 -17.02
CA SER A 3 21.39 -18.79 -17.80
C SER A 3 19.88 -18.63 -17.72
N GLY A 4 19.16 -19.75 -17.89
CA GLY A 4 17.72 -19.72 -17.82
C GLY A 4 17.07 -19.64 -19.18
N SER A 5 15.78 -19.37 -19.21
CA SER A 5 15.04 -19.28 -20.47
C SER A 5 13.86 -18.32 -20.34
N SER A 6 13.25 -17.97 -21.47
CA SER A 6 12.12 -17.07 -21.48
C SER A 6 10.81 -17.83 -21.66
N GLY A 7 10.16 -18.14 -20.53
CA GLY A 7 8.91 -18.88 -20.58
C GLY A 7 7.99 -18.53 -19.43
N GLY A 8 7.13 -17.54 -19.63
CA GLY A 8 6.20 -17.12 -18.59
C GLY A 8 5.68 -15.72 -18.80
N PRO A 9 4.61 -15.37 -18.08
CA PRO A 9 3.99 -14.05 -18.17
C PRO A 9 4.86 -12.95 -17.58
N PRO A 10 4.65 -11.70 -18.03
CA PRO A 10 5.41 -10.54 -17.55
C PRO A 10 5.06 -10.18 -16.11
N SER A 11 4.18 -10.97 -15.50
CA SER A 11 3.77 -10.73 -14.12
C SER A 11 4.92 -10.18 -13.29
N ARG A 12 4.68 -9.06 -12.62
CA ARG A 12 5.69 -8.43 -11.79
C ARG A 12 5.13 -7.22 -11.06
N ARG A 13 6.01 -6.38 -10.52
CA ARG A 13 5.60 -5.19 -9.78
C ARG A 13 4.32 -4.62 -10.38
N SER A 14 3.27 -4.57 -9.56
CA SER A 14 1.99 -4.04 -10.00
C SER A 14 2.00 -2.51 -10.03
N GLU A 15 0.83 -1.92 -10.28
CA GLU A 15 0.72 -0.47 -10.33
C GLU A 15 -0.19 0.04 -9.22
N ASN A 16 -1.06 -0.83 -8.73
CA ASN A 16 -1.99 -0.45 -7.67
C ASN A 16 -1.79 -1.35 -6.44
N ARG A 17 -0.54 -1.61 -6.11
CA ARG A 17 -0.21 -2.45 -4.96
C ARG A 17 0.54 -1.64 -3.89
N VAL A 18 0.12 -1.78 -2.64
CA VAL A 18 0.76 -1.08 -1.54
C VAL A 18 1.53 -2.04 -0.65
N VAL A 19 2.70 -1.61 -0.20
CA VAL A 19 3.54 -2.42 0.67
C VAL A 19 3.36 -2.05 2.14
N VAL A 20 3.23 -3.06 2.99
CA VAL A 20 3.05 -2.82 4.42
C VAL A 20 4.27 -3.31 5.21
N SER A 21 4.58 -2.62 6.30
CA SER A 21 5.71 -2.98 7.13
C SER A 21 5.41 -2.70 8.60
N GLY A 22 6.01 -3.49 9.48
CA GLY A 22 5.80 -3.32 10.91
C GLY A 22 4.60 -4.10 11.42
N LEU A 23 4.34 -5.25 10.80
CA LEU A 23 3.23 -6.10 11.19
C LEU A 23 3.63 -7.03 12.34
N PRO A 24 2.66 -7.32 13.22
CA PRO A 24 2.88 -8.21 14.37
C PRO A 24 3.09 -9.66 13.96
N PRO A 25 3.68 -10.45 14.86
CA PRO A 25 3.95 -11.87 14.61
C PRO A 25 2.67 -12.71 14.57
N SER A 26 1.56 -12.09 14.93
CA SER A 26 0.27 -12.78 14.94
C SER A 26 -0.66 -12.19 13.88
N GLY A 27 -0.23 -11.10 13.25
CA GLY A 27 -1.03 -10.46 12.23
C GLY A 27 -1.21 -11.33 11.01
N SER A 28 -2.46 -11.68 10.71
CA SER A 28 -2.75 -12.53 9.55
C SER A 28 -3.37 -11.70 8.43
N TRP A 29 -3.21 -12.18 7.19
CA TRP A 29 -3.75 -11.49 6.03
C TRP A 29 -5.23 -11.18 6.21
N GLN A 30 -5.98 -12.18 6.66
CA GLN A 30 -7.42 -12.02 6.89
C GLN A 30 -7.70 -10.78 7.73
N ASP A 31 -6.73 -10.39 8.55
CA ASP A 31 -6.88 -9.23 9.41
C ASP A 31 -6.46 -7.95 8.68
N LEU A 32 -5.23 -7.93 8.19
CA LEU A 32 -4.70 -6.79 7.46
C LEU A 32 -5.68 -6.34 6.38
N LYS A 33 -6.38 -7.28 5.77
CA LYS A 33 -7.34 -6.99 4.73
C LYS A 33 -8.45 -6.09 5.26
N ASP A 34 -8.97 -6.43 6.45
CA ASP A 34 -10.03 -5.65 7.06
C ASP A 34 -9.58 -4.22 7.31
N HIS A 35 -8.39 -4.07 7.88
CA HIS A 35 -7.84 -2.75 8.18
C HIS A 35 -7.53 -1.99 6.90
N MET A 36 -7.47 -2.71 5.78
CA MET A 36 -7.17 -2.11 4.49
C MET A 36 -8.47 -1.78 3.74
N ARG A 37 -9.56 -2.42 4.14
CA ARG A 37 -10.85 -2.20 3.51
C ARG A 37 -11.27 -0.73 3.62
N GLU A 38 -10.90 -0.11 4.73
CA GLU A 38 -11.24 1.30 4.96
C GLU A 38 -11.01 2.13 3.70
N ALA A 39 -10.07 1.69 2.86
CA ALA A 39 -9.76 2.39 1.63
C ALA A 39 -10.82 2.11 0.57
N GLY A 40 -11.30 0.87 0.52
CA GLY A 40 -12.32 0.49 -0.45
C GLY A 40 -12.50 -1.01 -0.54
N ASP A 41 -12.13 -1.57 -1.69
CA ASP A 41 -12.26 -3.01 -1.90
C ASP A 41 -10.89 -3.67 -2.05
N VAL A 42 -10.76 -4.89 -1.53
CA VAL A 42 -9.50 -5.62 -1.61
C VAL A 42 -9.49 -6.57 -2.80
N CYS A 43 -8.37 -6.62 -3.51
CA CYS A 43 -8.23 -7.48 -4.67
C CYS A 43 -7.24 -8.62 -4.39
N TYR A 44 -6.32 -8.36 -3.47
CA TYR A 44 -5.32 -9.36 -3.12
C TYR A 44 -4.71 -9.05 -1.75
N ALA A 45 -4.54 -10.08 -0.93
CA ALA A 45 -3.97 -9.93 0.40
C ALA A 45 -2.96 -11.03 0.70
N ASP A 46 -1.86 -10.67 1.35
CA ASP A 46 -0.83 -11.63 1.70
C ASP A 46 0.17 -11.02 2.68
N VAL A 47 0.46 -11.75 3.75
CA VAL A 47 1.40 -11.28 4.77
C VAL A 47 2.55 -12.26 4.94
N TYR A 48 3.76 -11.74 5.05
CA TYR A 48 4.94 -12.56 5.23
C TYR A 48 5.28 -12.73 6.70
N ARG A 49 6.06 -13.77 7.02
CA ARG A 49 6.45 -14.04 8.40
C ARG A 49 7.65 -13.19 8.80
N ASP A 50 7.60 -11.90 8.47
CA ASP A 50 8.69 -10.98 8.80
C ASP A 50 8.13 -9.61 9.16
N GLY A 51 6.84 -9.54 9.45
CA GLY A 51 6.22 -8.28 9.81
C GLY A 51 5.93 -7.42 8.59
N THR A 52 5.72 -8.06 7.45
CA THR A 52 5.43 -7.34 6.21
C THR A 52 4.22 -7.93 5.50
N GLY A 53 3.60 -7.14 4.64
CA GLY A 53 2.44 -7.60 3.90
C GLY A 53 2.10 -6.71 2.73
N VAL A 54 1.62 -7.32 1.65
CA VAL A 54 1.26 -6.58 0.44
C VAL A 54 -0.24 -6.69 0.16
N VAL A 55 -0.86 -5.57 -0.17
CA VAL A 55 -2.28 -5.54 -0.48
C VAL A 55 -2.55 -4.78 -1.77
N GLU A 56 -3.41 -5.35 -2.62
CA GLU A 56 -3.76 -4.72 -3.89
C GLU A 56 -5.22 -4.28 -3.90
N PHE A 57 -5.45 -2.99 -4.10
CA PHE A 57 -6.80 -2.44 -4.14
C PHE A 57 -7.33 -2.39 -5.57
N VAL A 58 -8.30 -3.25 -5.86
CA VAL A 58 -8.89 -3.29 -7.20
C VAL A 58 -8.99 -1.90 -7.81
N ARG A 59 -9.19 -0.91 -6.95
CA ARG A 59 -9.31 0.47 -7.40
C ARG A 59 -8.12 1.31 -6.94
N LYS A 60 -7.31 1.78 -7.90
CA LYS A 60 -6.15 2.58 -7.59
C LYS A 60 -6.51 3.75 -6.66
N GLU A 61 -7.75 4.22 -6.78
CA GLU A 61 -8.22 5.32 -5.97
C GLU A 61 -8.11 4.99 -4.48
N ASP A 62 -8.62 3.82 -4.10
CA ASP A 62 -8.58 3.38 -2.72
C ASP A 62 -7.14 3.19 -2.25
N MET A 63 -6.25 2.89 -3.18
CA MET A 63 -4.84 2.70 -2.87
C MET A 63 -4.21 4.00 -2.38
N THR A 64 -4.21 5.01 -3.23
CA THR A 64 -3.63 6.30 -2.88
C THR A 64 -4.27 6.87 -1.62
N TYR A 65 -5.44 6.36 -1.29
CA TYR A 65 -6.16 6.82 -0.09
C TYR A 65 -5.69 6.08 1.15
N ALA A 66 -5.52 4.77 1.01
CA ALA A 66 -5.07 3.93 2.13
C ALA A 66 -3.71 4.40 2.63
N VAL A 67 -2.85 4.83 1.70
CA VAL A 67 -1.51 5.30 2.06
C VAL A 67 -1.57 6.65 2.75
N ARG A 68 -2.71 7.32 2.64
CA ARG A 68 -2.90 8.63 3.24
C ARG A 68 -3.59 8.51 4.60
N LYS A 69 -4.74 7.86 4.61
CA LYS A 69 -5.49 7.66 5.85
C LYS A 69 -5.06 6.39 6.57
N LEU A 70 -4.92 5.31 5.81
CA LEU A 70 -4.51 4.03 6.37
C LEU A 70 -2.99 3.87 6.30
N ASP A 71 -2.27 4.90 6.73
CA ASP A 71 -0.81 4.87 6.71
C ASP A 71 -0.24 5.26 8.08
N ASN A 72 0.39 4.31 8.75
CA ASN A 72 0.98 4.55 10.06
C ASN A 72 -0.09 4.46 11.16
N THR A 73 -0.99 3.48 11.01
CA THR A 73 -2.05 3.28 11.98
C THR A 73 -1.84 2.01 12.78
N LYS A 74 -2.39 1.96 13.98
CA LYS A 74 -2.27 0.78 14.85
C LYS A 74 -3.16 -0.35 14.36
N PHE A 75 -2.53 -1.38 13.79
CA PHE A 75 -3.27 -2.53 13.30
C PHE A 75 -3.45 -3.59 14.38
N ARG A 76 -4.57 -4.30 14.34
CA ARG A 76 -4.86 -5.34 15.31
C ARG A 76 -5.03 -6.70 14.64
N SER A 77 -4.47 -7.74 15.26
CA SER A 77 -4.55 -9.08 14.72
C SER A 77 -5.82 -9.78 15.20
N HIS A 78 -6.01 -11.02 14.75
CA HIS A 78 -7.18 -11.81 15.14
C HIS A 78 -7.07 -12.26 16.60
N GLU A 79 -5.86 -12.20 17.14
CA GLU A 79 -5.62 -12.60 18.52
C GLU A 79 -5.79 -11.43 19.48
N GLY A 80 -5.81 -10.22 18.91
CA GLY A 80 -5.98 -9.03 19.72
C GLY A 80 -4.75 -8.16 19.73
N GLU A 81 -3.58 -8.78 19.57
CA GLU A 81 -2.32 -8.04 19.55
C GLU A 81 -2.37 -6.88 18.57
N THR A 82 -1.81 -5.74 18.98
CA THR A 82 -1.79 -4.55 18.14
C THR A 82 -0.36 -4.17 17.76
N ALA A 83 -0.24 -3.36 16.71
CA ALA A 83 1.07 -2.92 16.25
C ALA A 83 0.93 -1.86 15.16
N TYR A 84 1.75 -0.81 15.25
CA TYR A 84 1.72 0.27 14.27
C TYR A 84 2.28 -0.19 12.93
N ILE A 85 1.46 -0.09 11.89
CA ILE A 85 1.88 -0.49 10.55
C ILE A 85 1.91 0.71 9.60
N ARG A 86 2.75 0.62 8.58
CA ARG A 86 2.88 1.69 7.60
C ARG A 86 2.55 1.19 6.20
N VAL A 87 1.65 1.90 5.51
CA VAL A 87 1.26 1.52 4.16
C VAL A 87 1.77 2.52 3.14
N LYS A 88 2.22 2.02 1.99
CA LYS A 88 2.73 2.87 0.93
C LYS A 88 2.59 2.19 -0.43
N VAL A 89 2.65 2.98 -1.50
CA VAL A 89 2.54 2.46 -2.84
C VAL A 89 3.80 1.70 -3.25
N ASP A 90 3.65 0.39 -3.45
CA ASP A 90 4.77 -0.46 -3.84
C ASP A 90 5.58 0.20 -4.95
N GLY A 91 5.29 -0.16 -6.19
CA GLY A 91 6.01 0.40 -7.33
C GLY A 91 5.99 1.92 -7.32
N PRO A 92 7.14 2.52 -7.66
CA PRO A 92 7.28 3.98 -7.70
C PRO A 92 6.50 4.61 -8.86
N ARG A 93 5.93 5.79 -8.61
CA ARG A 93 5.16 6.48 -9.63
C ARG A 93 5.11 7.98 -9.34
N SER A 94 6.03 8.72 -9.96
CA SER A 94 6.11 10.17 -9.76
C SER A 94 5.68 10.91 -11.03
N PRO A 95 5.01 12.06 -10.85
CA PRO A 95 4.53 12.88 -11.96
C PRO A 95 5.67 13.55 -12.72
N SER A 96 5.94 13.06 -13.93
CA SER A 96 7.00 13.61 -14.75
C SER A 96 6.46 14.09 -16.10
N TYR A 97 5.79 15.24 -16.09
CA TYR A 97 5.21 15.79 -17.31
C TYR A 97 6.30 16.05 -18.35
N GLY A 98 5.88 16.40 -19.57
CA GLY A 98 6.82 16.67 -20.64
C GLY A 98 6.16 16.65 -22.00
N ARG A 99 5.33 17.64 -22.27
CA ARG A 99 4.63 17.73 -23.54
C ARG A 99 4.34 19.18 -23.90
N SER A 100 5.21 19.78 -24.70
CA SER A 100 5.04 21.17 -25.11
C SER A 100 4.95 21.28 -26.63
N ARG A 101 3.86 21.87 -27.12
CA ARG A 101 3.66 22.04 -28.55
C ARG A 101 2.36 22.78 -28.82
N SER A 102 2.45 23.90 -29.52
CA SER A 102 1.28 24.71 -29.85
C SER A 102 1.52 25.54 -31.10
N SER A 103 0.48 26.21 -31.58
CA SER A 103 0.58 27.04 -32.77
C SER A 103 -0.68 27.87 -32.96
N GLY A 104 -0.54 29.19 -32.92
CA GLY A 104 -1.67 30.07 -33.09
C GLY A 104 -1.34 31.30 -33.91
N PRO A 105 -1.33 31.15 -35.24
CA PRO A 105 -1.01 32.25 -36.16
C PRO A 105 -2.12 33.31 -36.19
N SER A 106 -1.71 34.57 -36.20
CA SER A 106 -2.66 35.68 -36.23
C SER A 106 -1.94 37.01 -36.39
N SER A 107 -2.47 37.87 -37.25
CA SER A 107 -1.88 39.17 -37.49
C SER A 107 -2.86 40.10 -38.20
N GLY A 108 -2.52 41.38 -38.28
CA GLY A 108 -3.39 42.35 -38.91
C GLY A 108 -3.02 43.78 -38.56
N GLY A 1 16.34 -18.45 -16.83
CA GLY A 1 15.12 -18.20 -17.56
C GLY A 1 14.89 -16.73 -17.83
N SER A 2 14.37 -16.42 -19.02
CA SER A 2 14.12 -15.03 -19.40
C SER A 2 13.42 -14.96 -20.75
N SER A 3 12.19 -14.47 -20.76
CA SER A 3 11.42 -14.35 -21.99
C SER A 3 10.23 -13.42 -21.80
N GLY A 4 9.51 -13.14 -22.89
CA GLY A 4 8.37 -12.26 -22.82
C GLY A 4 7.22 -12.74 -23.69
N SER A 5 6.00 -12.33 -23.34
CA SER A 5 4.82 -12.72 -24.09
C SER A 5 3.54 -12.28 -23.38
N SER A 6 2.68 -11.58 -24.11
CA SER A 6 1.43 -11.08 -23.55
C SER A 6 0.60 -10.38 -24.61
N GLY A 7 -0.68 -10.17 -24.31
CA GLY A 7 -1.56 -9.49 -25.25
C GLY A 7 -2.93 -10.15 -25.33
N GLY A 8 -3.95 -9.34 -25.59
CA GLY A 8 -5.30 -9.87 -25.69
C GLY A 8 -6.29 -9.08 -24.85
N PRO A 9 -6.52 -9.54 -23.61
CA PRO A 9 -7.45 -8.89 -22.68
C PRO A 9 -6.93 -7.54 -22.20
N PRO A 10 -7.86 -6.65 -21.81
CA PRO A 10 -7.51 -5.31 -21.32
C PRO A 10 -6.85 -5.34 -19.94
N SER A 11 -7.10 -6.42 -19.21
CA SER A 11 -6.52 -6.58 -17.87
C SER A 11 -5.01 -6.72 -17.95
N ARG A 12 -4.31 -6.00 -17.06
CA ARG A 12 -2.86 -6.05 -17.03
C ARG A 12 -2.34 -5.74 -15.63
N ARG A 13 -1.02 -5.54 -15.52
CA ARG A 13 -0.41 -5.22 -14.25
C ARG A 13 -1.35 -4.42 -13.36
N SER A 14 -1.71 -4.97 -12.21
CA SER A 14 -2.61 -4.29 -11.28
C SER A 14 -2.16 -2.87 -11.03
N GLU A 15 -0.87 -2.70 -10.74
CA GLU A 15 -0.31 -1.38 -10.47
C GLU A 15 -0.69 -0.91 -9.08
N ASN A 16 -1.97 -0.99 -8.75
CA ASN A 16 -2.46 -0.57 -7.45
C ASN A 16 -2.03 -1.54 -6.36
N ARG A 17 -0.72 -1.58 -6.11
CA ARG A 17 -0.17 -2.47 -5.08
C ARG A 17 0.66 -1.69 -4.07
N VAL A 18 0.29 -1.82 -2.79
CA VAL A 18 1.00 -1.12 -1.73
C VAL A 18 1.71 -2.10 -0.81
N VAL A 19 2.77 -1.63 -0.15
CA VAL A 19 3.53 -2.47 0.76
C VAL A 19 3.17 -2.17 2.22
N VAL A 20 3.32 -3.18 3.07
CA VAL A 20 3.01 -3.04 4.49
C VAL A 20 4.16 -3.51 5.36
N SER A 21 4.38 -2.84 6.49
CA SER A 21 5.46 -3.20 7.40
C SER A 21 5.01 -3.03 8.85
N GLY A 22 5.79 -3.59 9.76
CA GLY A 22 5.46 -3.50 11.17
C GLY A 22 4.27 -4.36 11.55
N LEU A 23 4.17 -5.53 10.95
CA LEU A 23 3.07 -6.44 11.22
C LEU A 23 3.42 -7.38 12.38
N PRO A 24 2.41 -7.70 13.21
CA PRO A 24 2.58 -8.58 14.36
C PRO A 24 2.83 -10.03 13.95
N PRO A 25 3.62 -10.75 14.77
CA PRO A 25 3.96 -12.15 14.52
C PRO A 25 2.76 -13.08 14.69
N SER A 26 1.61 -12.50 15.02
CA SER A 26 0.39 -13.27 15.22
C SER A 26 -0.66 -12.93 14.15
N GLY A 27 -0.68 -11.66 13.75
CA GLY A 27 -1.62 -11.21 12.74
C GLY A 27 -1.38 -11.86 11.39
N SER A 28 -2.44 -11.99 10.60
CA SER A 28 -2.32 -12.59 9.28
C SER A 28 -2.98 -11.71 8.22
N TRP A 29 -2.84 -12.11 6.96
CA TRP A 29 -3.41 -11.34 5.86
C TRP A 29 -4.90 -11.11 6.07
N GLN A 30 -5.62 -12.16 6.46
CA GLN A 30 -7.05 -12.07 6.69
C GLN A 30 -7.37 -10.88 7.59
N ASP A 31 -6.47 -10.56 8.51
CA ASP A 31 -6.67 -9.44 9.42
C ASP A 31 -6.21 -8.14 8.78
N LEU A 32 -5.13 -8.21 8.02
CA LEU A 32 -4.58 -7.03 7.35
C LEU A 32 -5.63 -6.39 6.44
N LYS A 33 -6.15 -7.17 5.51
CA LYS A 33 -7.17 -6.68 4.58
C LYS A 33 -8.28 -5.96 5.32
N ASP A 34 -8.85 -6.64 6.32
CA ASP A 34 -9.94 -6.06 7.12
C ASP A 34 -9.61 -4.61 7.50
N HIS A 35 -8.32 -4.33 7.68
CA HIS A 35 -7.89 -2.98 8.06
C HIS A 35 -7.83 -2.08 6.83
N MET A 36 -7.48 -2.65 5.69
CA MET A 36 -7.39 -1.89 4.45
C MET A 36 -8.77 -1.71 3.82
N ARG A 37 -9.73 -2.51 4.26
CA ARG A 37 -11.09 -2.43 3.74
C ARG A 37 -11.61 -1.01 3.79
N GLU A 38 -11.26 -0.28 4.84
CA GLU A 38 -11.69 1.10 5.00
C GLU A 38 -11.48 1.89 3.71
N ALA A 39 -10.37 1.61 3.03
CA ALA A 39 -10.04 2.29 1.78
C ALA A 39 -11.10 2.00 0.72
N GLY A 40 -11.55 0.76 0.65
CA GLY A 40 -12.55 0.38 -0.32
C GLY A 40 -12.69 -1.12 -0.45
N ASP A 41 -12.08 -1.68 -1.49
CA ASP A 41 -12.15 -3.12 -1.73
C ASP A 41 -10.76 -3.69 -2.05
N VAL A 42 -10.40 -4.77 -1.36
CA VAL A 42 -9.10 -5.40 -1.57
C VAL A 42 -9.18 -6.47 -2.64
N CYS A 43 -8.17 -6.52 -3.51
CA CYS A 43 -8.12 -7.50 -4.59
C CYS A 43 -7.09 -8.59 -4.28
N TYR A 44 -6.14 -8.27 -3.41
CA TYR A 44 -5.09 -9.22 -3.05
C TYR A 44 -4.54 -8.90 -1.66
N ALA A 45 -4.32 -9.94 -0.86
CA ALA A 45 -3.79 -9.78 0.49
C ALA A 45 -2.95 -10.99 0.89
N ASP A 46 -1.79 -10.73 1.47
CA ASP A 46 -0.90 -11.80 1.91
C ASP A 46 0.22 -11.24 2.79
N VAL A 47 0.53 -11.95 3.87
CA VAL A 47 1.58 -11.53 4.79
C VAL A 47 2.82 -12.40 4.64
N TYR A 48 3.93 -11.94 5.21
CA TYR A 48 5.19 -12.68 5.13
C TYR A 48 5.75 -12.92 6.54
N ARG A 49 6.61 -13.94 6.65
CA ARG A 49 7.21 -14.28 7.93
C ARG A 49 8.33 -13.30 8.28
N ASP A 50 7.95 -12.12 8.75
CA ASP A 50 8.92 -11.09 9.11
C ASP A 50 8.22 -9.85 9.66
N GLY A 51 6.98 -9.63 9.21
CA GLY A 51 6.23 -8.48 9.65
C GLY A 51 5.90 -7.52 8.52
N THR A 52 5.74 -8.07 7.32
CA THR A 52 5.42 -7.26 6.14
C THR A 52 4.32 -7.90 5.32
N GLY A 53 3.65 -7.09 4.51
CA GLY A 53 2.57 -7.60 3.68
C GLY A 53 2.34 -6.73 2.44
N VAL A 54 1.67 -7.30 1.45
CA VAL A 54 1.38 -6.58 0.22
C VAL A 54 -0.11 -6.64 -0.13
N VAL A 55 -0.72 -5.48 -0.30
CA VAL A 55 -2.13 -5.40 -0.63
C VAL A 55 -2.36 -4.70 -1.96
N GLU A 56 -3.27 -5.24 -2.76
CA GLU A 56 -3.57 -4.66 -4.07
C GLU A 56 -5.03 -4.19 -4.13
N PHE A 57 -5.21 -2.87 -4.17
CA PHE A 57 -6.56 -2.30 -4.23
C PHE A 57 -7.10 -2.35 -5.65
N VAL A 58 -8.28 -2.95 -5.81
CA VAL A 58 -8.90 -3.06 -7.11
C VAL A 58 -9.07 -1.69 -7.77
N ARG A 59 -9.35 -0.68 -6.95
CA ARG A 59 -9.53 0.67 -7.44
C ARG A 59 -8.40 1.58 -6.95
N LYS A 60 -7.58 2.04 -7.89
CA LYS A 60 -6.46 2.92 -7.56
C LYS A 60 -6.90 4.00 -6.56
N GLU A 61 -8.08 4.54 -6.77
CA GLU A 61 -8.61 5.58 -5.89
C GLU A 61 -8.55 5.14 -4.43
N ASP A 62 -8.84 3.87 -4.19
CA ASP A 62 -8.82 3.32 -2.85
C ASP A 62 -7.39 3.17 -2.34
N MET A 63 -6.44 3.04 -3.27
CA MET A 63 -5.04 2.89 -2.92
C MET A 63 -4.46 4.21 -2.42
N THR A 64 -4.46 5.22 -3.29
CA THR A 64 -3.93 6.53 -2.94
C THR A 64 -4.54 7.04 -1.64
N TYR A 65 -5.67 6.45 -1.25
CA TYR A 65 -6.34 6.85 -0.01
C TYR A 65 -5.80 6.06 1.17
N ALA A 66 -5.48 4.80 0.95
CA ALA A 66 -4.95 3.94 2.00
C ALA A 66 -3.57 4.41 2.45
N VAL A 67 -2.79 4.92 1.49
CA VAL A 67 -1.45 5.41 1.79
C VAL A 67 -1.49 6.74 2.54
N ARG A 68 -2.66 7.38 2.52
CA ARG A 68 -2.83 8.67 3.19
C ARG A 68 -3.44 8.47 4.57
N LYS A 69 -4.64 7.91 4.62
CA LYS A 69 -5.33 7.68 5.88
C LYS A 69 -4.82 6.41 6.55
N LEU A 70 -4.72 5.33 5.79
CA LEU A 70 -4.24 4.06 6.31
C LEU A 70 -2.73 3.94 6.14
N ASP A 71 -2.00 4.96 6.59
CA ASP A 71 -0.55 4.96 6.49
C ASP A 71 0.08 5.28 7.84
N ASN A 72 0.58 4.24 8.52
CA ASN A 72 1.21 4.40 9.82
C ASN A 72 0.16 4.45 10.93
N THR A 73 -0.84 3.57 10.83
CA THR A 73 -1.91 3.51 11.82
C THR A 73 -1.82 2.24 12.66
N LYS A 74 -2.47 2.24 13.80
CA LYS A 74 -2.47 1.09 14.69
C LYS A 74 -3.33 -0.04 14.12
N PHE A 75 -2.69 -1.15 13.79
CA PHE A 75 -3.40 -2.30 13.23
C PHE A 75 -3.55 -3.40 14.27
N ARG A 76 -4.78 -3.80 14.54
CA ARG A 76 -5.06 -4.84 15.52
C ARG A 76 -5.32 -6.18 14.83
N SER A 77 -4.78 -7.25 15.40
CA SER A 77 -4.95 -8.58 14.83
C SER A 77 -6.10 -9.32 15.51
N HIS A 78 -6.42 -10.51 15.01
CA HIS A 78 -7.50 -11.31 15.56
C HIS A 78 -7.23 -11.65 17.02
N GLU A 79 -5.97 -11.91 17.34
CA GLU A 79 -5.57 -12.25 18.70
C GLU A 79 -5.87 -11.11 19.66
N GLY A 80 -6.02 -9.90 19.11
CA GLY A 80 -6.31 -8.74 19.93
C GLY A 80 -5.12 -7.81 20.05
N GLU A 81 -3.93 -8.32 19.71
CA GLU A 81 -2.71 -7.52 19.79
C GLU A 81 -2.80 -6.31 18.87
N THR A 82 -2.01 -5.28 19.18
CA THR A 82 -2.00 -4.06 18.39
C THR A 82 -0.58 -3.71 17.94
N ALA A 83 -0.46 -3.25 16.70
CA ALA A 83 0.83 -2.89 16.14
C ALA A 83 0.68 -1.88 15.00
N TYR A 84 1.46 -0.81 15.06
CA TYR A 84 1.41 0.23 14.04
C TYR A 84 2.01 -0.27 12.72
N ILE A 85 1.26 -0.12 11.64
CA ILE A 85 1.73 -0.57 10.33
C ILE A 85 1.83 0.62 9.36
N ARG A 86 2.77 0.54 8.43
CA ARG A 86 2.97 1.59 7.45
C ARG A 86 2.53 1.13 6.06
N VAL A 87 1.85 2.02 5.34
CA VAL A 87 1.39 1.70 3.99
C VAL A 87 1.88 2.73 2.99
N LYS A 88 2.31 2.25 1.82
CA LYS A 88 2.81 3.12 0.76
C LYS A 88 2.63 2.47 -0.61
N VAL A 89 2.58 3.30 -1.64
CA VAL A 89 2.42 2.80 -3.01
C VAL A 89 3.68 2.11 -3.50
N ASP A 90 3.54 0.85 -3.91
CA ASP A 90 4.66 0.07 -4.40
C ASP A 90 5.41 0.83 -5.50
N GLY A 91 6.68 1.14 -5.23
CA GLY A 91 7.47 1.86 -6.21
C GLY A 91 8.09 3.11 -5.63
N PRO A 92 8.46 4.06 -6.52
CA PRO A 92 9.07 5.32 -6.11
C PRO A 92 8.09 6.24 -5.39
N ARG A 93 8.62 7.12 -4.54
CA ARG A 93 7.80 8.05 -3.80
C ARG A 93 8.34 9.47 -3.91
N SER A 94 7.74 10.26 -4.79
CA SER A 94 8.17 11.63 -5.00
C SER A 94 7.46 12.58 -4.03
N PRO A 95 8.13 13.69 -3.68
CA PRO A 95 7.58 14.69 -2.77
C PRO A 95 6.41 15.46 -3.38
N SER A 96 5.25 15.36 -2.76
CA SER A 96 4.06 16.06 -3.25
C SER A 96 4.33 17.55 -3.44
N TYR A 97 3.51 18.20 -4.25
CA TYR A 97 3.67 19.62 -4.52
C TYR A 97 2.46 20.41 -4.01
N GLY A 98 2.59 20.96 -2.81
CA GLY A 98 1.51 21.73 -2.22
C GLY A 98 1.95 23.11 -1.80
N ARG A 99 1.60 24.12 -2.60
CA ARG A 99 1.96 25.50 -2.31
C ARG A 99 1.03 26.47 -3.01
N SER A 100 -0.10 26.78 -2.38
CA SER A 100 -1.08 27.70 -2.94
C SER A 100 -0.69 29.15 -2.68
N ARG A 101 -0.50 29.49 -1.41
CA ARG A 101 -0.12 30.84 -1.03
C ARG A 101 -1.24 31.83 -1.35
N SER A 102 -2.09 32.09 -0.36
CA SER A 102 -3.20 33.02 -0.54
C SER A 102 -3.72 33.51 0.81
N SER A 103 -3.52 34.79 1.08
CA SER A 103 -3.97 35.38 2.34
C SER A 103 -4.48 36.80 2.11
N GLY A 104 -5.27 37.30 3.07
CA GLY A 104 -5.81 38.64 2.96
C GLY A 104 -6.74 38.98 4.11
N PRO A 105 -6.78 40.27 4.48
CA PRO A 105 -7.63 40.75 5.58
C PRO A 105 -9.11 40.71 5.21
N SER A 106 -9.96 41.06 6.18
CA SER A 106 -11.40 41.07 5.97
C SER A 106 -12.11 41.87 7.05
N SER A 107 -13.40 42.13 6.85
CA SER A 107 -14.19 42.89 7.79
C SER A 107 -15.35 42.05 8.35
N GLY A 108 -16.05 42.59 9.34
CA GLY A 108 -17.16 41.88 9.93
C GLY A 108 -18.47 42.64 9.80
N GLY A 1 21.19 19.14 -23.06
CA GLY A 1 19.97 18.84 -22.34
C GLY A 1 19.37 20.08 -21.69
N SER A 2 18.05 20.07 -21.52
CA SER A 2 17.35 21.19 -20.91
C SER A 2 16.36 20.72 -19.85
N SER A 3 16.00 21.61 -18.95
CA SER A 3 15.06 21.28 -17.87
C SER A 3 13.62 21.42 -18.34
N GLY A 4 12.74 20.59 -17.80
CA GLY A 4 11.34 20.63 -18.17
C GLY A 4 10.44 20.94 -17.00
N SER A 5 9.13 20.81 -17.21
CA SER A 5 8.16 21.08 -16.16
C SER A 5 7.95 19.86 -15.28
N SER A 6 7.98 18.69 -15.90
CA SER A 6 7.78 17.42 -15.17
C SER A 6 6.53 17.49 -14.30
N GLY A 7 5.43 16.98 -14.81
CA GLY A 7 4.18 16.98 -14.07
C GLY A 7 3.54 15.61 -14.00
N GLY A 8 3.60 14.99 -12.83
CA GLY A 8 3.00 13.67 -12.66
C GLY A 8 4.04 12.61 -12.34
N PRO A 9 3.64 11.34 -12.44
CA PRO A 9 4.52 10.20 -12.17
C PRO A 9 5.61 10.04 -13.22
N PRO A 10 6.73 9.41 -12.83
CA PRO A 10 7.87 9.18 -13.74
C PRO A 10 7.55 8.17 -14.82
N SER A 11 6.83 7.11 -14.45
CA SER A 11 6.46 6.06 -15.39
C SER A 11 5.61 4.99 -14.70
N ARG A 12 4.99 4.14 -15.51
CA ARG A 12 4.14 3.07 -14.99
C ARG A 12 2.95 3.65 -14.22
N ARG A 13 1.85 2.92 -14.24
CA ARG A 13 0.64 3.35 -13.55
C ARG A 13 0.41 2.53 -12.28
N SER A 14 1.31 1.59 -12.02
CA SER A 14 1.20 0.73 -10.84
C SER A 14 -0.06 -0.13 -10.90
N GLU A 15 0.03 -1.34 -10.36
CA GLU A 15 -1.10 -2.25 -10.37
C GLU A 15 -1.99 -2.01 -9.15
N ASN A 16 -1.79 -0.88 -8.48
CA ASN A 16 -2.56 -0.54 -7.30
C ASN A 16 -2.17 -1.41 -6.11
N ARG A 17 -0.89 -1.74 -6.03
CA ARG A 17 -0.38 -2.57 -4.94
C ARG A 17 0.43 -1.73 -3.95
N VAL A 18 0.15 -1.90 -2.67
CA VAL A 18 0.86 -1.17 -1.62
C VAL A 18 1.62 -2.11 -0.70
N VAL A 19 2.75 -1.63 -0.18
CA VAL A 19 3.57 -2.44 0.71
C VAL A 19 3.25 -2.13 2.17
N VAL A 20 3.27 -3.16 3.00
CA VAL A 20 2.99 -3.00 4.43
C VAL A 20 4.15 -3.51 5.28
N SER A 21 4.45 -2.78 6.35
CA SER A 21 5.54 -3.15 7.24
C SER A 21 5.16 -2.88 8.70
N GLY A 22 5.84 -3.58 9.61
CA GLY A 22 5.56 -3.41 11.02
C GLY A 22 4.38 -4.25 11.49
N LEU A 23 4.11 -5.33 10.77
CA LEU A 23 3.00 -6.22 11.10
C LEU A 23 3.35 -7.06 12.33
N PRO A 24 2.33 -7.33 13.17
CA PRO A 24 2.51 -8.13 14.38
C PRO A 24 2.76 -9.60 14.08
N PRO A 25 3.30 -10.33 15.07
CA PRO A 25 3.59 -11.76 14.93
C PRO A 25 2.34 -12.61 14.84
N SER A 26 1.17 -11.97 14.97
CA SER A 26 -0.10 -12.67 14.91
C SER A 26 -1.01 -12.05 13.86
N GLY A 27 -0.41 -11.30 12.93
CA GLY A 27 -1.18 -10.65 11.89
C GLY A 27 -1.21 -11.48 10.61
N SER A 28 -2.41 -11.90 10.20
CA SER A 28 -2.57 -12.70 9.01
C SER A 28 -3.26 -11.90 7.91
N TRP A 29 -3.02 -12.29 6.65
CA TRP A 29 -3.62 -11.61 5.52
C TRP A 29 -5.10 -11.33 5.76
N GLN A 30 -5.82 -12.35 6.21
CA GLN A 30 -7.25 -12.21 6.49
C GLN A 30 -7.51 -11.01 7.39
N ASP A 31 -6.64 -10.81 8.38
CA ASP A 31 -6.79 -9.70 9.32
C ASP A 31 -6.32 -8.40 8.68
N LEU A 32 -5.15 -8.44 8.03
CA LEU A 32 -4.61 -7.25 7.38
C LEU A 32 -5.62 -6.64 6.43
N LYS A 33 -6.02 -7.40 5.41
CA LYS A 33 -6.98 -6.93 4.43
C LYS A 33 -8.15 -6.23 5.12
N ASP A 34 -8.63 -6.81 6.21
CA ASP A 34 -9.75 -6.25 6.96
C ASP A 34 -9.43 -4.83 7.40
N HIS A 35 -8.18 -4.58 7.75
CA HIS A 35 -7.75 -3.25 8.19
C HIS A 35 -7.51 -2.33 7.00
N MET A 36 -7.30 -2.93 5.83
CA MET A 36 -7.07 -2.16 4.62
C MET A 36 -8.36 -1.91 3.86
N ARG A 37 -9.42 -2.62 4.27
CA ARG A 37 -10.72 -2.48 3.62
C ARG A 37 -11.22 -1.05 3.70
N GLU A 38 -10.96 -0.40 4.84
CA GLU A 38 -11.39 0.98 5.05
C GLU A 38 -11.19 1.80 3.78
N ALA A 39 -10.09 1.55 3.08
CA ALA A 39 -9.77 2.27 1.86
C ALA A 39 -10.83 2.02 0.78
N GLY A 40 -11.28 0.77 0.68
CA GLY A 40 -12.28 0.42 -0.30
C GLY A 40 -12.44 -1.07 -0.46
N ASP A 41 -12.04 -1.59 -1.62
CA ASP A 41 -12.13 -3.01 -1.90
C ASP A 41 -10.75 -3.62 -2.13
N VAL A 42 -10.54 -4.84 -1.62
CA VAL A 42 -9.27 -5.53 -1.77
C VAL A 42 -9.34 -6.56 -2.88
N CYS A 43 -8.28 -6.65 -3.67
CA CYS A 43 -8.22 -7.61 -4.76
C CYS A 43 -7.14 -8.65 -4.51
N TYR A 44 -6.15 -8.30 -3.70
CA TYR A 44 -5.06 -9.21 -3.37
C TYR A 44 -4.55 -8.98 -1.95
N ALA A 45 -4.33 -10.06 -1.23
CA ALA A 45 -3.84 -9.98 0.14
C ALA A 45 -2.85 -11.09 0.45
N ASP A 46 -1.76 -10.74 1.11
CA ASP A 46 -0.72 -11.72 1.46
C ASP A 46 0.26 -11.13 2.48
N VAL A 47 0.62 -11.93 3.47
CA VAL A 47 1.55 -11.50 4.50
C VAL A 47 2.72 -12.47 4.63
N TYR A 48 3.88 -11.93 5.02
CA TYR A 48 5.08 -12.76 5.18
C TYR A 48 5.43 -12.91 6.66
N ARG A 49 6.22 -13.94 6.96
CA ARG A 49 6.63 -14.20 8.33
C ARG A 49 7.81 -13.30 8.73
N ASP A 50 7.73 -12.03 8.35
CA ASP A 50 8.78 -11.07 8.66
C ASP A 50 8.18 -9.73 9.09
N GLY A 51 6.90 -9.74 9.45
CA GLY A 51 6.24 -8.52 9.87
C GLY A 51 5.93 -7.61 8.71
N THR A 52 5.77 -8.18 7.52
CA THR A 52 5.47 -7.40 6.33
C THR A 52 4.33 -8.03 5.54
N GLY A 53 3.75 -7.24 4.63
CA GLY A 53 2.66 -7.74 3.82
C GLY A 53 2.43 -6.90 2.58
N VAL A 54 1.58 -7.39 1.68
CA VAL A 54 1.28 -6.67 0.45
C VAL A 54 -0.20 -6.78 0.10
N VAL A 55 -0.81 -5.66 -0.25
CA VAL A 55 -2.23 -5.63 -0.61
C VAL A 55 -2.46 -4.82 -1.87
N GLU A 56 -3.35 -5.31 -2.73
CA GLU A 56 -3.65 -4.62 -3.99
C GLU A 56 -5.13 -4.22 -4.04
N PHE A 57 -5.38 -2.91 -4.02
CA PHE A 57 -6.74 -2.40 -4.07
C PHE A 57 -7.27 -2.38 -5.49
N VAL A 58 -8.35 -3.12 -5.74
CA VAL A 58 -8.94 -3.19 -7.06
C VAL A 58 -9.10 -1.80 -7.67
N ARG A 59 -9.38 -0.82 -6.83
CA ARG A 59 -9.53 0.56 -7.28
C ARG A 59 -8.41 1.44 -6.75
N LYS A 60 -7.54 1.89 -7.67
CA LYS A 60 -6.42 2.75 -7.30
C LYS A 60 -6.85 3.80 -6.29
N GLU A 61 -8.08 4.28 -6.42
CA GLU A 61 -8.60 5.30 -5.53
C GLU A 61 -8.44 4.87 -4.07
N ASP A 62 -8.86 3.65 -3.77
CA ASP A 62 -8.77 3.11 -2.42
C ASP A 62 -7.31 3.01 -1.98
N MET A 63 -6.42 2.81 -2.94
CA MET A 63 -4.99 2.69 -2.66
C MET A 63 -4.41 4.04 -2.25
N THR A 64 -4.45 5.00 -3.15
CA THR A 64 -3.92 6.33 -2.89
C THR A 64 -4.51 6.91 -1.61
N TYR A 65 -5.64 6.36 -1.17
CA TYR A 65 -6.30 6.81 0.04
C TYR A 65 -5.73 6.12 1.27
N ALA A 66 -5.48 4.82 1.15
CA ALA A 66 -4.93 4.04 2.24
C ALA A 66 -3.57 4.59 2.69
N VAL A 67 -2.77 4.99 1.71
CA VAL A 67 -1.45 5.54 1.98
C VAL A 67 -1.53 6.91 2.65
N ARG A 68 -2.72 7.52 2.57
CA ARG A 68 -2.94 8.84 3.14
C ARG A 68 -3.55 8.71 4.54
N LYS A 69 -4.66 8.00 4.64
CA LYS A 69 -5.35 7.81 5.91
C LYS A 69 -4.84 6.55 6.61
N LEU A 70 -4.74 5.46 5.87
CA LEU A 70 -4.27 4.20 6.43
C LEU A 70 -2.75 4.09 6.32
N ASP A 71 -2.06 5.14 6.75
CA ASP A 71 -0.60 5.16 6.71
C ASP A 71 -0.02 5.49 8.08
N ASN A 72 0.68 4.51 8.67
CA ASN A 72 1.28 4.68 9.97
C ASN A 72 0.22 4.68 11.07
N THR A 73 -0.73 3.75 10.97
CA THR A 73 -1.80 3.65 11.95
C THR A 73 -1.65 2.40 12.80
N LYS A 74 -2.39 2.34 13.90
CA LYS A 74 -2.34 1.19 14.80
C LYS A 74 -3.22 0.05 14.27
N PHE A 75 -2.58 -1.06 13.91
CA PHE A 75 -3.30 -2.22 13.39
C PHE A 75 -3.51 -3.25 14.49
N ARG A 76 -4.71 -3.83 14.53
CA ARG A 76 -5.05 -4.84 15.53
C ARG A 76 -5.36 -6.17 14.87
N SER A 77 -4.73 -7.24 15.38
CA SER A 77 -4.94 -8.57 14.84
C SER A 77 -6.10 -9.27 15.55
N HIS A 78 -6.55 -10.38 14.98
CA HIS A 78 -7.65 -11.15 15.55
C HIS A 78 -7.31 -11.61 16.97
N GLU A 79 -6.01 -11.68 17.27
CA GLU A 79 -5.56 -12.10 18.59
C GLU A 79 -5.73 -10.98 19.60
N GLY A 80 -5.92 -9.76 19.11
CA GLY A 80 -6.09 -8.62 20.00
C GLY A 80 -4.85 -7.73 20.05
N GLU A 81 -3.71 -8.30 19.69
CA GLU A 81 -2.46 -7.55 19.69
C GLU A 81 -2.52 -6.37 18.73
N THR A 82 -1.80 -5.30 19.07
CA THR A 82 -1.78 -4.10 18.24
C THR A 82 -0.36 -3.76 17.80
N ALA A 83 -0.24 -3.11 16.65
CA ALA A 83 1.06 -2.73 16.13
C ALA A 83 0.92 -1.72 14.98
N TYR A 84 1.69 -0.65 15.05
CA TYR A 84 1.64 0.39 14.02
C TYR A 84 2.24 -0.11 12.71
N ILE A 85 1.45 -0.03 11.64
CA ILE A 85 1.90 -0.49 10.33
C ILE A 85 2.03 0.69 9.36
N ARG A 86 2.92 0.54 8.38
CA ARG A 86 3.13 1.59 7.39
C ARG A 86 2.67 1.13 6.00
N VAL A 87 1.93 1.99 5.32
CA VAL A 87 1.42 1.68 3.99
C VAL A 87 1.97 2.66 2.95
N LYS A 88 2.42 2.13 1.82
CA LYS A 88 2.97 2.95 0.74
C LYS A 88 2.72 2.31 -0.62
N VAL A 89 2.46 3.14 -1.61
CA VAL A 89 2.21 2.65 -2.96
C VAL A 89 3.45 2.01 -3.57
N ASP A 90 3.35 0.72 -3.91
CA ASP A 90 4.47 0.00 -4.49
C ASP A 90 5.10 0.79 -5.63
N GLY A 91 6.43 0.83 -5.66
CA GLY A 91 7.13 1.55 -6.70
C GLY A 91 7.75 0.63 -7.73
N PRO A 92 7.93 1.14 -8.96
CA PRO A 92 8.51 0.38 -10.06
C PRO A 92 10.00 0.10 -9.85
N ARG A 93 10.52 0.54 -8.71
CA ARG A 93 11.93 0.34 -8.39
C ARG A 93 12.79 1.42 -9.05
N SER A 94 13.41 2.26 -8.23
CA SER A 94 14.27 3.33 -8.74
C SER A 94 15.10 2.85 -9.92
N PRO A 95 15.38 3.76 -10.85
CA PRO A 95 16.18 3.45 -12.05
C PRO A 95 17.64 3.20 -11.72
N SER A 96 18.49 3.24 -12.75
CA SER A 96 19.92 3.01 -12.56
C SER A 96 20.64 2.98 -13.90
N TYR A 97 20.94 4.16 -14.44
CA TYR A 97 21.62 4.26 -15.72
C TYR A 97 23.11 3.90 -15.58
N GLY A 98 23.54 2.91 -16.35
CA GLY A 98 24.92 2.49 -16.29
C GLY A 98 25.57 2.46 -17.67
N ARG A 99 26.72 3.12 -17.78
CA ARG A 99 27.43 3.18 -19.05
C ARG A 99 26.62 3.91 -20.11
N SER A 100 27.21 4.94 -20.70
CA SER A 100 26.53 5.72 -21.73
C SER A 100 27.46 5.98 -22.92
N ARG A 101 27.23 5.26 -24.01
CA ARG A 101 28.04 5.41 -25.21
C ARG A 101 27.27 6.16 -26.30
N SER A 102 27.48 7.47 -26.36
CA SER A 102 26.79 8.31 -27.35
C SER A 102 27.63 8.43 -28.62
N SER A 103 27.43 7.50 -29.54
CA SER A 103 28.17 7.50 -30.80
C SER A 103 27.73 8.65 -31.69
N GLY A 104 28.66 9.17 -32.48
CA GLY A 104 28.35 10.28 -33.37
C GLY A 104 28.00 9.82 -34.77
N PRO A 105 27.13 10.58 -35.45
CA PRO A 105 26.70 10.27 -36.81
C PRO A 105 27.81 10.45 -37.84
N SER A 106 28.94 11.00 -37.39
CA SER A 106 30.08 11.25 -38.27
C SER A 106 30.58 9.94 -38.86
N SER A 107 30.25 9.71 -40.13
CA SER A 107 30.67 8.49 -40.82
C SER A 107 30.17 8.49 -42.26
N GLY A 108 31.08 8.21 -43.20
CA GLY A 108 30.70 8.18 -44.61
C GLY A 108 31.88 7.89 -45.51
N GLY A 1 4.79 9.41 -26.91
CA GLY A 1 3.68 9.38 -25.98
C GLY A 1 3.48 8.01 -25.36
N SER A 2 2.49 7.90 -24.49
CA SER A 2 2.20 6.62 -23.82
C SER A 2 1.34 5.73 -24.71
N SER A 3 1.20 4.47 -24.29
CA SER A 3 0.41 3.50 -25.06
C SER A 3 0.36 2.16 -24.34
N GLY A 4 -0.81 1.82 -23.81
CA GLY A 4 -0.97 0.56 -23.11
C GLY A 4 -1.77 0.71 -21.83
N SER A 5 -2.94 0.08 -21.78
CA SER A 5 -3.80 0.15 -20.61
C SER A 5 -4.22 -1.25 -20.16
N SER A 6 -4.87 -1.32 -19.00
CA SER A 6 -5.33 -2.59 -18.45
C SER A 6 -4.14 -3.51 -18.15
N GLY A 7 -4.10 -4.02 -16.92
CA GLY A 7 -3.02 -4.90 -16.52
C GLY A 7 -3.01 -6.20 -17.31
N GLY A 8 -3.58 -7.25 -16.70
CA GLY A 8 -3.63 -8.53 -17.37
C GLY A 8 -3.22 -9.67 -16.45
N PRO A 9 -1.93 -10.05 -16.51
CA PRO A 9 -1.38 -11.13 -15.68
C PRO A 9 -1.31 -10.75 -14.21
N PRO A 10 -1.46 -11.76 -13.32
CA PRO A 10 -1.41 -11.55 -11.87
C PRO A 10 -0.02 -11.20 -11.39
N SER A 11 0.98 -11.46 -12.22
CA SER A 11 2.37 -11.17 -11.88
C SER A 11 2.66 -9.68 -11.98
N ARG A 12 3.85 -9.28 -11.54
CA ARG A 12 4.25 -7.88 -11.59
C ARG A 12 3.55 -7.08 -10.50
N ARG A 13 3.96 -5.83 -10.33
CA ARG A 13 3.38 -4.95 -9.32
C ARG A 13 1.97 -4.50 -9.74
N SER A 14 1.53 -4.97 -10.90
CA SER A 14 0.22 -4.61 -11.42
C SER A 14 0.12 -3.10 -11.65
N GLU A 15 -0.27 -2.38 -10.61
CA GLU A 15 -0.40 -0.92 -10.70
C GLU A 15 -0.97 -0.35 -9.40
N ASN A 16 -1.86 -1.11 -8.76
CA ASN A 16 -2.46 -0.67 -7.52
C ASN A 16 -2.06 -1.59 -6.36
N ARG A 17 -0.75 -1.74 -6.17
CA ARG A 17 -0.23 -2.59 -5.10
C ARG A 17 0.55 -1.76 -4.09
N VAL A 18 0.26 -1.96 -2.81
CA VAL A 18 0.92 -1.24 -1.74
C VAL A 18 1.68 -2.20 -0.82
N VAL A 19 2.77 -1.71 -0.24
CA VAL A 19 3.58 -2.52 0.67
C VAL A 19 3.25 -2.20 2.13
N VAL A 20 3.34 -3.21 2.98
CA VAL A 20 3.06 -3.04 4.40
C VAL A 20 4.18 -3.61 5.26
N SER A 21 4.59 -2.85 6.27
CA SER A 21 5.66 -3.27 7.16
C SER A 21 5.33 -2.93 8.61
N GLY A 22 5.90 -3.69 9.54
CA GLY A 22 5.65 -3.45 10.95
C GLY A 22 4.57 -4.36 11.51
N LEU A 23 3.94 -5.13 10.64
CA LEU A 23 2.89 -6.05 11.05
C LEU A 23 3.34 -6.91 12.22
N PRO A 24 2.40 -7.21 13.13
CA PRO A 24 2.69 -8.03 14.31
C PRO A 24 2.95 -9.49 13.95
N PRO A 25 3.57 -10.24 14.89
CA PRO A 25 3.89 -11.65 14.70
C PRO A 25 2.63 -12.53 14.69
N SER A 26 1.49 -11.92 15.00
CA SER A 26 0.22 -12.65 15.03
C SER A 26 -0.74 -12.09 13.99
N GLY A 27 -0.30 -11.08 13.25
CA GLY A 27 -1.14 -10.48 12.24
C GLY A 27 -1.18 -11.30 10.96
N SER A 28 -2.39 -11.67 10.53
CA SER A 28 -2.56 -12.46 9.32
C SER A 28 -3.23 -11.64 8.22
N TRP A 29 -2.96 -12.00 6.98
CA TRP A 29 -3.54 -11.29 5.83
C TRP A 29 -5.04 -11.10 6.02
N GLN A 30 -5.72 -12.16 6.44
CA GLN A 30 -7.15 -12.11 6.65
C GLN A 30 -7.54 -10.91 7.52
N ASP A 31 -6.63 -10.51 8.40
CA ASP A 31 -6.87 -9.37 9.28
C ASP A 31 -6.41 -8.08 8.63
N LEU A 32 -5.21 -8.10 8.05
CA LEU A 32 -4.66 -6.93 7.40
C LEU A 32 -5.62 -6.39 6.33
N LYS A 33 -6.27 -7.30 5.62
CA LYS A 33 -7.22 -6.92 4.58
C LYS A 33 -8.30 -6.01 5.13
N ASP A 34 -8.94 -6.43 6.22
CA ASP A 34 -9.99 -5.64 6.85
C ASP A 34 -9.52 -4.21 7.10
N HIS A 35 -8.33 -4.08 7.68
CA HIS A 35 -7.78 -2.76 7.98
C HIS A 35 -7.52 -1.98 6.69
N MET A 36 -7.38 -2.71 5.58
CA MET A 36 -7.13 -2.08 4.29
C MET A 36 -8.43 -1.75 3.58
N ARG A 37 -9.48 -2.50 3.90
CA ARG A 37 -10.80 -2.29 3.30
C ARG A 37 -11.24 -0.84 3.47
N GLU A 38 -10.95 -0.27 4.64
CA GLU A 38 -11.33 1.11 4.93
C GLU A 38 -11.13 2.00 3.70
N ALA A 39 -10.15 1.64 2.87
CA ALA A 39 -9.85 2.41 1.67
C ALA A 39 -10.91 2.15 0.59
N GLY A 40 -11.32 0.90 0.44
CA GLY A 40 -12.31 0.55 -0.55
C GLY A 40 -12.51 -0.95 -0.68
N ASP A 41 -12.03 -1.51 -1.79
CA ASP A 41 -12.16 -2.94 -2.02
C ASP A 41 -10.79 -3.58 -2.22
N VAL A 42 -10.62 -4.78 -1.67
CA VAL A 42 -9.36 -5.50 -1.79
C VAL A 42 -9.43 -6.58 -2.86
N CYS A 43 -8.39 -6.70 -3.66
CA CYS A 43 -8.34 -7.69 -4.73
C CYS A 43 -7.33 -8.78 -4.41
N TYR A 44 -6.38 -8.47 -3.53
CA TYR A 44 -5.35 -9.43 -3.14
C TYR A 44 -4.78 -9.08 -1.76
N ALA A 45 -4.53 -10.11 -0.96
CA ALA A 45 -3.99 -9.92 0.38
C ALA A 45 -3.04 -11.05 0.75
N ASP A 46 -1.91 -10.70 1.36
CA ASP A 46 -0.92 -11.69 1.75
C ASP A 46 0.13 -11.06 2.66
N VAL A 47 0.52 -11.80 3.71
CA VAL A 47 1.52 -11.31 4.66
C VAL A 47 2.65 -12.31 4.82
N TYR A 48 3.87 -11.81 4.96
CA TYR A 48 5.04 -12.67 5.13
C TYR A 48 5.37 -12.85 6.61
N ARG A 49 6.14 -13.89 6.91
CA ARG A 49 6.54 -14.18 8.28
C ARG A 49 7.70 -13.28 8.71
N ASP A 50 7.58 -12.00 8.41
CA ASP A 50 8.62 -11.03 8.76
C ASP A 50 8.00 -9.70 9.16
N GLY A 51 6.72 -9.72 9.48
CA GLY A 51 6.03 -8.49 9.87
C GLY A 51 5.73 -7.60 8.69
N THR A 52 5.68 -8.18 7.50
CA THR A 52 5.41 -7.42 6.29
C THR A 52 4.22 -8.01 5.54
N GLY A 53 3.63 -7.21 4.66
CA GLY A 53 2.48 -7.66 3.89
C GLY A 53 2.21 -6.77 2.69
N VAL A 54 1.58 -7.36 1.67
CA VAL A 54 1.25 -6.61 0.46
C VAL A 54 -0.25 -6.68 0.15
N VAL A 55 -0.81 -5.54 -0.24
CA VAL A 55 -2.24 -5.48 -0.56
C VAL A 55 -2.46 -4.77 -1.89
N GLU A 56 -3.41 -5.29 -2.67
CA GLU A 56 -3.73 -4.71 -3.97
C GLU A 56 -5.16 -4.21 -4.01
N PHE A 57 -5.33 -2.90 -4.12
CA PHE A 57 -6.66 -2.30 -4.17
C PHE A 57 -7.19 -2.25 -5.59
N VAL A 58 -8.13 -3.14 -5.89
CA VAL A 58 -8.72 -3.21 -7.23
C VAL A 58 -8.87 -1.82 -7.83
N ARG A 59 -9.14 -0.83 -6.98
CA ARG A 59 -9.32 0.55 -7.42
C ARG A 59 -8.19 1.43 -6.90
N LYS A 60 -7.33 1.90 -7.80
CA LYS A 60 -6.22 2.76 -7.42
C LYS A 60 -6.67 3.84 -6.46
N GLU A 61 -7.86 4.37 -6.68
CA GLU A 61 -8.41 5.42 -5.82
C GLU A 61 -8.32 5.02 -4.36
N ASP A 62 -8.74 3.80 -4.05
CA ASP A 62 -8.71 3.30 -2.68
C ASP A 62 -7.27 3.11 -2.21
N MET A 63 -6.36 2.92 -3.16
CA MET A 63 -4.95 2.74 -2.84
C MET A 63 -4.31 4.05 -2.37
N THR A 64 -4.42 5.07 -3.22
CA THR A 64 -3.85 6.38 -2.90
C THR A 64 -4.48 6.95 -1.63
N TYR A 65 -5.63 6.43 -1.26
CA TYR A 65 -6.33 6.89 -0.07
C TYR A 65 -5.83 6.16 1.17
N ALA A 66 -5.68 4.84 1.05
CA ALA A 66 -5.21 4.02 2.16
C ALA A 66 -3.84 4.49 2.65
N VAL A 67 -2.97 4.84 1.70
CA VAL A 67 -1.63 5.30 2.03
C VAL A 67 -1.66 6.66 2.71
N ARG A 68 -2.80 7.35 2.58
CA ARG A 68 -2.96 8.67 3.19
C ARG A 68 -3.59 8.56 4.57
N LYS A 69 -4.73 7.86 4.64
CA LYS A 69 -5.43 7.68 5.90
C LYS A 69 -4.98 6.40 6.60
N LEU A 70 -4.82 5.33 5.83
CA LEU A 70 -4.39 4.05 6.38
C LEU A 70 -2.88 3.88 6.22
N ASP A 71 -2.12 4.75 6.87
CA ASP A 71 -0.66 4.69 6.81
C ASP A 71 -0.06 5.05 8.16
N ASN A 72 0.51 4.05 8.83
CA ASN A 72 1.12 4.26 10.14
C ASN A 72 0.07 4.30 11.24
N THR A 73 -0.93 3.43 11.11
CA THR A 73 -2.00 3.36 12.10
C THR A 73 -1.90 2.10 12.95
N LYS A 74 -2.52 2.12 14.11
CA LYS A 74 -2.50 0.98 15.01
C LYS A 74 -3.32 -0.18 14.45
N PHE A 75 -2.65 -1.27 14.11
CA PHE A 75 -3.32 -2.44 13.57
C PHE A 75 -3.41 -3.56 14.60
N ARG A 76 -4.60 -4.11 14.77
CA ARG A 76 -4.81 -5.18 15.74
C ARG A 76 -5.05 -6.51 15.03
N SER A 77 -4.48 -7.57 15.56
CA SER A 77 -4.62 -8.90 14.98
C SER A 77 -5.78 -9.65 15.63
N HIS A 78 -6.08 -10.83 15.09
CA HIS A 78 -7.16 -11.66 15.62
C HIS A 78 -6.93 -12.00 17.08
N GLU A 79 -5.67 -12.21 17.44
CA GLU A 79 -5.30 -12.55 18.81
C GLU A 79 -5.58 -11.38 19.75
N GLY A 80 -5.62 -10.17 19.19
CA GLY A 80 -5.87 -8.99 19.99
C GLY A 80 -4.68 -8.07 20.03
N GLU A 81 -3.50 -8.61 19.78
CA GLU A 81 -2.26 -7.83 19.81
C GLU A 81 -2.38 -6.62 18.88
N THR A 82 -1.76 -5.52 19.27
CA THR A 82 -1.79 -4.30 18.48
C THR A 82 -0.38 -3.91 18.01
N ALA A 83 -0.30 -3.25 16.87
CA ALA A 83 0.98 -2.83 16.32
C ALA A 83 0.78 -1.85 15.16
N TYR A 84 1.51 -0.74 15.18
CA TYR A 84 1.41 0.27 14.14
C TYR A 84 2.03 -0.23 12.84
N ILE A 85 1.25 -0.18 11.76
CA ILE A 85 1.73 -0.63 10.46
C ILE A 85 1.82 0.53 9.48
N ARG A 86 2.79 0.45 8.57
CA ARG A 86 2.97 1.50 7.57
C ARG A 86 2.56 1.02 6.19
N VAL A 87 1.94 1.91 5.42
CA VAL A 87 1.48 1.57 4.07
C VAL A 87 1.96 2.60 3.06
N LYS A 88 2.37 2.14 1.89
CA LYS A 88 2.85 3.01 0.83
C LYS A 88 2.63 2.38 -0.54
N VAL A 89 2.59 3.22 -1.58
CA VAL A 89 2.39 2.74 -2.94
C VAL A 89 3.65 2.07 -3.47
N ASP A 90 3.56 0.76 -3.71
CA ASP A 90 4.69 0.00 -4.23
C ASP A 90 5.39 0.76 -5.36
N GLY A 91 6.56 1.30 -5.07
CA GLY A 91 7.31 2.04 -6.06
C GLY A 91 8.70 2.40 -5.60
N PRO A 92 9.30 3.43 -6.23
CA PRO A 92 10.65 3.89 -5.89
C PRO A 92 10.71 4.57 -4.53
N ARG A 93 9.54 4.78 -3.93
CA ARG A 93 9.46 5.43 -2.63
C ARG A 93 10.16 6.78 -2.64
N SER A 94 9.39 7.84 -2.89
CA SER A 94 9.95 9.19 -2.94
C SER A 94 8.89 10.22 -2.57
N PRO A 95 9.31 11.27 -1.84
CA PRO A 95 8.41 12.34 -1.41
C PRO A 95 7.96 13.23 -2.58
N SER A 96 8.66 13.10 -3.70
CA SER A 96 8.34 13.89 -4.89
C SER A 96 6.90 13.63 -5.33
N TYR A 97 6.24 14.68 -5.81
CA TYR A 97 4.86 14.58 -6.26
C TYR A 97 4.58 15.54 -7.42
N GLY A 98 3.48 15.31 -8.13
CA GLY A 98 3.13 16.17 -9.24
C GLY A 98 3.21 15.45 -10.57
N ARG A 99 3.54 16.19 -11.63
CA ARG A 99 3.65 15.62 -12.95
C ARG A 99 4.38 16.57 -13.90
N SER A 100 4.83 16.05 -15.03
CA SER A 100 5.54 16.85 -16.02
C SER A 100 5.22 16.39 -17.44
N ARG A 101 5.84 17.03 -18.42
CA ARG A 101 5.61 16.69 -19.82
C ARG A 101 4.17 16.97 -20.23
N SER A 102 3.97 18.08 -20.93
CA SER A 102 2.63 18.47 -21.37
C SER A 102 1.68 18.58 -20.19
N SER A 103 0.47 19.08 -20.46
CA SER A 103 -0.53 19.26 -19.41
C SER A 103 -1.85 19.75 -20.00
N GLY A 104 -2.87 19.82 -19.17
CA GLY A 104 -4.17 20.27 -19.61
C GLY A 104 -4.80 19.33 -20.63
N PRO A 105 -5.93 19.75 -21.22
CA PRO A 105 -6.65 18.95 -22.22
C PRO A 105 -5.89 18.84 -23.52
N SER A 106 -6.17 17.78 -24.28
CA SER A 106 -5.51 17.56 -25.57
C SER A 106 -6.49 17.75 -26.72
N SER A 107 -5.97 18.20 -27.86
CA SER A 107 -6.80 18.43 -29.03
C SER A 107 -6.41 17.48 -30.16
N GLY A 108 -5.14 17.52 -30.55
CA GLY A 108 -4.65 16.66 -31.61
C GLY A 108 -4.48 15.22 -31.16
N GLY A 1 24.26 -4.09 -25.52
CA GLY A 1 23.46 -4.69 -26.57
C GLY A 1 22.02 -4.24 -26.52
N SER A 2 21.13 -5.13 -26.07
CA SER A 2 19.71 -4.82 -25.98
C SER A 2 19.15 -4.42 -27.34
N SER A 3 17.84 -4.54 -27.49
CA SER A 3 17.18 -4.21 -28.76
C SER A 3 15.66 -4.32 -28.62
N GLY A 4 14.95 -3.52 -29.41
CA GLY A 4 13.50 -3.55 -29.36
C GLY A 4 12.94 -4.94 -29.54
N SER A 5 12.51 -5.56 -28.44
CA SER A 5 11.95 -6.90 -28.48
C SER A 5 10.72 -7.01 -27.58
N SER A 6 10.06 -8.16 -27.63
CA SER A 6 8.86 -8.39 -26.82
C SER A 6 7.82 -7.31 -27.07
N GLY A 7 6.59 -7.56 -26.61
CA GLY A 7 5.53 -6.60 -26.79
C GLY A 7 5.90 -5.21 -26.32
N GLY A 8 5.60 -4.91 -25.06
CA GLY A 8 5.92 -3.60 -24.51
C GLY A 8 5.50 -3.46 -23.07
N PRO A 9 5.39 -2.21 -22.60
CA PRO A 9 4.99 -1.91 -21.21
C PRO A 9 3.53 -2.23 -20.96
N PRO A 10 3.21 -2.60 -19.71
CA PRO A 10 1.84 -2.95 -19.31
C PRO A 10 0.93 -1.72 -19.27
N SER A 11 -0.36 -1.96 -19.05
CA SER A 11 -1.34 -0.88 -19.00
C SER A 11 -0.79 0.31 -18.21
N ARG A 12 -0.16 0.02 -17.08
CA ARG A 12 0.40 1.06 -16.23
C ARG A 12 1.64 0.55 -15.50
N ARG A 13 2.40 1.48 -14.92
CA ARG A 13 3.61 1.12 -14.18
C ARG A 13 3.26 0.61 -12.78
N SER A 14 1.97 0.50 -12.51
CA SER A 14 1.50 0.03 -11.20
C SER A 14 0.15 -0.67 -11.33
N GLU A 15 -0.07 -1.69 -10.51
CA GLU A 15 -1.33 -2.43 -10.52
C GLU A 15 -2.14 -2.15 -9.26
N ASN A 16 -1.87 -1.01 -8.63
CA ASN A 16 -2.57 -0.64 -7.41
C ASN A 16 -2.15 -1.52 -6.24
N ARG A 17 -0.85 -1.80 -6.14
CA ARG A 17 -0.32 -2.62 -5.07
C ARG A 17 0.51 -1.80 -4.11
N VAL A 18 0.20 -1.90 -2.82
CA VAL A 18 0.92 -1.15 -1.80
C VAL A 18 1.63 -2.10 -0.83
N VAL A 19 2.72 -1.64 -0.25
CA VAL A 19 3.49 -2.44 0.70
C VAL A 19 3.11 -2.12 2.14
N VAL A 20 3.20 -3.12 3.00
CA VAL A 20 2.86 -2.95 4.41
C VAL A 20 3.97 -3.48 5.32
N SER A 21 4.34 -2.69 6.31
CA SER A 21 5.40 -3.07 7.25
C SER A 21 4.95 -2.86 8.69
N GLY A 22 5.75 -3.34 9.63
CA GLY A 22 5.43 -3.18 11.03
C GLY A 22 4.26 -4.05 11.45
N LEU A 23 4.14 -5.22 10.83
CA LEU A 23 3.05 -6.14 11.15
C LEU A 23 3.45 -7.08 12.28
N PRO A 24 2.46 -7.43 13.13
CA PRO A 24 2.68 -8.32 14.27
C PRO A 24 2.95 -9.76 13.84
N PRO A 25 3.37 -10.60 14.80
CA PRO A 25 3.66 -12.00 14.53
C PRO A 25 2.41 -12.82 14.24
N SER A 26 1.39 -12.64 15.07
CA SER A 26 0.14 -13.37 14.89
C SER A 26 -0.66 -12.79 13.71
N GLY A 27 -0.35 -11.56 13.35
CA GLY A 27 -1.04 -10.92 12.24
C GLY A 27 -1.15 -11.81 11.02
N SER A 28 -2.32 -11.84 10.41
CA SER A 28 -2.55 -12.67 9.23
C SER A 28 -3.24 -11.87 8.12
N TRP A 29 -2.98 -12.25 6.88
CA TRP A 29 -3.58 -11.56 5.73
C TRP A 29 -5.08 -11.37 5.93
N GLN A 30 -5.75 -12.40 6.41
CA GLN A 30 -7.18 -12.35 6.65
C GLN A 30 -7.54 -11.14 7.51
N ASP A 31 -6.62 -10.76 8.40
CA ASP A 31 -6.84 -9.63 9.28
C ASP A 31 -6.39 -8.33 8.63
N LEU A 32 -5.18 -8.35 8.08
CA LEU A 32 -4.62 -7.16 7.42
C LEU A 32 -5.63 -6.57 6.43
N LYS A 33 -6.12 -7.41 5.53
CA LYS A 33 -7.09 -6.97 4.53
C LYS A 33 -8.32 -6.35 5.19
N ASP A 34 -8.71 -6.91 6.34
CA ASP A 34 -9.86 -6.41 7.07
C ASP A 34 -9.62 -4.98 7.56
N HIS A 35 -8.35 -4.61 7.66
CA HIS A 35 -7.97 -3.28 8.13
C HIS A 35 -7.83 -2.32 6.96
N MET A 36 -7.44 -2.85 5.80
CA MET A 36 -7.27 -2.03 4.60
C MET A 36 -8.62 -1.70 3.97
N ARG A 37 -9.62 -2.54 4.24
CA ARG A 37 -10.95 -2.33 3.70
C ARG A 37 -11.36 -0.87 3.79
N GLU A 38 -10.95 -0.21 4.87
CA GLU A 38 -11.27 1.20 5.07
C GLU A 38 -11.13 1.98 3.77
N ALA A 39 -10.06 1.71 3.03
CA ALA A 39 -9.80 2.39 1.77
C ALA A 39 -10.90 2.08 0.75
N GLY A 40 -11.35 0.83 0.75
CA GLY A 40 -12.40 0.43 -0.19
C GLY A 40 -12.48 -1.08 -0.33
N ASP A 41 -12.15 -1.58 -1.50
CA ASP A 41 -12.20 -3.02 -1.77
C ASP A 41 -10.79 -3.58 -1.98
N VAL A 42 -10.59 -4.83 -1.57
CA VAL A 42 -9.30 -5.48 -1.71
C VAL A 42 -9.34 -6.54 -2.81
N CYS A 43 -8.26 -6.62 -3.59
CA CYS A 43 -8.16 -7.58 -4.68
C CYS A 43 -7.09 -8.62 -4.39
N TYR A 44 -6.09 -8.23 -3.62
CA TYR A 44 -4.99 -9.13 -3.27
C TYR A 44 -4.50 -8.87 -1.85
N ALA A 45 -4.25 -9.95 -1.11
CA ALA A 45 -3.78 -9.85 0.26
C ALA A 45 -2.81 -10.98 0.60
N ASP A 46 -1.70 -10.62 1.23
CA ASP A 46 -0.68 -11.60 1.59
C ASP A 46 0.28 -11.01 2.63
N VAL A 47 0.69 -11.85 3.58
CA VAL A 47 1.61 -11.42 4.63
C VAL A 47 2.79 -12.37 4.74
N TYR A 48 3.96 -11.81 5.06
CA TYR A 48 5.18 -12.61 5.20
C TYR A 48 5.55 -12.78 6.66
N ARG A 49 6.33 -13.81 6.94
CA ARG A 49 6.77 -14.10 8.31
C ARG A 49 7.93 -13.20 8.71
N ASP A 50 7.74 -11.89 8.57
CA ASP A 50 8.79 -10.93 8.91
C ASP A 50 8.17 -9.58 9.27
N GLY A 51 6.88 -9.58 9.58
CA GLY A 51 6.19 -8.35 9.94
C GLY A 51 5.94 -7.47 8.73
N THR A 52 5.76 -8.09 7.57
CA THR A 52 5.50 -7.35 6.34
C THR A 52 4.35 -7.96 5.56
N GLY A 53 3.82 -7.21 4.60
CA GLY A 53 2.72 -7.70 3.79
C GLY A 53 2.51 -6.87 2.53
N VAL A 54 1.61 -7.34 1.66
CA VAL A 54 1.32 -6.65 0.41
C VAL A 54 -0.15 -6.74 0.06
N VAL A 55 -0.76 -5.59 -0.22
CA VAL A 55 -2.18 -5.55 -0.57
C VAL A 55 -2.40 -4.77 -1.86
N GLU A 56 -3.36 -5.22 -2.67
CA GLU A 56 -3.67 -4.56 -3.93
C GLU A 56 -5.14 -4.18 -4.00
N PHE A 57 -5.41 -2.87 -3.95
CA PHE A 57 -6.77 -2.38 -4.01
C PHE A 57 -7.31 -2.39 -5.44
N VAL A 58 -8.38 -3.14 -5.66
CA VAL A 58 -8.98 -3.24 -6.98
C VAL A 58 -9.13 -1.87 -7.62
N ARG A 59 -9.38 -0.86 -6.79
CA ARG A 59 -9.55 0.50 -7.28
C ARG A 59 -8.42 1.40 -6.78
N LYS A 60 -7.57 1.83 -7.70
CA LYS A 60 -6.44 2.69 -7.37
C LYS A 60 -6.87 3.79 -6.38
N GLU A 61 -8.02 4.40 -6.66
CA GLU A 61 -8.53 5.46 -5.79
C GLU A 61 -8.45 5.06 -4.33
N ASP A 62 -8.83 3.82 -4.03
CA ASP A 62 -8.80 3.32 -2.67
C ASP A 62 -7.35 3.15 -2.19
N MET A 63 -6.46 2.88 -3.13
CA MET A 63 -5.05 2.69 -2.81
C MET A 63 -4.41 4.00 -2.35
N THR A 64 -4.40 4.98 -3.26
CA THR A 64 -3.82 6.28 -2.95
C THR A 64 -4.41 6.87 -1.67
N TYR A 65 -5.57 6.35 -1.28
CA TYR A 65 -6.25 6.82 -0.08
C TYR A 65 -5.72 6.12 1.16
N ALA A 66 -5.45 4.83 1.04
CA ALA A 66 -4.94 4.04 2.14
C ALA A 66 -3.57 4.55 2.59
N VAL A 67 -2.73 4.93 1.62
CA VAL A 67 -1.40 5.43 1.91
C VAL A 67 -1.46 6.80 2.57
N ARG A 68 -2.63 7.43 2.49
CA ARG A 68 -2.82 8.76 3.08
C ARG A 68 -3.45 8.65 4.46
N LYS A 69 -4.58 7.96 4.54
CA LYS A 69 -5.29 7.77 5.81
C LYS A 69 -4.80 6.53 6.52
N LEU A 70 -4.64 5.44 5.78
CA LEU A 70 -4.18 4.18 6.33
C LEU A 70 -2.66 4.05 6.21
N ASP A 71 -1.94 5.05 6.68
CA ASP A 71 -0.49 5.05 6.63
C ASP A 71 0.12 5.39 7.99
N ASN A 72 0.69 4.40 8.64
CA ASN A 72 1.30 4.60 9.96
C ASN A 72 0.24 4.61 11.05
N THR A 73 -0.69 3.66 10.98
CA THR A 73 -1.75 3.57 11.97
C THR A 73 -1.63 2.29 12.79
N LYS A 74 -2.26 2.29 13.97
CA LYS A 74 -2.22 1.12 14.85
C LYS A 74 -3.12 0.01 14.31
N PHE A 75 -2.51 -1.09 13.87
CA PHE A 75 -3.25 -2.22 13.35
C PHE A 75 -3.49 -3.27 14.43
N ARG A 76 -4.67 -3.88 14.42
CA ARG A 76 -5.03 -4.89 15.40
C ARG A 76 -5.32 -6.23 14.71
N SER A 77 -4.88 -7.31 15.34
CA SER A 77 -5.09 -8.64 14.81
C SER A 77 -6.24 -9.36 15.50
N HIS A 78 -6.65 -10.49 14.96
CA HIS A 78 -7.75 -11.26 15.52
C HIS A 78 -7.46 -11.65 16.97
N GLU A 79 -6.17 -11.84 17.28
CA GLU A 79 -5.75 -12.22 18.62
C GLU A 79 -5.94 -11.05 19.59
N GLY A 80 -6.06 -9.84 19.05
CA GLY A 80 -6.24 -8.67 19.87
C GLY A 80 -5.01 -7.80 19.92
N GLU A 81 -3.84 -8.40 19.71
CA GLU A 81 -2.58 -7.67 19.73
C GLU A 81 -2.61 -6.51 18.74
N THR A 82 -1.95 -5.42 19.09
CA THR A 82 -1.90 -4.24 18.24
C THR A 82 -0.47 -3.93 17.80
N ALA A 83 -0.34 -3.18 16.71
CA ALA A 83 0.98 -2.81 16.19
C ALA A 83 0.85 -1.82 15.05
N TYR A 84 1.63 -0.73 15.13
CA TYR A 84 1.60 0.30 14.09
C TYR A 84 2.22 -0.21 12.80
N ILE A 85 1.49 -0.04 11.70
CA ILE A 85 1.98 -0.48 10.39
C ILE A 85 2.05 0.69 9.41
N ARG A 86 2.96 0.59 8.45
CA ARG A 86 3.14 1.63 7.45
C ARG A 86 2.71 1.14 6.06
N VAL A 87 2.00 1.99 5.33
CA VAL A 87 1.54 1.64 4.00
C VAL A 87 2.07 2.63 2.95
N LYS A 88 2.46 2.11 1.79
CA LYS A 88 2.99 2.94 0.72
C LYS A 88 2.73 2.30 -0.64
N VAL A 89 2.68 3.12 -1.68
CA VAL A 89 2.45 2.63 -3.03
C VAL A 89 3.69 1.96 -3.60
N ASP A 90 3.55 0.67 -3.94
CA ASP A 90 4.67 -0.08 -4.50
C ASP A 90 5.34 0.68 -5.63
N GLY A 91 6.65 0.54 -5.74
CA GLY A 91 7.40 1.22 -6.78
C GLY A 91 7.68 2.67 -6.43
N PRO A 92 7.96 3.48 -7.46
CA PRO A 92 8.25 4.91 -7.30
C PRO A 92 7.03 5.71 -6.89
N ARG A 93 7.24 6.97 -6.52
CA ARG A 93 6.15 7.84 -6.10
C ARG A 93 6.27 9.22 -6.74
N SER A 94 5.44 9.47 -7.75
CA SER A 94 5.46 10.75 -8.45
C SER A 94 5.14 11.89 -7.49
N PRO A 95 5.65 13.09 -7.82
CA PRO A 95 5.43 14.29 -7.00
C PRO A 95 4.00 14.78 -7.07
N SER A 96 3.17 14.08 -7.84
CA SER A 96 1.76 14.45 -7.98
C SER A 96 1.14 14.77 -6.63
N TYR A 97 0.72 16.01 -6.46
CA TYR A 97 0.11 16.45 -5.20
C TYR A 97 -1.25 15.79 -5.00
N GLY A 98 -2.16 16.03 -5.94
CA GLY A 98 -3.49 15.45 -5.85
C GLY A 98 -4.58 16.50 -5.97
N ARG A 99 -5.79 16.13 -5.57
CA ARG A 99 -6.93 17.04 -5.62
C ARG A 99 -7.63 17.13 -4.27
N SER A 100 -8.11 18.32 -3.94
CA SER A 100 -8.79 18.54 -2.67
C SER A 100 -10.28 18.20 -2.79
N ARG A 101 -10.82 17.58 -1.75
CA ARG A 101 -12.23 17.19 -1.73
C ARG A 101 -12.81 17.31 -0.33
N SER A 102 -14.12 17.50 -0.25
CA SER A 102 -14.80 17.63 1.04
C SER A 102 -14.71 16.34 1.84
N SER A 103 -14.38 16.47 3.12
CA SER A 103 -14.24 15.31 3.99
C SER A 103 -14.04 15.74 5.44
N GLY A 104 -14.44 14.88 6.37
CA GLY A 104 -14.30 15.19 7.79
C GLY A 104 -13.55 14.11 8.54
N PRO A 105 -13.28 14.37 9.83
CA PRO A 105 -12.57 13.42 10.70
C PRO A 105 -13.40 12.19 11.01
N SER A 106 -13.09 11.08 10.35
CA SER A 106 -13.82 9.83 10.56
C SER A 106 -12.88 8.63 10.43
N SER A 107 -12.88 7.78 11.46
CA SER A 107 -12.02 6.60 11.46
C SER A 107 -12.86 5.32 11.56
N GLY A 108 -13.06 4.68 10.42
CA GLY A 108 -13.85 3.46 10.40
C GLY A 108 -13.16 2.31 11.12
N GLY A 1 -2.58 5.88 -31.27
CA GLY A 1 -1.25 6.41 -31.53
C GLY A 1 -0.69 5.92 -32.85
N SER A 2 0.14 6.75 -33.48
CA SER A 2 0.76 6.41 -34.75
C SER A 2 1.98 7.28 -35.02
N SER A 3 1.76 8.59 -35.07
CA SER A 3 2.85 9.54 -35.32
C SER A 3 3.44 10.04 -34.01
N GLY A 4 4.70 9.73 -33.78
CA GLY A 4 5.37 10.16 -32.57
C GLY A 4 5.30 9.12 -31.47
N SER A 5 6.31 8.26 -31.40
CA SER A 5 6.35 7.21 -30.38
C SER A 5 5.12 6.31 -30.48
N SER A 6 5.28 5.18 -31.17
CA SER A 6 4.19 4.23 -31.34
C SER A 6 4.25 3.13 -30.31
N GLY A 7 3.10 2.64 -29.87
CA GLY A 7 3.05 1.58 -28.88
C GLY A 7 1.86 1.71 -27.94
N GLY A 8 2.13 2.14 -26.71
CA GLY A 8 1.07 2.31 -25.74
C GLY A 8 0.47 0.98 -25.32
N PRO A 9 1.18 0.26 -24.44
CA PRO A 9 0.73 -1.05 -23.93
C PRO A 9 -0.48 -0.92 -23.02
N PRO A 10 -1.19 -2.05 -22.81
CA PRO A 10 -2.36 -2.10 -21.95
C PRO A 10 -2.03 -1.92 -20.48
N SER A 11 -3.03 -2.07 -19.61
CA SER A 11 -2.84 -1.92 -18.18
C SER A 11 -2.14 -3.15 -17.59
N ARG A 12 -0.86 -3.01 -17.27
CA ARG A 12 -0.08 -4.10 -16.72
C ARG A 12 0.59 -3.68 -15.41
N ARG A 13 1.08 -4.65 -14.66
CA ARG A 13 1.75 -4.38 -13.39
C ARG A 13 0.73 -4.00 -12.32
N SER A 14 -0.55 -4.04 -12.67
CA SER A 14 -1.62 -3.71 -11.74
C SER A 14 -1.70 -2.19 -11.54
N GLU A 15 -0.62 -1.63 -11.01
CA GLU A 15 -0.57 -0.18 -10.76
C GLU A 15 -1.50 0.20 -9.61
N ASN A 16 -1.75 -0.75 -8.71
CA ASN A 16 -2.62 -0.51 -7.57
C ASN A 16 -2.26 -1.44 -6.41
N ARG A 17 -0.97 -1.51 -6.09
CA ARG A 17 -0.50 -2.36 -5.01
C ARG A 17 0.28 -1.54 -3.97
N VAL A 18 0.15 -1.93 -2.71
CA VAL A 18 0.84 -1.23 -1.63
C VAL A 18 1.58 -2.21 -0.73
N VAL A 19 2.67 -1.73 -0.13
CA VAL A 19 3.49 -2.57 0.75
C VAL A 19 3.20 -2.24 2.22
N VAL A 20 3.14 -3.29 3.05
CA VAL A 20 2.88 -3.12 4.47
C VAL A 20 4.07 -3.56 5.30
N SER A 21 4.32 -2.85 6.40
CA SER A 21 5.43 -3.18 7.28
C SER A 21 5.05 -2.98 8.75
N GLY A 22 5.92 -3.43 9.65
CA GLY A 22 5.65 -3.29 11.07
C GLY A 22 4.50 -4.17 11.53
N LEU A 23 4.31 -5.29 10.84
CA LEU A 23 3.23 -6.23 11.19
C LEU A 23 3.65 -7.13 12.33
N PRO A 24 2.68 -7.47 13.21
CA PRO A 24 2.93 -8.34 14.37
C PRO A 24 3.19 -9.78 13.96
N PRO A 25 3.64 -10.60 14.92
CA PRO A 25 3.93 -12.01 14.69
C PRO A 25 2.67 -12.83 14.45
N SER A 26 1.58 -12.44 15.08
CA SER A 26 0.31 -13.14 14.94
C SER A 26 -0.48 -12.61 13.75
N GLY A 27 -0.40 -11.29 13.53
CA GLY A 27 -1.10 -10.69 12.43
C GLY A 27 -1.16 -11.58 11.20
N SER A 28 -2.31 -11.61 10.54
CA SER A 28 -2.50 -12.44 9.36
C SER A 28 -3.17 -11.65 8.24
N TRP A 29 -2.98 -12.11 7.01
CA TRP A 29 -3.57 -11.44 5.85
C TRP A 29 -5.04 -11.14 6.09
N GLN A 30 -5.79 -12.13 6.57
CA GLN A 30 -7.21 -11.97 6.84
C GLN A 30 -7.47 -10.66 7.59
N ASP A 31 -6.53 -10.29 8.45
CA ASP A 31 -6.66 -9.07 9.24
C ASP A 31 -6.26 -7.85 8.42
N LEU A 32 -5.02 -7.85 7.94
CA LEU A 32 -4.50 -6.75 7.13
C LEU A 32 -5.57 -6.22 6.18
N LYS A 33 -6.13 -7.12 5.37
CA LYS A 33 -7.15 -6.75 4.41
C LYS A 33 -8.31 -6.04 5.11
N ASP A 34 -8.74 -6.58 6.24
CA ASP A 34 -9.83 -5.99 7.01
C ASP A 34 -9.58 -4.51 7.27
N HIS A 35 -8.37 -4.19 7.72
CA HIS A 35 -8.00 -2.81 8.01
C HIS A 35 -7.77 -2.03 6.73
N MET A 36 -7.47 -2.74 5.65
CA MET A 36 -7.23 -2.11 4.36
C MET A 36 -8.54 -1.76 3.67
N ARG A 37 -9.59 -2.52 3.98
CA ARG A 37 -10.90 -2.28 3.39
C ARG A 37 -11.32 -0.82 3.55
N GLU A 38 -10.98 -0.24 4.69
CA GLU A 38 -11.32 1.16 4.96
C GLU A 38 -11.13 2.02 3.71
N ALA A 39 -10.12 1.69 2.93
CA ALA A 39 -9.84 2.43 1.70
C ALA A 39 -10.90 2.17 0.64
N GLY A 40 -11.31 0.91 0.52
CA GLY A 40 -12.32 0.55 -0.46
C GLY A 40 -12.47 -0.95 -0.61
N ASP A 41 -12.15 -1.47 -1.78
CA ASP A 41 -12.25 -2.89 -2.05
C ASP A 41 -10.87 -3.51 -2.28
N VAL A 42 -10.64 -4.67 -1.68
CA VAL A 42 -9.36 -5.36 -1.82
C VAL A 42 -9.44 -6.44 -2.90
N CYS A 43 -8.35 -6.59 -3.64
CA CYS A 43 -8.29 -7.58 -4.71
C CYS A 43 -7.28 -8.67 -4.38
N TYR A 44 -6.27 -8.32 -3.58
CA TYR A 44 -5.25 -9.28 -3.19
C TYR A 44 -4.76 -9.00 -1.78
N ALA A 45 -4.55 -10.07 -1.00
CA ALA A 45 -4.07 -9.94 0.36
C ALA A 45 -3.13 -11.08 0.73
N ASP A 46 -1.97 -10.75 1.29
CA ASP A 46 -1.00 -11.75 1.69
C ASP A 46 0.07 -11.14 2.60
N VAL A 47 0.46 -11.89 3.63
CA VAL A 47 1.47 -11.42 4.57
C VAL A 47 2.71 -12.31 4.53
N TYR A 48 3.81 -11.81 5.10
CA TYR A 48 5.05 -12.56 5.12
C TYR A 48 5.55 -12.73 6.56
N ARG A 49 6.38 -13.75 6.78
CA ARG A 49 6.93 -14.01 8.10
C ARG A 49 8.10 -13.08 8.40
N ASP A 50 7.82 -11.79 8.45
CA ASP A 50 8.86 -10.79 8.73
C ASP A 50 8.24 -9.44 9.05
N GLY A 51 7.00 -9.45 9.51
CA GLY A 51 6.32 -8.22 9.84
C GLY A 51 6.04 -7.36 8.62
N THR A 52 5.86 -8.01 7.48
CA THR A 52 5.60 -7.31 6.23
C THR A 52 4.42 -7.93 5.49
N GLY A 53 3.83 -7.17 4.56
CA GLY A 53 2.70 -7.67 3.80
C GLY A 53 2.47 -6.87 2.52
N VAL A 54 1.43 -7.24 1.78
CA VAL A 54 1.11 -6.56 0.53
C VAL A 54 -0.37 -6.69 0.20
N VAL A 55 -0.95 -5.62 -0.32
CA VAL A 55 -2.37 -5.60 -0.68
C VAL A 55 -2.59 -4.85 -1.97
N GLU A 56 -3.42 -5.41 -2.85
CA GLU A 56 -3.73 -4.79 -4.13
C GLU A 56 -5.16 -4.29 -4.16
N PHE A 57 -5.32 -2.97 -4.11
CA PHE A 57 -6.64 -2.36 -4.14
C PHE A 57 -7.21 -2.34 -5.56
N VAL A 58 -8.19 -3.19 -5.81
CA VAL A 58 -8.82 -3.27 -7.13
C VAL A 58 -8.94 -1.88 -7.75
N ARG A 59 -9.16 -0.87 -6.91
CA ARG A 59 -9.30 0.50 -7.38
C ARG A 59 -8.13 1.36 -6.91
N LYS A 60 -7.48 2.05 -7.85
CA LYS A 60 -6.35 2.91 -7.53
C LYS A 60 -6.71 3.90 -6.43
N GLU A 61 -7.86 4.55 -6.57
CA GLU A 61 -8.32 5.51 -5.59
C GLU A 61 -8.19 4.97 -4.17
N ASP A 62 -8.66 3.74 -3.98
CA ASP A 62 -8.60 3.10 -2.67
C ASP A 62 -7.14 2.86 -2.26
N MET A 63 -6.26 2.79 -3.25
CA MET A 63 -4.85 2.56 -2.99
C MET A 63 -4.17 3.83 -2.48
N THR A 64 -4.49 4.95 -3.12
CA THR A 64 -3.92 6.23 -2.73
C THR A 64 -4.49 6.72 -1.41
N TYR A 65 -5.77 6.43 -1.19
CA TYR A 65 -6.45 6.85 0.03
C TYR A 65 -5.95 6.04 1.23
N ALA A 66 -5.60 4.78 0.99
CA ALA A 66 -5.11 3.91 2.04
C ALA A 66 -3.78 4.41 2.59
N VAL A 67 -2.88 4.80 1.70
CA VAL A 67 -1.57 5.31 2.09
C VAL A 67 -1.69 6.67 2.76
N ARG A 68 -2.80 7.36 2.52
CA ARG A 68 -3.04 8.67 3.09
C ARG A 68 -3.64 8.55 4.49
N LYS A 69 -4.72 7.79 4.60
CA LYS A 69 -5.39 7.59 5.88
C LYS A 69 -4.88 6.32 6.58
N LEU A 70 -4.79 5.23 5.82
CA LEU A 70 -4.32 3.97 6.36
C LEU A 70 -2.81 3.83 6.19
N ASP A 71 -2.06 4.72 6.83
CA ASP A 71 -0.60 4.69 6.75
C ASP A 71 0.02 5.02 8.10
N ASN A 72 0.59 4.02 8.75
CA ASN A 72 1.23 4.21 10.04
C ASN A 72 0.18 4.26 11.15
N THR A 73 -0.83 3.40 11.06
CA THR A 73 -1.90 3.35 12.05
C THR A 73 -1.78 2.11 12.92
N LYS A 74 -2.49 2.11 14.04
CA LYS A 74 -2.47 0.98 14.96
C LYS A 74 -3.33 -0.16 14.44
N PHE A 75 -2.67 -1.23 13.97
CA PHE A 75 -3.38 -2.39 13.45
C PHE A 75 -3.55 -3.46 14.51
N ARG A 76 -4.76 -4.00 14.62
CA ARG A 76 -5.05 -5.03 15.61
C ARG A 76 -5.31 -6.38 14.93
N SER A 77 -4.81 -7.45 15.54
CA SER A 77 -4.99 -8.79 14.99
C SER A 77 -6.20 -9.47 15.62
N HIS A 78 -6.51 -10.67 15.13
CA HIS A 78 -7.64 -11.44 15.64
C HIS A 78 -7.37 -11.93 17.06
N GLU A 79 -6.10 -11.87 17.46
CA GLU A 79 -5.71 -12.32 18.79
C GLU A 79 -5.79 -11.17 19.80
N GLY A 80 -5.93 -9.95 19.28
CA GLY A 80 -6.03 -8.79 20.15
C GLY A 80 -4.77 -7.92 20.10
N GLU A 81 -3.66 -8.54 19.73
CA GLU A 81 -2.39 -7.82 19.64
C GLU A 81 -2.50 -6.61 18.72
N THR A 82 -1.79 -5.54 19.06
CA THR A 82 -1.81 -4.33 18.26
C THR A 82 -0.41 -3.88 17.88
N ALA A 83 -0.28 -3.26 16.71
CA ALA A 83 1.02 -2.79 16.24
C ALA A 83 0.85 -1.78 15.11
N TYR A 84 1.69 -0.75 15.11
CA TYR A 84 1.63 0.28 14.09
C TYR A 84 2.19 -0.23 12.76
N ILE A 85 1.38 -0.16 11.71
CA ILE A 85 1.80 -0.62 10.39
C ILE A 85 1.83 0.54 9.39
N ARG A 86 2.77 0.48 8.47
CA ARG A 86 2.90 1.52 7.45
C ARG A 86 2.46 1.01 6.08
N VAL A 87 1.88 1.90 5.28
CA VAL A 87 1.41 1.54 3.95
C VAL A 87 1.84 2.57 2.92
N LYS A 88 2.35 2.08 1.78
CA LYS A 88 2.79 2.95 0.72
C LYS A 88 2.62 2.29 -0.65
N VAL A 89 2.43 3.11 -1.68
CA VAL A 89 2.25 2.59 -3.03
C VAL A 89 3.51 1.91 -3.54
N ASP A 90 3.43 0.61 -3.78
CA ASP A 90 4.57 -0.15 -4.27
C ASP A 90 5.21 0.53 -5.47
N GLY A 91 6.46 0.96 -5.31
CA GLY A 91 7.16 1.62 -6.39
C GLY A 91 7.40 3.09 -6.10
N PRO A 92 8.13 3.76 -7.01
CA PRO A 92 8.44 5.19 -6.88
C PRO A 92 7.22 6.07 -7.06
N ARG A 93 7.14 7.15 -6.29
CA ARG A 93 6.02 8.09 -6.36
C ARG A 93 6.44 9.38 -7.05
N SER A 94 5.86 9.64 -8.22
CA SER A 94 6.18 10.85 -8.97
C SER A 94 4.96 11.35 -9.74
N PRO A 95 4.00 11.94 -9.01
CA PRO A 95 2.77 12.46 -9.59
C PRO A 95 3.01 13.70 -10.45
N SER A 96 2.15 13.93 -11.42
CA SER A 96 2.27 15.08 -12.31
C SER A 96 0.94 15.80 -12.46
N TYR A 97 0.57 16.57 -11.44
CA TYR A 97 -0.69 17.31 -11.45
C TYR A 97 -0.51 18.69 -10.82
N GLY A 98 -0.11 19.66 -11.63
CA GLY A 98 0.08 21.01 -11.12
C GLY A 98 0.36 22.01 -12.24
N ARG A 99 -0.68 22.75 -12.64
CA ARG A 99 -0.54 23.74 -13.70
C ARG A 99 -1.66 24.77 -13.62
N SER A 100 -1.41 25.85 -12.89
CA SER A 100 -2.39 26.92 -12.73
C SER A 100 -3.63 26.40 -11.99
N ARG A 101 -4.05 27.15 -10.98
CA ARG A 101 -5.22 26.78 -10.18
C ARG A 101 -6.31 27.84 -10.30
N SER A 102 -7.57 27.39 -10.26
CA SER A 102 -8.71 28.29 -10.36
C SER A 102 -9.58 28.20 -9.13
N SER A 103 -10.23 29.32 -8.78
CA SER A 103 -11.11 29.36 -7.62
C SER A 103 -12.55 29.07 -8.00
N GLY A 104 -13.43 29.07 -7.01
CA GLY A 104 -14.84 28.81 -7.27
C GLY A 104 -15.75 29.66 -6.42
N PRO A 105 -17.06 29.61 -6.70
CA PRO A 105 -18.07 30.38 -5.96
C PRO A 105 -18.25 29.88 -4.53
N SER A 106 -18.40 28.58 -4.38
CA SER A 106 -18.58 27.97 -3.07
C SER A 106 -19.89 28.43 -2.43
N SER A 107 -20.24 27.85 -1.30
CA SER A 107 -21.47 28.20 -0.59
C SER A 107 -21.33 27.92 0.90
N GLY A 108 -21.07 26.66 1.24
CA GLY A 108 -20.93 26.29 2.63
C GLY A 108 -20.40 24.88 2.80
N GLY A 1 -11.80 -20.50 -3.59
CA GLY A 1 -10.61 -20.97 -4.25
C GLY A 1 -9.44 -20.01 -4.12
N SER A 2 -9.72 -18.72 -4.31
CA SER A 2 -8.69 -17.70 -4.21
C SER A 2 -7.60 -17.93 -5.24
N SER A 3 -6.65 -16.99 -5.33
CA SER A 3 -5.55 -17.09 -6.28
C SER A 3 -4.20 -17.07 -5.55
N GLY A 4 -3.66 -18.25 -5.30
CA GLY A 4 -2.39 -18.35 -4.62
C GLY A 4 -1.24 -17.76 -5.44
N SER A 5 -0.07 -17.68 -4.82
CA SER A 5 1.10 -17.13 -5.50
C SER A 5 2.28 -17.01 -4.53
N SER A 6 3.26 -17.88 -4.70
CA SER A 6 4.45 -17.88 -3.84
C SER A 6 5.60 -17.13 -4.50
N GLY A 7 6.19 -16.19 -3.78
CA GLY A 7 7.29 -15.42 -4.30
C GLY A 7 6.87 -14.49 -5.43
N GLY A 8 6.13 -13.44 -5.07
CA GLY A 8 5.66 -12.49 -6.06
C GLY A 8 6.75 -12.11 -7.05
N PRO A 9 6.34 -11.85 -8.30
CA PRO A 9 7.27 -11.47 -9.37
C PRO A 9 7.85 -10.07 -9.16
N PRO A 10 8.93 -9.76 -9.89
CA PRO A 10 9.60 -8.45 -9.80
C PRO A 10 8.75 -7.34 -10.40
N SER A 11 8.96 -6.12 -9.90
CA SER A 11 8.21 -4.96 -10.38
C SER A 11 6.76 -5.01 -9.91
N ARG A 12 6.07 -3.89 -10.04
CA ARG A 12 4.67 -3.80 -9.62
C ARG A 12 3.86 -4.96 -10.19
N ARG A 13 2.86 -5.40 -9.43
CA ARG A 13 2.01 -6.50 -9.86
C ARG A 13 0.87 -6.01 -10.75
N SER A 14 0.88 -4.71 -11.05
CA SER A 14 -0.15 -4.12 -11.88
C SER A 14 -0.06 -2.59 -11.85
N GLU A 15 -0.44 -2.01 -10.72
CA GLU A 15 -0.39 -0.56 -10.55
C GLU A 15 -0.93 -0.15 -9.18
N ASN A 16 -1.98 -0.85 -8.73
CA ASN A 16 -2.59 -0.55 -7.43
C ASN A 16 -2.10 -1.54 -6.37
N ARG A 17 -0.80 -1.56 -6.14
CA ARG A 17 -0.21 -2.46 -5.15
C ARG A 17 0.61 -1.68 -4.13
N VAL A 18 0.28 -1.89 -2.85
CA VAL A 18 0.98 -1.21 -1.77
C VAL A 18 1.73 -2.19 -0.87
N VAL A 19 2.78 -1.71 -0.22
CA VAL A 19 3.57 -2.57 0.67
C VAL A 19 3.28 -2.25 2.13
N VAL A 20 3.25 -3.28 2.96
CA VAL A 20 2.98 -3.12 4.38
C VAL A 20 4.18 -3.58 5.22
N SER A 21 4.46 -2.85 6.29
CA SER A 21 5.57 -3.18 7.17
C SER A 21 5.23 -2.85 8.62
N GLY A 22 5.81 -3.62 9.55
CA GLY A 22 5.56 -3.38 10.96
C GLY A 22 4.38 -4.19 11.48
N LEU A 23 4.11 -5.32 10.84
CA LEU A 23 3.00 -6.18 11.23
C LEU A 23 3.35 -6.97 12.48
N PRO A 24 2.32 -7.27 13.30
CA PRO A 24 2.50 -8.03 14.54
C PRO A 24 2.83 -9.50 14.27
N PRO A 25 3.24 -10.21 15.34
CA PRO A 25 3.59 -11.63 15.25
C PRO A 25 2.38 -12.52 14.99
N SER A 26 1.20 -12.01 15.31
CA SER A 26 -0.04 -12.76 15.10
C SER A 26 -0.91 -12.10 14.05
N GLY A 27 -0.28 -11.33 13.17
CA GLY A 27 -1.01 -10.65 12.11
C GLY A 27 -1.03 -11.44 10.81
N SER A 28 -2.22 -11.82 10.38
CA SER A 28 -2.38 -12.60 9.15
C SER A 28 -3.07 -11.77 8.08
N TRP A 29 -2.96 -12.21 6.82
CA TRP A 29 -3.58 -11.51 5.71
C TRP A 29 -5.06 -11.30 5.95
N GLN A 30 -5.73 -12.33 6.46
CA GLN A 30 -7.15 -12.26 6.73
C GLN A 30 -7.48 -11.03 7.58
N ASP A 31 -6.61 -10.73 8.53
CA ASP A 31 -6.80 -9.58 9.41
C ASP A 31 -6.34 -8.29 8.73
N LEU A 32 -5.17 -8.35 8.10
CA LEU A 32 -4.62 -7.18 7.41
C LEU A 32 -5.63 -6.59 6.44
N LYS A 33 -6.02 -7.38 5.44
CA LYS A 33 -7.00 -6.93 4.45
C LYS A 33 -8.24 -6.37 5.12
N ASP A 34 -8.69 -7.04 6.18
CA ASP A 34 -9.87 -6.59 6.91
C ASP A 34 -9.72 -5.15 7.37
N HIS A 35 -8.48 -4.70 7.53
CA HIS A 35 -8.21 -3.34 7.97
C HIS A 35 -8.07 -2.40 6.77
N MET A 36 -7.38 -2.87 5.74
CA MET A 36 -7.17 -2.08 4.52
C MET A 36 -8.50 -1.81 3.83
N ARG A 37 -9.56 -2.47 4.30
CA ARG A 37 -10.89 -2.31 3.71
C ARG A 37 -11.34 -0.85 3.81
N GLU A 38 -11.01 -0.21 4.92
CA GLU A 38 -11.39 1.18 5.15
C GLU A 38 -11.20 2.00 3.88
N ALA A 39 -10.18 1.66 3.10
CA ALA A 39 -9.89 2.37 1.86
C ALA A 39 -10.96 2.09 0.81
N GLY A 40 -11.38 0.82 0.71
CA GLY A 40 -12.38 0.45 -0.26
C GLY A 40 -12.52 -1.06 -0.40
N ASP A 41 -12.05 -1.60 -1.51
CA ASP A 41 -12.13 -3.03 -1.76
C ASP A 41 -10.75 -3.62 -2.02
N VAL A 42 -10.51 -4.82 -1.51
CA VAL A 42 -9.22 -5.49 -1.69
C VAL A 42 -9.31 -6.58 -2.75
N CYS A 43 -8.33 -6.60 -3.64
CA CYS A 43 -8.30 -7.59 -4.72
C CYS A 43 -7.28 -8.69 -4.41
N TYR A 44 -6.28 -8.34 -3.61
CA TYR A 44 -5.23 -9.30 -3.24
C TYR A 44 -4.65 -8.97 -1.88
N ALA A 45 -4.35 -10.01 -1.10
CA ALA A 45 -3.77 -9.82 0.23
C ALA A 45 -2.85 -10.98 0.59
N ASP A 46 -1.73 -10.65 1.24
CA ASP A 46 -0.76 -11.65 1.64
C ASP A 46 0.25 -11.08 2.63
N VAL A 47 0.65 -11.88 3.60
CA VAL A 47 1.61 -11.45 4.61
C VAL A 47 2.79 -12.41 4.69
N TYR A 48 3.98 -11.86 4.91
CA TYR A 48 5.18 -12.68 5.01
C TYR A 48 5.60 -12.86 6.47
N ARG A 49 6.41 -13.88 6.73
CA ARG A 49 6.88 -14.16 8.08
C ARG A 49 8.00 -13.21 8.48
N ASP A 50 7.76 -11.92 8.30
CA ASP A 50 8.77 -10.90 8.64
C ASP A 50 8.10 -9.58 9.00
N GLY A 51 6.84 -9.65 9.44
CA GLY A 51 6.12 -8.45 9.81
C GLY A 51 5.82 -7.57 8.61
N THR A 52 5.67 -8.19 7.44
CA THR A 52 5.39 -7.44 6.22
C THR A 52 4.21 -8.05 5.47
N GLY A 53 3.65 -7.30 4.52
CA GLY A 53 2.52 -7.78 3.75
C GLY A 53 2.18 -6.88 2.58
N VAL A 54 1.74 -7.48 1.48
CA VAL A 54 1.38 -6.72 0.29
C VAL A 54 -0.12 -6.74 0.06
N VAL A 55 -0.65 -5.62 -0.44
CA VAL A 55 -2.08 -5.50 -0.70
C VAL A 55 -2.33 -4.78 -2.03
N GLU A 56 -3.36 -5.23 -2.75
CA GLU A 56 -3.70 -4.64 -4.04
C GLU A 56 -5.15 -4.16 -4.03
N PHE A 57 -5.33 -2.85 -4.17
CA PHE A 57 -6.67 -2.27 -4.19
C PHE A 57 -7.25 -2.28 -5.60
N VAL A 58 -8.31 -3.08 -5.79
CA VAL A 58 -8.95 -3.18 -7.09
C VAL A 58 -9.09 -1.81 -7.76
N ARG A 59 -9.26 -0.78 -6.94
CA ARG A 59 -9.40 0.58 -7.44
C ARG A 59 -8.32 1.49 -6.86
N LYS A 60 -7.40 1.90 -7.72
CA LYS A 60 -6.31 2.78 -7.30
C LYS A 60 -6.79 3.80 -6.27
N GLU A 61 -7.96 4.37 -6.51
CA GLU A 61 -8.53 5.35 -5.59
C GLU A 61 -8.31 4.93 -4.14
N ASP A 62 -8.84 3.76 -3.78
CA ASP A 62 -8.72 3.24 -2.43
C ASP A 62 -7.24 3.12 -2.03
N MET A 63 -6.39 2.87 -3.02
CA MET A 63 -4.96 2.73 -2.77
C MET A 63 -4.35 4.06 -2.33
N THR A 64 -4.50 5.08 -3.17
CA THR A 64 -3.96 6.40 -2.86
C THR A 64 -4.52 6.93 -1.54
N TYR A 65 -5.70 6.46 -1.18
CA TYR A 65 -6.35 6.89 0.05
C TYR A 65 -5.77 6.14 1.26
N ALA A 66 -5.60 4.83 1.11
CA ALA A 66 -5.06 4.00 2.17
C ALA A 66 -3.71 4.52 2.64
N VAL A 67 -2.85 4.89 1.68
CA VAL A 67 -1.53 5.41 1.99
C VAL A 67 -1.61 6.76 2.67
N ARG A 68 -2.76 7.42 2.53
CA ARG A 68 -2.97 8.73 3.14
C ARG A 68 -3.51 8.59 4.56
N LYS A 69 -4.64 7.89 4.69
CA LYS A 69 -5.25 7.69 6.00
C LYS A 69 -4.73 6.41 6.66
N LEU A 70 -4.63 5.34 5.87
CA LEU A 70 -4.15 4.07 6.39
C LEU A 70 -2.64 3.95 6.18
N ASP A 71 -1.88 4.86 6.79
CA ASP A 71 -0.43 4.85 6.68
C ASP A 71 0.21 5.20 8.01
N ASN A 72 0.74 4.18 8.68
CA ASN A 72 1.39 4.38 9.97
C ASN A 72 0.37 4.43 11.10
N THR A 73 -0.68 3.62 10.98
CA THR A 73 -1.74 3.59 11.99
C THR A 73 -1.67 2.31 12.81
N LYS A 74 -2.35 2.31 13.95
CA LYS A 74 -2.35 1.15 14.83
C LYS A 74 -3.26 0.05 14.27
N PHE A 75 -2.66 -1.08 13.92
CA PHE A 75 -3.41 -2.20 13.38
C PHE A 75 -3.58 -3.30 14.42
N ARG A 76 -4.81 -3.78 14.57
CA ARG A 76 -5.10 -4.84 15.54
C ARG A 76 -5.41 -6.15 14.84
N SER A 77 -4.77 -7.23 15.29
CA SER A 77 -4.97 -8.54 14.70
C SER A 77 -6.12 -9.28 15.38
N HIS A 78 -6.48 -10.44 14.84
CA HIS A 78 -7.56 -11.24 15.40
C HIS A 78 -7.27 -11.61 16.85
N GLU A 79 -6.00 -11.83 17.15
CA GLU A 79 -5.58 -12.21 18.50
C GLU A 79 -5.87 -11.07 19.49
N GLY A 80 -6.00 -9.86 18.96
CA GLY A 80 -6.26 -8.70 19.80
C GLY A 80 -5.06 -7.79 19.94
N GLU A 81 -3.90 -8.28 19.52
CA GLU A 81 -2.67 -7.51 19.60
C GLU A 81 -2.69 -6.32 18.64
N THR A 82 -2.01 -5.25 19.00
CA THR A 82 -1.96 -4.06 18.17
C THR A 82 -0.53 -3.72 17.77
N ALA A 83 -0.37 -3.13 16.59
CA ALA A 83 0.95 -2.75 16.09
C ALA A 83 0.84 -1.74 14.97
N TYR A 84 1.67 -0.70 15.03
CA TYR A 84 1.66 0.35 14.02
C TYR A 84 2.23 -0.17 12.70
N ILE A 85 1.40 -0.15 11.66
CA ILE A 85 1.81 -0.61 10.35
C ILE A 85 1.98 0.56 9.37
N ARG A 86 2.89 0.40 8.43
CA ARG A 86 3.15 1.45 7.44
C ARG A 86 2.74 0.98 6.05
N VAL A 87 2.08 1.88 5.30
CA VAL A 87 1.63 1.56 3.96
C VAL A 87 2.16 2.58 2.95
N LYS A 88 2.53 2.10 1.77
CA LYS A 88 3.05 2.97 0.72
C LYS A 88 2.82 2.35 -0.66
N VAL A 89 2.61 3.20 -1.66
CA VAL A 89 2.38 2.74 -3.02
C VAL A 89 3.63 2.07 -3.59
N ASP A 90 3.54 0.78 -3.85
CA ASP A 90 4.65 0.01 -4.39
C ASP A 90 5.37 0.79 -5.49
N GLY A 91 6.62 1.16 -5.24
CA GLY A 91 7.38 1.92 -6.22
C GLY A 91 8.30 2.94 -5.58
N PRO A 92 8.84 3.85 -6.40
CA PRO A 92 9.75 4.90 -5.92
C PRO A 92 9.03 5.95 -5.08
N ARG A 93 9.49 6.14 -3.86
CA ARG A 93 8.90 7.11 -2.96
C ARG A 93 9.22 8.54 -3.39
N SER A 94 8.21 9.39 -3.48
CA SER A 94 8.39 10.77 -3.90
C SER A 94 9.20 11.54 -2.87
N PRO A 95 9.99 12.52 -3.35
CA PRO A 95 10.84 13.34 -2.49
C PRO A 95 10.03 14.29 -1.62
N SER A 96 10.61 14.70 -0.49
CA SER A 96 9.95 15.61 0.43
C SER A 96 9.70 16.96 -0.24
N TYR A 97 10.78 17.63 -0.62
CA TYR A 97 10.69 18.94 -1.26
C TYR A 97 9.58 18.95 -2.32
N GLY A 98 8.74 19.98 -2.29
CA GLY A 98 7.67 20.08 -3.25
C GLY A 98 6.33 20.40 -2.59
N ARG A 99 5.93 19.56 -1.64
CA ARG A 99 4.67 19.76 -0.94
C ARG A 99 4.71 21.01 -0.09
N SER A 100 3.69 21.86 -0.22
CA SER A 100 3.61 23.10 0.53
C SER A 100 2.48 23.05 1.55
N ARG A 101 2.62 23.80 2.63
CA ARG A 101 1.60 23.84 3.68
C ARG A 101 0.49 24.82 3.32
N SER A 102 -0.69 24.27 3.01
CA SER A 102 -1.84 25.09 2.64
C SER A 102 -3.09 24.23 2.53
N SER A 103 -4.24 24.91 2.44
CA SER A 103 -5.53 24.21 2.33
C SER A 103 -5.84 23.45 3.62
N GLY A 104 -7.01 22.80 3.64
CA GLY A 104 -7.41 22.05 4.82
C GLY A 104 -8.40 22.81 5.67
N PRO A 105 -9.60 23.06 5.11
CA PRO A 105 -10.66 23.79 5.80
C PRO A 105 -11.28 22.96 6.93
N SER A 106 -11.83 23.65 7.92
CA SER A 106 -12.45 22.97 9.07
C SER A 106 -13.76 23.65 9.44
N SER A 107 -14.64 22.89 10.10
CA SER A 107 -15.94 23.41 10.52
C SER A 107 -15.82 24.17 11.84
N GLY A 108 -16.47 25.33 11.91
CA GLY A 108 -16.43 26.13 13.11
C GLY A 108 -17.08 25.43 14.29
N GLY A 1 6.97 13.54 0.36
CA GLY A 1 7.65 12.68 -0.59
C GLY A 1 8.10 11.37 0.03
N SER A 2 9.32 11.36 0.55
CA SER A 2 9.87 10.15 1.18
C SER A 2 10.10 9.07 0.13
N SER A 3 11.00 8.14 0.44
CA SER A 3 11.32 7.04 -0.46
C SER A 3 12.05 5.92 0.27
N GLY A 4 12.13 4.76 -0.37
CA GLY A 4 12.82 3.63 0.24
C GLY A 4 14.11 3.28 -0.48
N SER A 5 15.02 2.64 0.24
CA SER A 5 16.30 2.24 -0.34
C SER A 5 16.46 0.73 -0.32
N SER A 6 16.83 0.17 -1.46
CA SER A 6 17.03 -1.28 -1.59
C SER A 6 17.76 -1.62 -2.88
N GLY A 7 17.34 -1.00 -3.97
CA GLY A 7 17.95 -1.25 -5.26
C GLY A 7 16.95 -1.28 -6.39
N GLY A 8 16.39 -2.47 -6.65
CA GLY A 8 15.42 -2.61 -7.71
C GLY A 8 14.13 -3.26 -7.24
N PRO A 9 13.20 -2.43 -6.76
CA PRO A 9 11.90 -2.91 -6.26
C PRO A 9 11.00 -3.42 -7.38
N PRO A 10 10.14 -4.39 -7.05
CA PRO A 10 9.21 -5.00 -8.02
C PRO A 10 8.12 -4.02 -8.45
N SER A 11 7.35 -4.41 -9.47
CA SER A 11 6.28 -3.57 -9.97
C SER A 11 5.46 -4.32 -11.02
N ARG A 12 4.17 -4.52 -10.74
CA ARG A 12 3.28 -5.21 -11.65
C ARG A 12 2.66 -4.24 -12.65
N ARG A 13 1.67 -4.73 -13.40
CA ARG A 13 0.99 -3.90 -14.39
C ARG A 13 -0.35 -3.41 -13.86
N SER A 14 -0.64 -3.74 -12.61
CA SER A 14 -1.90 -3.32 -11.99
C SER A 14 -1.85 -1.86 -11.58
N GLU A 15 -0.78 -1.47 -10.89
CA GLU A 15 -0.62 -0.10 -10.44
C GLU A 15 -1.54 0.20 -9.25
N ASN A 16 -1.71 -0.78 -8.38
CA ASN A 16 -2.56 -0.63 -7.21
C ASN A 16 -2.12 -1.56 -6.09
N ARG A 17 -0.81 -1.71 -5.93
CA ARG A 17 -0.26 -2.57 -4.89
C ARG A 17 0.55 -1.76 -3.88
N VAL A 18 0.17 -1.87 -2.61
CA VAL A 18 0.84 -1.15 -1.54
C VAL A 18 1.61 -2.10 -0.63
N VAL A 19 2.68 -1.60 -0.03
CA VAL A 19 3.49 -2.41 0.87
C VAL A 19 3.15 -2.13 2.33
N VAL A 20 3.26 -3.16 3.17
CA VAL A 20 2.97 -3.03 4.59
C VAL A 20 4.13 -3.51 5.45
N SER A 21 4.50 -2.72 6.45
CA SER A 21 5.60 -3.07 7.34
C SER A 21 5.21 -2.84 8.79
N GLY A 22 5.84 -3.59 9.69
CA GLY A 22 5.55 -3.46 11.11
C GLY A 22 4.35 -4.28 11.53
N LEU A 23 4.22 -5.47 10.95
CA LEU A 23 3.10 -6.35 11.28
C LEU A 23 3.47 -7.31 12.40
N PRO A 24 2.48 -7.61 13.27
CA PRO A 24 2.68 -8.51 14.40
C PRO A 24 2.87 -9.96 13.97
N PRO A 25 3.47 -10.77 14.86
CA PRO A 25 3.72 -12.19 14.59
C PRO A 25 2.44 -13.02 14.54
N SER A 26 1.38 -12.47 15.14
CA SER A 26 0.09 -13.16 15.17
C SER A 26 -0.83 -12.65 14.06
N GLY A 27 -0.53 -11.45 13.56
CA GLY A 27 -1.33 -10.87 12.50
C GLY A 27 -1.28 -11.67 11.21
N SER A 28 -2.39 -11.72 10.49
CA SER A 28 -2.46 -12.46 9.24
C SER A 28 -3.10 -11.62 8.14
N TRP A 29 -2.91 -12.03 6.90
CA TRP A 29 -3.46 -11.32 5.76
C TRP A 29 -4.96 -11.07 5.95
N GLN A 30 -5.66 -12.10 6.42
CA GLN A 30 -7.10 -12.00 6.64
C GLN A 30 -7.45 -10.73 7.41
N ASP A 31 -6.63 -10.41 8.41
CA ASP A 31 -6.84 -9.21 9.22
C ASP A 31 -6.42 -7.96 8.46
N LEU A 32 -5.16 -7.94 8.01
CA LEU A 32 -4.64 -6.80 7.28
C LEU A 32 -5.62 -6.36 6.19
N LYS A 33 -6.30 -7.32 5.59
CA LYS A 33 -7.26 -7.02 4.53
C LYS A 33 -8.43 -6.22 5.07
N ASP A 34 -8.81 -6.50 6.33
CA ASP A 34 -9.91 -5.81 6.97
C ASP A 34 -9.55 -4.35 7.26
N HIS A 35 -8.36 -4.14 7.83
CA HIS A 35 -7.89 -2.80 8.15
C HIS A 35 -7.67 -1.98 6.88
N MET A 36 -7.46 -2.67 5.76
CA MET A 36 -7.22 -2.01 4.49
C MET A 36 -8.54 -1.67 3.80
N ARG A 37 -9.61 -2.36 4.19
CA ARG A 37 -10.92 -2.13 3.61
C ARG A 37 -11.34 -0.67 3.77
N GLU A 38 -10.89 -0.05 4.86
CA GLU A 38 -11.22 1.34 5.13
C GLU A 38 -11.06 2.19 3.87
N ALA A 39 -10.20 1.74 2.97
CA ALA A 39 -9.96 2.47 1.72
C ALA A 39 -11.00 2.09 0.66
N GLY A 40 -11.36 0.81 0.62
CA GLY A 40 -12.34 0.35 -0.34
C GLY A 40 -12.45 -1.17 -0.39
N ASP A 41 -12.20 -1.74 -1.55
CA ASP A 41 -12.28 -3.19 -1.72
C ASP A 41 -10.90 -3.77 -2.03
N VAL A 42 -10.60 -4.91 -1.41
CA VAL A 42 -9.31 -5.57 -1.63
C VAL A 42 -9.40 -6.57 -2.76
N CYS A 43 -8.33 -6.62 -3.57
CA CYS A 43 -8.28 -7.54 -4.70
C CYS A 43 -7.24 -8.63 -4.46
N TYR A 44 -6.29 -8.36 -3.59
CA TYR A 44 -5.24 -9.32 -3.27
C TYR A 44 -4.60 -9.01 -1.93
N ALA A 45 -4.55 -10.00 -1.05
CA ALA A 45 -3.96 -9.83 0.27
C ALA A 45 -2.93 -10.93 0.56
N ASP A 46 -1.84 -10.55 1.22
CA ASP A 46 -0.79 -11.49 1.56
C ASP A 46 0.18 -10.89 2.57
N VAL A 47 0.57 -11.69 3.56
CA VAL A 47 1.49 -11.24 4.60
C VAL A 47 2.67 -12.19 4.74
N TYR A 48 3.87 -11.63 4.85
CA TYR A 48 5.08 -12.44 4.99
C TYR A 48 5.40 -12.68 6.46
N ARG A 49 6.18 -13.72 6.74
CA ARG A 49 6.56 -14.05 8.10
C ARG A 49 7.74 -13.19 8.55
N ASP A 50 7.62 -11.89 8.37
CA ASP A 50 8.67 -10.95 8.77
C ASP A 50 8.08 -9.58 9.09
N GLY A 51 6.85 -9.57 9.57
CA GLY A 51 6.19 -8.31 9.90
C GLY A 51 5.95 -7.44 8.69
N THR A 52 5.77 -8.07 7.54
CA THR A 52 5.53 -7.35 6.29
C THR A 52 4.36 -7.94 5.52
N GLY A 53 3.79 -7.16 4.62
CA GLY A 53 2.67 -7.63 3.82
C GLY A 53 2.44 -6.79 2.58
N VAL A 54 1.56 -7.26 1.70
CA VAL A 54 1.26 -6.54 0.47
C VAL A 54 -0.22 -6.62 0.14
N VAL A 55 -0.83 -5.48 -0.14
CA VAL A 55 -2.25 -5.42 -0.48
C VAL A 55 -2.47 -4.77 -1.84
N GLU A 56 -3.39 -5.32 -2.61
CA GLU A 56 -3.70 -4.78 -3.94
C GLU A 56 -5.15 -4.33 -4.01
N PHE A 57 -5.36 -3.01 -4.02
CA PHE A 57 -6.69 -2.44 -4.09
C PHE A 57 -7.22 -2.47 -5.52
N VAL A 58 -8.30 -3.22 -5.74
CA VAL A 58 -8.91 -3.33 -7.06
C VAL A 58 -8.95 -1.98 -7.76
N ARG A 59 -9.21 -0.93 -6.99
CA ARG A 59 -9.29 0.42 -7.54
C ARG A 59 -8.19 1.30 -6.97
N LYS A 60 -7.29 1.77 -7.84
CA LYS A 60 -6.18 2.62 -7.43
C LYS A 60 -6.66 3.70 -6.46
N GLU A 61 -7.85 4.22 -6.72
CA GLU A 61 -8.42 5.28 -5.88
C GLU A 61 -8.29 4.91 -4.40
N ASP A 62 -8.61 3.66 -4.07
CA ASP A 62 -8.53 3.18 -2.71
C ASP A 62 -7.07 3.01 -2.27
N MET A 63 -6.19 2.81 -3.24
CA MET A 63 -4.78 2.63 -2.96
C MET A 63 -4.13 3.94 -2.51
N THR A 64 -4.48 5.03 -3.19
CA THR A 64 -3.95 6.34 -2.87
C THR A 64 -4.52 6.87 -1.57
N TYR A 65 -5.75 6.44 -1.26
CA TYR A 65 -6.42 6.87 -0.04
C TYR A 65 -5.91 6.10 1.17
N ALA A 66 -5.59 4.82 0.96
CA ALA A 66 -5.08 3.97 2.03
C ALA A 66 -3.73 4.47 2.52
N VAL A 67 -2.87 4.88 1.59
CA VAL A 67 -1.54 5.37 1.93
C VAL A 67 -1.62 6.72 2.63
N ARG A 68 -2.76 7.40 2.47
CA ARG A 68 -2.96 8.71 3.07
C ARG A 68 -3.59 8.57 4.46
N LYS A 69 -4.73 7.90 4.52
CA LYS A 69 -5.44 7.70 5.78
C LYS A 69 -4.93 6.44 6.49
N LEU A 70 -4.83 5.35 5.74
CA LEU A 70 -4.36 4.09 6.29
C LEU A 70 -2.85 3.96 6.15
N ASP A 71 -2.12 4.90 6.73
CA ASP A 71 -0.67 4.90 6.68
C ASP A 71 -0.07 5.26 8.04
N ASN A 72 0.51 4.25 8.69
CA ASN A 72 1.12 4.46 10.01
C ASN A 72 0.07 4.43 11.11
N THR A 73 -0.90 3.54 10.96
CA THR A 73 -1.97 3.41 11.95
C THR A 73 -1.81 2.13 12.77
N LYS A 74 -2.41 2.13 13.95
CA LYS A 74 -2.34 0.97 14.84
C LYS A 74 -3.19 -0.17 14.31
N PHE A 75 -2.54 -1.25 13.89
CA PHE A 75 -3.24 -2.41 13.36
C PHE A 75 -3.41 -3.48 14.43
N ARG A 76 -4.63 -4.00 14.57
CA ARG A 76 -4.91 -5.03 15.55
C ARG A 76 -5.18 -6.37 14.87
N SER A 77 -4.61 -7.43 15.44
CA SER A 77 -4.77 -8.78 14.89
C SER A 77 -5.91 -9.51 15.60
N HIS A 78 -6.44 -10.55 14.96
CA HIS A 78 -7.53 -11.34 15.52
C HIS A 78 -7.20 -11.74 16.96
N GLU A 79 -5.93 -12.03 17.22
CA GLU A 79 -5.49 -12.43 18.55
C GLU A 79 -5.64 -11.29 19.54
N GLY A 80 -5.52 -10.05 19.03
CA GLY A 80 -5.65 -8.89 19.89
C GLY A 80 -4.40 -8.01 19.85
N GLU A 81 -3.27 -8.61 19.53
CA GLU A 81 -2.01 -7.88 19.45
C GLU A 81 -2.12 -6.69 18.50
N THR A 82 -1.61 -5.55 18.93
CA THR A 82 -1.67 -4.33 18.12
C THR A 82 -0.26 -3.89 17.72
N ALA A 83 -0.17 -3.20 16.58
CA ALA A 83 1.10 -2.71 16.08
C ALA A 83 0.91 -1.74 14.93
N TYR A 84 1.64 -0.62 14.98
CA TYR A 84 1.54 0.40 13.94
C TYR A 84 2.16 -0.09 12.63
N ILE A 85 1.36 -0.10 11.57
CA ILE A 85 1.82 -0.54 10.26
C ILE A 85 1.97 0.63 9.30
N ARG A 86 2.92 0.52 8.37
CA ARG A 86 3.15 1.57 7.39
C ARG A 86 2.71 1.12 6.00
N VAL A 87 1.86 1.93 5.37
CA VAL A 87 1.37 1.62 4.03
C VAL A 87 1.87 2.63 3.01
N LYS A 88 2.34 2.13 1.87
CA LYS A 88 2.85 3.00 0.81
C LYS A 88 2.61 2.36 -0.56
N VAL A 89 2.61 3.19 -1.60
CA VAL A 89 2.40 2.72 -2.96
C VAL A 89 3.65 2.03 -3.49
N ASP A 90 3.53 0.74 -3.79
CA ASP A 90 4.64 -0.04 -4.31
C ASP A 90 5.32 0.69 -5.46
N GLY A 91 6.65 0.60 -5.52
CA GLY A 91 7.39 1.25 -6.58
C GLY A 91 7.96 2.59 -6.15
N PRO A 92 8.36 3.42 -7.12
CA PRO A 92 8.92 4.73 -6.86
C PRO A 92 7.89 5.71 -6.31
N ARG A 93 8.34 6.92 -5.97
CA ARG A 93 7.46 7.95 -5.43
C ARG A 93 7.80 9.32 -6.01
N SER A 94 9.10 9.59 -6.13
CA SER A 94 9.55 10.87 -6.67
C SER A 94 10.16 10.70 -8.05
N PRO A 95 9.28 10.61 -9.07
CA PRO A 95 9.71 10.44 -10.47
C PRO A 95 10.39 11.69 -11.02
N SER A 96 10.52 12.71 -10.18
CA SER A 96 11.15 13.96 -10.59
C SER A 96 10.40 14.59 -11.76
N TYR A 97 9.84 15.76 -11.54
CA TYR A 97 9.09 16.47 -12.58
C TYR A 97 9.12 17.98 -12.35
N GLY A 98 9.61 18.72 -13.34
CA GLY A 98 9.68 20.16 -13.22
C GLY A 98 8.36 20.83 -13.56
N ARG A 99 7.59 21.16 -12.52
CA ARG A 99 6.30 21.82 -12.72
C ARG A 99 5.77 22.39 -11.41
N SER A 100 6.24 23.59 -11.07
CA SER A 100 5.81 24.25 -9.84
C SER A 100 5.75 25.76 -10.03
N ARG A 101 5.09 26.44 -9.09
CA ARG A 101 4.96 27.90 -9.16
C ARG A 101 5.67 28.56 -7.97
N SER A 102 5.81 29.88 -8.04
CA SER A 102 6.47 30.63 -6.98
C SER A 102 5.50 31.60 -6.32
N SER A 103 5.71 31.86 -5.03
CA SER A 103 4.85 32.76 -4.28
C SER A 103 5.53 33.21 -2.99
N GLY A 104 5.66 34.52 -2.82
CA GLY A 104 6.30 35.05 -1.64
C GLY A 104 5.40 36.02 -0.89
N PRO A 105 4.51 35.47 -0.04
CA PRO A 105 3.57 36.27 0.74
C PRO A 105 4.27 37.06 1.85
N SER A 106 3.51 37.89 2.56
CA SER A 106 4.06 38.71 3.63
C SER A 106 3.13 38.69 4.85
N SER A 107 3.59 39.30 5.94
CA SER A 107 2.80 39.35 7.16
C SER A 107 2.78 40.77 7.74
N GLY A 108 1.62 41.18 8.25
CA GLY A 108 1.49 42.50 8.82
C GLY A 108 0.74 42.50 10.13
N GLY A 1 4.58 -35.05 -14.70
CA GLY A 1 4.79 -33.63 -14.91
C GLY A 1 3.53 -32.94 -15.41
N SER A 2 2.48 -32.96 -14.60
CA SER A 2 1.22 -32.33 -14.96
C SER A 2 1.08 -30.97 -14.29
N SER A 3 0.25 -30.11 -14.88
CA SER A 3 0.03 -28.77 -14.36
C SER A 3 1.32 -27.96 -14.38
N GLY A 4 1.23 -26.74 -14.92
CA GLY A 4 2.41 -25.88 -15.00
C GLY A 4 2.98 -25.57 -13.63
N SER A 5 4.24 -25.94 -13.42
CA SER A 5 4.90 -25.70 -12.14
C SER A 5 6.12 -24.79 -12.34
N SER A 6 6.39 -24.42 -13.58
CA SER A 6 7.52 -23.56 -13.89
C SER A 6 7.05 -22.24 -14.49
N GLY A 7 7.79 -21.16 -14.22
CA GLY A 7 7.43 -19.86 -14.73
C GLY A 7 8.29 -18.75 -14.14
N GLY A 8 7.66 -17.63 -13.84
CA GLY A 8 8.37 -16.50 -13.27
C GLY A 8 7.71 -15.17 -13.57
N PRO A 9 6.70 -14.81 -12.77
CA PRO A 9 5.96 -13.56 -12.94
C PRO A 9 6.80 -12.34 -12.59
N PRO A 10 6.54 -11.21 -13.27
CA PRO A 10 7.26 -9.96 -13.04
C PRO A 10 6.94 -9.34 -11.69
N SER A 11 6.10 -10.02 -10.92
CA SER A 11 5.71 -9.53 -9.61
C SER A 11 4.62 -8.47 -9.72
N ARG A 12 4.87 -7.47 -10.55
CA ARG A 12 3.91 -6.38 -10.76
C ARG A 12 2.59 -6.92 -11.28
N ARG A 13 1.53 -6.74 -10.49
CA ARG A 13 0.20 -7.22 -10.88
C ARG A 13 -0.55 -6.14 -11.65
N SER A 14 0.05 -4.96 -11.76
CA SER A 14 -0.57 -3.85 -12.47
C SER A 14 0.08 -2.52 -12.07
N GLU A 15 -0.22 -2.06 -10.87
CA GLU A 15 0.34 -0.80 -10.38
C GLU A 15 -0.33 -0.38 -9.07
N ASN A 16 -1.57 -0.81 -8.89
CA ASN A 16 -2.32 -0.48 -7.68
C ASN A 16 -1.93 -1.41 -6.53
N ARG A 17 -0.63 -1.60 -6.34
CA ARG A 17 -0.12 -2.46 -5.28
C ARG A 17 0.65 -1.65 -4.25
N VAL A 18 0.38 -1.90 -2.97
CA VAL A 18 1.05 -1.19 -1.89
C VAL A 18 1.77 -2.17 -0.97
N VAL A 19 2.78 -1.66 -0.25
CA VAL A 19 3.54 -2.49 0.67
C VAL A 19 3.19 -2.16 2.12
N VAL A 20 3.30 -3.16 2.99
CA VAL A 20 2.99 -2.98 4.41
C VAL A 20 4.13 -3.51 5.29
N SER A 21 4.37 -2.83 6.39
CA SER A 21 5.42 -3.22 7.33
C SER A 21 5.03 -2.91 8.77
N GLY A 22 5.76 -3.50 9.71
CA GLY A 22 5.48 -3.28 11.11
C GLY A 22 4.41 -4.21 11.65
N LEU A 23 3.94 -5.11 10.79
CA LEU A 23 2.91 -6.07 11.18
C LEU A 23 3.40 -6.97 12.31
N PRO A 24 2.48 -7.34 13.21
CA PRO A 24 2.79 -8.20 14.36
C PRO A 24 3.09 -9.63 13.93
N PRO A 25 3.63 -10.43 14.87
CA PRO A 25 3.98 -11.84 14.62
C PRO A 25 2.74 -12.71 14.45
N SER A 26 1.60 -12.20 14.90
CA SER A 26 0.34 -12.94 14.80
C SER A 26 -0.59 -12.30 13.78
N GLY A 27 -0.03 -11.42 12.96
CA GLY A 27 -0.83 -10.74 11.94
C GLY A 27 -1.04 -11.60 10.71
N SER A 28 -2.30 -11.85 10.37
CA SER A 28 -2.63 -12.66 9.21
C SER A 28 -3.26 -11.81 8.11
N TRP A 29 -3.14 -12.26 6.87
CA TRP A 29 -3.70 -11.54 5.73
C TRP A 29 -5.18 -11.25 5.94
N GLN A 30 -5.92 -12.27 6.35
CA GLN A 30 -7.36 -12.13 6.59
C GLN A 30 -7.63 -10.96 7.52
N ASP A 31 -6.68 -10.65 8.38
CA ASP A 31 -6.83 -9.55 9.33
C ASP A 31 -6.34 -8.24 8.71
N LEU A 32 -5.22 -8.30 8.00
CA LEU A 32 -4.66 -7.12 7.36
C LEU A 32 -5.67 -6.48 6.41
N LYS A 33 -6.10 -7.24 5.42
CA LYS A 33 -7.07 -6.75 4.45
C LYS A 33 -8.27 -6.11 5.15
N ASP A 34 -8.67 -6.69 6.27
CA ASP A 34 -9.79 -6.17 7.03
C ASP A 34 -9.54 -4.72 7.46
N HIS A 35 -8.28 -4.39 7.68
CA HIS A 35 -7.90 -3.05 8.10
C HIS A 35 -7.65 -2.15 6.90
N MET A 36 -7.34 -2.78 5.76
CA MET A 36 -7.07 -2.04 4.52
C MET A 36 -8.36 -1.81 3.74
N ARG A 37 -9.43 -2.47 4.16
CA ARG A 37 -10.72 -2.34 3.50
C ARG A 37 -11.24 -0.92 3.60
N GLU A 38 -10.88 -0.23 4.68
CA GLU A 38 -11.31 1.14 4.89
C GLU A 38 -11.14 1.98 3.63
N ALA A 39 -10.07 1.68 2.88
CA ALA A 39 -9.79 2.41 1.65
C ALA A 39 -10.91 2.22 0.63
N GLY A 40 -11.40 0.99 0.52
CA GLY A 40 -12.47 0.71 -0.42
C GLY A 40 -12.69 -0.78 -0.62
N ASP A 41 -12.01 -1.36 -1.59
CA ASP A 41 -12.12 -2.79 -1.88
C ASP A 41 -10.75 -3.41 -2.09
N VAL A 42 -10.61 -4.66 -1.65
CA VAL A 42 -9.35 -5.38 -1.78
C VAL A 42 -9.42 -6.41 -2.90
N CYS A 43 -8.32 -6.56 -3.64
CA CYS A 43 -8.26 -7.51 -4.74
C CYS A 43 -7.24 -8.60 -4.45
N TYR A 44 -6.28 -8.30 -3.58
CA TYR A 44 -5.24 -9.25 -3.23
C TYR A 44 -4.64 -8.93 -1.86
N ALA A 45 -4.33 -9.97 -1.09
CA ALA A 45 -3.75 -9.80 0.22
C ALA A 45 -2.78 -10.92 0.55
N ASP A 46 -1.69 -10.59 1.25
CA ASP A 46 -0.68 -11.57 1.61
C ASP A 46 0.30 -10.99 2.63
N VAL A 47 0.54 -11.73 3.71
CA VAL A 47 1.45 -11.29 4.75
C VAL A 47 2.61 -12.27 4.93
N TYR A 48 3.82 -11.75 4.90
CA TYR A 48 5.01 -12.59 5.06
C TYR A 48 5.35 -12.79 6.52
N ARG A 49 6.09 -13.85 6.82
CA ARG A 49 6.48 -14.16 8.19
C ARG A 49 7.62 -13.25 8.65
N ASP A 50 7.45 -11.95 8.43
CA ASP A 50 8.46 -10.98 8.83
C ASP A 50 7.83 -9.63 9.13
N GLY A 51 6.64 -9.66 9.73
CA GLY A 51 5.94 -8.43 10.06
C GLY A 51 5.70 -7.55 8.84
N THR A 52 5.62 -8.18 7.67
CA THR A 52 5.40 -7.44 6.44
C THR A 52 4.26 -8.07 5.63
N GLY A 53 3.65 -7.26 4.77
CA GLY A 53 2.55 -7.76 3.95
C GLY A 53 2.25 -6.84 2.78
N VAL A 54 1.74 -7.43 1.70
CA VAL A 54 1.40 -6.67 0.50
C VAL A 54 -0.09 -6.70 0.22
N VAL A 55 -0.63 -5.58 -0.25
CA VAL A 55 -2.05 -5.48 -0.56
C VAL A 55 -2.27 -4.85 -1.92
N GLU A 56 -3.32 -5.29 -2.61
CA GLU A 56 -3.65 -4.77 -3.93
C GLU A 56 -5.12 -4.42 -4.04
N PHE A 57 -5.42 -3.12 -4.04
CA PHE A 57 -6.80 -2.65 -4.13
C PHE A 57 -7.28 -2.65 -5.57
N VAL A 58 -8.40 -3.32 -5.82
CA VAL A 58 -8.96 -3.40 -7.17
C VAL A 58 -8.99 -2.03 -7.83
N ARG A 59 -9.17 -0.99 -7.03
CA ARG A 59 -9.21 0.38 -7.54
C ARG A 59 -8.06 1.21 -6.97
N LYS A 60 -7.48 2.05 -7.81
CA LYS A 60 -6.37 2.90 -7.40
C LYS A 60 -6.83 3.92 -6.37
N GLU A 61 -7.95 4.56 -6.64
CA GLU A 61 -8.50 5.57 -5.74
C GLU A 61 -8.41 5.12 -4.29
N ASP A 62 -8.87 3.90 -4.03
CA ASP A 62 -8.84 3.33 -2.69
C ASP A 62 -7.40 3.16 -2.20
N MET A 63 -6.50 2.87 -3.13
CA MET A 63 -5.10 2.68 -2.79
C MET A 63 -4.46 4.00 -2.35
N THR A 64 -4.49 4.99 -3.24
CA THR A 64 -3.93 6.30 -2.93
C THR A 64 -4.49 6.86 -1.64
N TYR A 65 -5.67 6.39 -1.26
CA TYR A 65 -6.32 6.85 -0.04
C TYR A 65 -5.78 6.10 1.18
N ALA A 66 -5.56 4.80 1.00
CA ALA A 66 -5.05 3.97 2.09
C ALA A 66 -3.69 4.47 2.58
N VAL A 67 -2.85 4.91 1.65
CA VAL A 67 -1.53 5.42 1.99
C VAL A 67 -1.63 6.78 2.66
N ARG A 68 -2.78 7.43 2.53
CA ARG A 68 -3.00 8.73 3.12
C ARG A 68 -3.58 8.59 4.53
N LYS A 69 -4.68 7.86 4.65
CA LYS A 69 -5.34 7.65 5.93
C LYS A 69 -4.81 6.39 6.60
N LEU A 70 -4.72 5.31 5.84
CA LEU A 70 -4.23 4.04 6.37
C LEU A 70 -2.72 3.93 6.19
N ASP A 71 -1.98 4.83 6.82
CA ASP A 71 -0.53 4.84 6.73
C ASP A 71 0.10 5.15 8.08
N ASN A 72 0.63 4.11 8.74
CA ASN A 72 1.25 4.29 10.05
C ASN A 72 0.20 4.34 11.15
N THR A 73 -0.82 3.49 11.04
CA THR A 73 -1.89 3.45 12.02
C THR A 73 -1.80 2.19 12.88
N LYS A 74 -2.52 2.18 13.99
CA LYS A 74 -2.53 1.04 14.90
C LYS A 74 -3.36 -0.10 14.33
N PHE A 75 -2.70 -1.21 14.00
CA PHE A 75 -3.39 -2.37 13.46
C PHE A 75 -3.54 -3.47 14.52
N ARG A 76 -4.78 -3.91 14.71
CA ARG A 76 -5.07 -4.95 15.70
C ARG A 76 -5.44 -6.25 15.00
N SER A 77 -4.77 -7.33 15.38
CA SER A 77 -5.04 -8.65 14.79
C SER A 77 -6.10 -9.40 15.60
N HIS A 78 -6.40 -10.61 15.16
CA HIS A 78 -7.40 -11.43 15.83
C HIS A 78 -6.93 -11.82 17.23
N GLU A 79 -5.62 -11.86 17.42
CA GLU A 79 -5.04 -12.22 18.70
C GLU A 79 -5.22 -11.10 19.72
N GLY A 80 -5.83 -10.01 19.28
CA GLY A 80 -6.06 -8.88 20.17
C GLY A 80 -4.83 -8.02 20.34
N GLU A 81 -3.78 -8.32 19.58
CA GLU A 81 -2.54 -7.58 19.66
C GLU A 81 -2.56 -6.39 18.69
N THR A 82 -2.05 -5.26 19.15
CA THR A 82 -2.01 -4.05 18.33
C THR A 82 -0.58 -3.70 17.92
N ALA A 83 -0.42 -3.13 16.75
CA ALA A 83 0.90 -2.74 16.25
C ALA A 83 0.78 -1.74 15.10
N TYR A 84 1.59 -0.69 15.15
CA TYR A 84 1.57 0.33 14.11
C TYR A 84 2.16 -0.19 12.81
N ILE A 85 1.37 -0.14 11.74
CA ILE A 85 1.81 -0.61 10.44
C ILE A 85 1.94 0.55 9.45
N ARG A 86 2.94 0.47 8.60
CA ARG A 86 3.17 1.51 7.59
C ARG A 86 2.71 1.05 6.22
N VAL A 87 2.13 1.97 5.45
CA VAL A 87 1.65 1.66 4.11
C VAL A 87 2.20 2.64 3.08
N LYS A 88 2.58 2.14 1.92
CA LYS A 88 3.12 2.98 0.85
C LYS A 88 2.90 2.33 -0.51
N VAL A 89 2.71 3.15 -1.53
CA VAL A 89 2.49 2.66 -2.88
C VAL A 89 3.75 2.03 -3.46
N ASP A 90 3.65 0.78 -3.87
CA ASP A 90 4.78 0.06 -4.44
C ASP A 90 5.42 0.86 -5.57
N GLY A 91 6.74 0.80 -5.66
CA GLY A 91 7.46 1.53 -6.69
C GLY A 91 7.95 2.87 -6.22
N PRO A 92 8.22 3.78 -7.18
CA PRO A 92 8.71 5.13 -6.88
C PRO A 92 7.66 6.00 -6.20
N ARG A 93 8.01 6.56 -5.04
CA ARG A 93 7.10 7.40 -4.29
C ARG A 93 6.67 8.61 -5.12
N SER A 94 5.50 9.16 -4.81
CA SER A 94 4.99 10.32 -5.53
C SER A 94 3.78 10.91 -4.81
N PRO A 95 3.63 12.24 -4.87
CA PRO A 95 2.53 12.95 -4.23
C PRO A 95 1.19 12.69 -4.92
N SER A 96 1.20 12.75 -6.25
CA SER A 96 -0.01 12.53 -7.02
C SER A 96 -1.04 13.61 -6.75
N TYR A 97 -1.46 14.31 -7.80
CA TYR A 97 -2.44 15.38 -7.68
C TYR A 97 -2.80 15.95 -9.05
N GLY A 98 -3.99 16.54 -9.13
CA GLY A 98 -4.43 17.12 -10.39
C GLY A 98 -5.94 17.00 -10.58
N ARG A 99 -6.67 18.03 -10.16
CA ARG A 99 -8.12 18.04 -10.28
C ARG A 99 -8.58 19.08 -11.30
N SER A 100 -9.66 18.78 -12.01
CA SER A 100 -10.19 19.69 -13.02
C SER A 100 -11.50 20.32 -12.55
N ARG A 101 -11.61 21.63 -12.73
CA ARG A 101 -12.82 22.35 -12.31
C ARG A 101 -13.88 22.30 -13.41
N SER A 102 -14.96 21.58 -13.13
CA SER A 102 -16.06 21.43 -14.09
C SER A 102 -17.39 21.29 -13.37
N SER A 103 -17.57 22.07 -12.31
CA SER A 103 -18.81 22.04 -11.53
C SER A 103 -20.01 22.42 -12.39
N GLY A 104 -21.03 21.57 -12.39
CA GLY A 104 -22.22 21.84 -13.17
C GLY A 104 -23.11 22.87 -12.52
N PRO A 105 -23.80 23.68 -13.36
CA PRO A 105 -24.71 24.72 -12.89
C PRO A 105 -25.97 24.15 -12.25
N SER A 106 -26.34 22.94 -12.66
CA SER A 106 -27.53 22.28 -12.13
C SER A 106 -27.18 20.91 -11.57
N SER A 107 -28.08 20.37 -10.75
CA SER A 107 -27.87 19.05 -10.14
C SER A 107 -28.93 18.05 -10.62
N GLY A 108 -30.16 18.54 -10.74
CA GLY A 108 -31.25 17.68 -11.18
C GLY A 108 -32.61 18.19 -10.75
N GLY A 1 18.78 26.54 -11.31
CA GLY A 1 17.85 25.78 -10.49
C GLY A 1 17.87 26.21 -9.04
N SER A 2 17.40 25.33 -8.16
CA SER A 2 17.36 25.61 -6.74
C SER A 2 17.25 24.33 -5.92
N SER A 3 16.20 23.56 -6.19
CA SER A 3 15.98 22.30 -5.48
C SER A 3 16.84 21.18 -6.07
N GLY A 4 16.76 21.01 -7.39
CA GLY A 4 17.53 19.98 -8.04
C GLY A 4 16.71 19.17 -9.03
N SER A 5 16.17 19.85 -10.04
CA SER A 5 15.35 19.19 -11.05
C SER A 5 14.10 18.58 -10.42
N SER A 6 12.97 18.71 -11.11
CA SER A 6 11.72 18.18 -10.62
C SER A 6 11.45 16.78 -11.20
N GLY A 7 11.93 15.76 -10.50
CA GLY A 7 11.73 14.40 -10.95
C GLY A 7 10.28 13.97 -10.89
N GLY A 8 9.68 14.05 -9.72
CA GLY A 8 8.29 13.66 -9.56
C GLY A 8 8.14 12.22 -9.10
N PRO A 9 7.11 11.96 -8.28
CA PRO A 9 6.83 10.61 -7.76
C PRO A 9 6.36 9.65 -8.84
N PRO A 10 6.62 8.35 -8.64
CA PRO A 10 6.22 7.31 -9.59
C PRO A 10 4.71 7.10 -9.62
N SER A 11 4.05 7.77 -10.56
CA SER A 11 2.60 7.67 -10.69
C SER A 11 2.23 6.84 -11.92
N ARG A 12 1.10 6.16 -11.85
CA ARG A 12 0.63 5.33 -12.96
C ARG A 12 1.55 4.13 -13.16
N ARG A 13 1.19 3.29 -14.12
CA ARG A 13 1.98 2.09 -14.41
C ARG A 13 1.93 1.11 -13.24
N SER A 14 1.16 1.45 -12.22
CA SER A 14 1.03 0.60 -11.05
C SER A 14 -0.20 -0.29 -11.15
N GLU A 15 -0.15 -1.44 -10.49
CA GLU A 15 -1.26 -2.38 -10.51
C GLU A 15 -2.15 -2.19 -9.28
N ASN A 16 -1.90 -1.12 -8.53
CA ASN A 16 -2.67 -0.83 -7.33
C ASN A 16 -2.22 -1.70 -6.16
N ARG A 17 -0.91 -1.92 -6.08
CA ARG A 17 -0.35 -2.75 -5.00
C ARG A 17 0.47 -1.89 -4.05
N VAL A 18 0.26 -2.08 -2.75
CA VAL A 18 0.97 -1.33 -1.73
C VAL A 18 1.76 -2.27 -0.81
N VAL A 19 2.78 -1.72 -0.16
CA VAL A 19 3.60 -2.50 0.76
C VAL A 19 3.26 -2.19 2.21
N VAL A 20 3.35 -3.20 3.07
CA VAL A 20 3.05 -3.03 4.48
C VAL A 20 4.21 -3.51 5.35
N SER A 21 4.52 -2.75 6.39
CA SER A 21 5.61 -3.10 7.30
C SER A 21 5.22 -2.82 8.75
N GLY A 22 5.96 -3.44 9.67
CA GLY A 22 5.67 -3.25 11.09
C GLY A 22 4.58 -4.18 11.58
N LEU A 23 4.14 -5.08 10.72
CA LEU A 23 3.09 -6.03 11.09
C LEU A 23 3.52 -6.89 12.28
N PRO A 24 2.55 -7.22 13.14
CA PRO A 24 2.80 -8.03 14.34
C PRO A 24 3.11 -9.49 13.98
N PRO A 25 3.64 -10.23 14.96
CA PRO A 25 4.00 -11.64 14.78
C PRO A 25 2.76 -12.53 14.64
N SER A 26 1.59 -11.93 14.71
CA SER A 26 0.33 -12.66 14.60
C SER A 26 -0.59 -12.02 13.56
N GLY A 27 -0.02 -11.15 12.73
CA GLY A 27 -0.79 -10.48 11.71
C GLY A 27 -1.08 -11.37 10.52
N SER A 28 -2.37 -11.64 10.29
CA SER A 28 -2.77 -12.50 9.17
C SER A 28 -3.36 -11.67 8.03
N TRP A 29 -3.12 -12.11 6.81
CA TRP A 29 -3.62 -11.41 5.63
C TRP A 29 -5.11 -11.08 5.78
N GLN A 30 -5.86 -12.04 6.31
CA GLN A 30 -7.29 -11.86 6.50
C GLN A 30 -7.58 -10.63 7.36
N ASP A 31 -6.72 -10.41 8.36
CA ASP A 31 -6.88 -9.28 9.26
C ASP A 31 -6.42 -7.99 8.59
N LEU A 32 -5.23 -8.02 8.01
CA LEU A 32 -4.67 -6.86 7.33
C LEU A 32 -5.64 -6.34 6.26
N LYS A 33 -6.29 -7.26 5.57
CA LYS A 33 -7.24 -6.90 4.53
C LYS A 33 -8.38 -6.05 5.09
N ASP A 34 -8.90 -6.46 6.23
CA ASP A 34 -9.99 -5.74 6.88
C ASP A 34 -9.58 -4.32 7.21
N HIS A 35 -8.38 -4.17 7.77
CA HIS A 35 -7.86 -2.86 8.14
C HIS A 35 -7.58 -2.01 6.89
N MET A 36 -7.49 -2.68 5.74
CA MET A 36 -7.23 -1.99 4.48
C MET A 36 -8.54 -1.64 3.77
N ARG A 37 -9.60 -2.35 4.12
CA ARG A 37 -10.91 -2.11 3.51
C ARG A 37 -11.31 -0.64 3.66
N GLU A 38 -11.02 -0.07 4.82
CA GLU A 38 -11.37 1.33 5.08
C GLU A 38 -11.12 2.18 3.84
N ALA A 39 -10.21 1.74 2.99
CA ALA A 39 -9.88 2.47 1.77
C ALA A 39 -10.91 2.19 0.68
N GLY A 40 -11.33 0.94 0.57
CA GLY A 40 -12.31 0.57 -0.44
C GLY A 40 -12.50 -0.93 -0.55
N ASP A 41 -12.06 -1.51 -1.67
CA ASP A 41 -12.18 -2.94 -1.88
C ASP A 41 -10.81 -3.57 -2.09
N VAL A 42 -10.59 -4.72 -1.45
CA VAL A 42 -9.32 -5.43 -1.56
C VAL A 42 -9.37 -6.46 -2.68
N CYS A 43 -8.25 -6.62 -3.38
CA CYS A 43 -8.16 -7.57 -4.48
C CYS A 43 -7.13 -8.65 -4.18
N TYR A 44 -6.08 -8.27 -3.46
CA TYR A 44 -5.02 -9.21 -3.10
C TYR A 44 -4.57 -9.00 -1.66
N ALA A 45 -4.43 -10.10 -0.93
CA ALA A 45 -4.00 -10.04 0.47
C ALA A 45 -3.02 -11.17 0.78
N ASP A 46 -1.89 -10.80 1.38
CA ASP A 46 -0.87 -11.78 1.74
C ASP A 46 0.14 -11.19 2.71
N VAL A 47 0.42 -11.91 3.79
CA VAL A 47 1.37 -11.45 4.80
C VAL A 47 2.49 -12.47 5.00
N TYR A 48 3.72 -11.97 5.08
CA TYR A 48 4.89 -12.84 5.28
C TYR A 48 5.27 -12.90 6.76
N ARG A 49 6.03 -13.93 7.11
CA ARG A 49 6.47 -14.11 8.49
C ARG A 49 7.71 -13.26 8.78
N ASP A 50 7.61 -11.97 8.45
CA ASP A 50 8.72 -11.04 8.67
C ASP A 50 8.19 -9.68 9.12
N GLY A 51 6.90 -9.61 9.42
CA GLY A 51 6.31 -8.37 9.86
C GLY A 51 5.98 -7.45 8.69
N THR A 52 5.82 -8.04 7.51
CA THR A 52 5.50 -7.27 6.31
C THR A 52 4.38 -7.93 5.53
N GLY A 53 3.66 -7.12 4.74
CA GLY A 53 2.56 -7.64 3.94
C GLY A 53 2.29 -6.80 2.71
N VAL A 54 1.64 -7.40 1.72
CA VAL A 54 1.32 -6.69 0.48
C VAL A 54 -0.16 -6.80 0.16
N VAL A 55 -0.80 -5.66 -0.10
CA VAL A 55 -2.22 -5.62 -0.43
C VAL A 55 -2.46 -4.83 -1.70
N GLU A 56 -3.31 -5.38 -2.57
CA GLU A 56 -3.64 -4.72 -3.83
C GLU A 56 -5.11 -4.32 -3.87
N PHE A 57 -5.36 -3.03 -4.06
CA PHE A 57 -6.72 -2.52 -4.11
C PHE A 57 -7.24 -2.52 -5.54
N VAL A 58 -8.36 -3.18 -5.76
CA VAL A 58 -8.97 -3.26 -7.09
C VAL A 58 -9.08 -1.88 -7.72
N ARG A 59 -9.33 -0.87 -6.90
CA ARG A 59 -9.46 0.50 -7.37
C ARG A 59 -8.28 1.35 -6.91
N LYS A 60 -7.53 1.87 -7.86
CA LYS A 60 -6.37 2.71 -7.55
C LYS A 60 -6.72 3.76 -6.50
N GLU A 61 -7.90 4.36 -6.64
CA GLU A 61 -8.35 5.39 -5.71
C GLU A 61 -8.21 4.90 -4.26
N ASP A 62 -8.63 3.67 -4.01
CA ASP A 62 -8.56 3.09 -2.68
C ASP A 62 -7.10 2.87 -2.28
N MET A 63 -6.21 2.87 -3.26
CA MET A 63 -4.79 2.67 -2.99
C MET A 63 -4.13 3.97 -2.53
N THR A 64 -4.46 5.06 -3.20
CA THR A 64 -3.91 6.37 -2.85
C THR A 64 -4.50 6.90 -1.56
N TYR A 65 -5.72 6.45 -1.25
CA TYR A 65 -6.41 6.88 -0.04
C TYR A 65 -5.90 6.12 1.18
N ALA A 66 -5.64 4.83 0.98
CA ALA A 66 -5.14 3.98 2.06
C ALA A 66 -3.79 4.46 2.57
N VAL A 67 -2.91 4.82 1.64
CA VAL A 67 -1.57 5.28 1.99
C VAL A 67 -1.64 6.65 2.67
N ARG A 68 -2.75 7.36 2.46
CA ARG A 68 -2.93 8.68 3.05
C ARG A 68 -3.53 8.56 4.45
N LYS A 69 -4.67 7.90 4.55
CA LYS A 69 -5.34 7.71 5.83
C LYS A 69 -4.85 6.44 6.53
N LEU A 70 -4.81 5.35 5.78
CA LEU A 70 -4.37 4.06 6.31
C LEU A 70 -2.86 3.90 6.15
N ASP A 71 -2.11 4.79 6.78
CA ASP A 71 -0.65 4.74 6.70
C ASP A 71 -0.03 5.05 8.06
N ASN A 72 0.48 4.02 8.72
CA ASN A 72 1.10 4.18 10.03
C ASN A 72 0.05 4.22 11.13
N THR A 73 -0.93 3.32 11.05
CA THR A 73 -1.99 3.25 12.04
C THR A 73 -1.89 1.99 12.88
N LYS A 74 -2.51 2.01 14.06
CA LYS A 74 -2.49 0.86 14.95
C LYS A 74 -3.39 -0.26 14.42
N PHE A 75 -2.78 -1.35 14.00
CA PHE A 75 -3.52 -2.49 13.47
C PHE A 75 -3.66 -3.59 14.52
N ARG A 76 -4.87 -4.10 14.69
CA ARG A 76 -5.13 -5.15 15.67
C ARG A 76 -5.34 -6.49 14.97
N SER A 77 -4.64 -7.51 15.45
CA SER A 77 -4.74 -8.85 14.88
C SER A 77 -5.90 -9.62 15.52
N HIS A 78 -6.23 -10.76 14.92
CA HIS A 78 -7.32 -11.59 15.43
C HIS A 78 -7.03 -12.05 16.85
N GLU A 79 -5.75 -12.13 17.20
CA GLU A 79 -5.34 -12.55 18.52
C GLU A 79 -5.56 -11.44 19.54
N GLY A 80 -5.75 -10.22 19.05
CA GLY A 80 -5.96 -9.09 19.93
C GLY A 80 -4.78 -8.14 19.97
N GLU A 81 -3.58 -8.69 19.78
CA GLU A 81 -2.37 -7.88 19.80
C GLU A 81 -2.45 -6.74 18.78
N THR A 82 -1.91 -5.59 19.15
CA THR A 82 -1.92 -4.42 18.26
C THR A 82 -0.51 -4.08 17.79
N ALA A 83 -0.43 -3.36 16.69
CA ALA A 83 0.86 -2.94 16.13
C ALA A 83 0.67 -1.93 15.02
N TYR A 84 1.43 -0.83 15.09
CA TYR A 84 1.35 0.22 14.09
C TYR A 84 1.98 -0.23 12.77
N ILE A 85 1.18 -0.28 11.72
CA ILE A 85 1.65 -0.69 10.40
C ILE A 85 1.67 0.49 9.44
N ARG A 86 2.64 0.48 8.52
CA ARG A 86 2.78 1.54 7.54
C ARG A 86 2.44 1.02 6.14
N VAL A 87 1.73 1.85 5.37
CA VAL A 87 1.35 1.48 4.01
C VAL A 87 1.89 2.47 3.00
N LYS A 88 2.45 1.97 1.91
CA LYS A 88 3.00 2.82 0.86
C LYS A 88 2.78 2.20 -0.51
N VAL A 89 2.65 3.05 -1.53
CA VAL A 89 2.45 2.58 -2.89
C VAL A 89 3.68 1.84 -3.42
N ASP A 90 3.47 0.63 -3.92
CA ASP A 90 4.57 -0.18 -4.45
C ASP A 90 5.28 0.56 -5.58
N GLY A 91 6.61 0.51 -5.56
CA GLY A 91 7.39 1.17 -6.59
C GLY A 91 7.39 0.41 -7.91
N PRO A 92 7.90 1.06 -8.96
CA PRO A 92 7.97 0.44 -10.29
C PRO A 92 8.99 -0.69 -10.37
N ARG A 93 9.69 -0.91 -9.26
CA ARG A 93 10.70 -1.96 -9.20
C ARG A 93 11.80 -1.73 -10.22
N SER A 94 13.04 -1.64 -9.76
CA SER A 94 14.18 -1.41 -10.64
C SER A 94 14.06 -0.07 -11.34
N PRO A 95 14.42 1.01 -10.64
CA PRO A 95 14.36 2.38 -11.18
C PRO A 95 15.40 2.61 -12.26
N SER A 96 14.99 2.45 -13.51
CA SER A 96 15.90 2.65 -14.64
C SER A 96 15.14 2.53 -15.96
N TYR A 97 13.89 2.98 -15.97
CA TYR A 97 13.06 2.92 -17.17
C TYR A 97 13.33 4.11 -18.07
N GLY A 98 13.43 3.85 -19.37
CA GLY A 98 13.69 4.92 -20.32
C GLY A 98 12.63 6.01 -20.27
N ARG A 99 12.63 6.88 -21.28
CA ARG A 99 11.68 7.98 -21.33
C ARG A 99 11.60 8.57 -22.73
N SER A 100 10.69 9.52 -22.93
CA SER A 100 10.52 10.15 -24.23
C SER A 100 9.92 11.54 -24.08
N ARG A 101 10.46 12.51 -24.81
CA ARG A 101 9.99 13.88 -24.75
C ARG A 101 8.84 14.10 -25.75
N SER A 102 7.85 14.87 -25.33
CA SER A 102 6.69 15.15 -26.18
C SER A 102 6.49 16.66 -26.35
N SER A 103 6.04 17.06 -27.53
CA SER A 103 5.82 18.47 -27.82
C SER A 103 5.01 18.64 -29.10
N GLY A 104 4.08 19.58 -29.09
CA GLY A 104 3.24 19.82 -30.26
C GLY A 104 1.78 19.92 -29.91
N PRO A 105 1.34 21.12 -29.51
CA PRO A 105 -0.07 21.37 -29.15
C PRO A 105 -1.00 21.32 -30.35
N SER A 106 -2.30 21.26 -30.08
CA SER A 106 -3.30 21.20 -31.15
C SER A 106 -4.62 21.82 -30.70
N SER A 107 -5.05 22.86 -31.41
CA SER A 107 -6.28 23.55 -31.08
C SER A 107 -7.20 23.63 -32.30
N GLY A 108 -8.46 24.00 -32.06
CA GLY A 108 -9.41 24.10 -33.15
C GLY A 108 -9.93 22.75 -33.61
N GLY A 1 14.88 -11.89 -31.67
CA GLY A 1 13.99 -12.16 -30.55
C GLY A 1 14.74 -12.48 -29.28
N SER A 2 14.92 -11.47 -28.44
CA SER A 2 15.63 -11.64 -27.18
C SER A 2 14.72 -11.37 -25.99
N SER A 3 13.90 -10.31 -26.11
CA SER A 3 12.99 -9.94 -25.04
C SER A 3 11.77 -10.87 -25.03
N GLY A 4 11.53 -11.50 -23.88
CA GLY A 4 10.40 -12.40 -23.76
C GLY A 4 9.12 -11.81 -24.29
N SER A 5 8.39 -12.58 -25.09
CA SER A 5 7.14 -12.13 -25.68
C SER A 5 5.95 -12.79 -25.01
N SER A 6 6.16 -14.00 -24.47
CA SER A 6 5.11 -14.74 -23.80
C SER A 6 5.65 -16.01 -23.17
N GLY A 7 4.79 -16.76 -22.49
CA GLY A 7 5.20 -17.99 -21.85
C GLY A 7 4.70 -18.10 -20.43
N GLY A 8 3.87 -19.10 -20.16
CA GLY A 8 3.34 -19.29 -18.83
C GLY A 8 2.16 -18.38 -18.54
N PRO A 9 1.54 -18.56 -17.36
CA PRO A 9 0.38 -17.76 -16.94
C PRO A 9 0.76 -16.32 -16.63
N PRO A 10 -0.26 -15.45 -16.50
CA PRO A 10 -0.06 -14.04 -16.21
C PRO A 10 0.44 -13.81 -14.79
N SER A 11 1.63 -13.21 -14.67
CA SER A 11 2.23 -12.93 -13.37
C SER A 11 2.78 -11.52 -13.32
N ARG A 12 1.89 -10.56 -13.09
CA ARG A 12 2.28 -9.15 -13.02
C ARG A 12 1.99 -8.58 -11.63
N ARG A 13 2.90 -7.75 -11.13
CA ARG A 13 2.75 -7.14 -9.81
C ARG A 13 1.67 -6.06 -9.84
N SER A 14 1.06 -5.86 -11.01
CA SER A 14 0.02 -4.86 -11.17
C SER A 14 0.60 -3.45 -11.04
N GLU A 15 -0.28 -2.48 -10.82
CA GLU A 15 0.14 -1.10 -10.67
C GLU A 15 -0.42 -0.50 -9.37
N ASN A 16 -1.61 -0.94 -8.99
CA ASN A 16 -2.25 -0.45 -7.77
C ASN A 16 -1.94 -1.34 -6.58
N ARG A 17 -0.64 -1.54 -6.33
CA ARG A 17 -0.20 -2.39 -5.23
C ARG A 17 0.60 -1.58 -4.22
N VAL A 18 0.37 -1.83 -2.94
CA VAL A 18 1.07 -1.11 -1.87
C VAL A 18 1.79 -2.10 -0.95
N VAL A 19 2.84 -1.62 -0.29
CA VAL A 19 3.61 -2.45 0.63
C VAL A 19 3.29 -2.11 2.07
N VAL A 20 3.37 -3.11 2.95
CA VAL A 20 3.10 -2.91 4.36
C VAL A 20 4.26 -3.39 5.22
N SER A 21 4.43 -2.77 6.38
CA SER A 21 5.51 -3.13 7.29
C SER A 21 5.10 -2.90 8.74
N GLY A 22 5.87 -3.46 9.67
CA GLY A 22 5.57 -3.31 11.09
C GLY A 22 4.41 -4.18 11.52
N LEU A 23 4.17 -5.25 10.78
CA LEU A 23 3.09 -6.17 11.11
C LEU A 23 3.46 -7.09 12.25
N PRO A 24 2.50 -7.41 13.12
CA PRO A 24 2.70 -8.28 14.28
C PRO A 24 2.93 -9.73 13.86
N PRO A 25 3.63 -10.49 14.71
CA PRO A 25 3.92 -11.91 14.47
C PRO A 25 2.68 -12.78 14.56
N SER A 26 1.59 -12.20 15.04
CA SER A 26 0.33 -12.93 15.18
C SER A 26 -0.68 -12.48 14.13
N GLY A 27 -0.39 -11.36 13.48
CA GLY A 27 -1.28 -10.85 12.46
C GLY A 27 -1.18 -11.61 11.15
N SER A 28 -2.29 -11.72 10.45
CA SER A 28 -2.33 -12.44 9.18
C SER A 28 -2.96 -11.58 8.08
N TRP A 29 -2.97 -12.10 6.86
CA TRP A 29 -3.54 -11.38 5.73
C TRP A 29 -5.06 -11.23 5.88
N GLN A 30 -5.70 -12.27 6.40
CA GLN A 30 -7.15 -12.25 6.60
C GLN A 30 -7.56 -11.03 7.41
N ASP A 31 -6.77 -10.68 8.41
CA ASP A 31 -7.05 -9.53 9.26
C ASP A 31 -6.58 -8.24 8.59
N LEU A 32 -5.35 -8.25 8.08
CA LEU A 32 -4.79 -7.08 7.42
C LEU A 32 -5.75 -6.53 6.38
N LYS A 33 -6.07 -7.34 5.37
CA LYS A 33 -6.98 -6.94 4.31
C LYS A 33 -8.27 -6.36 4.89
N ASP A 34 -8.71 -6.93 6.01
CA ASP A 34 -9.94 -6.47 6.66
C ASP A 34 -9.77 -5.06 7.19
N HIS A 35 -8.54 -4.70 7.53
CA HIS A 35 -8.25 -3.36 8.05
C HIS A 35 -8.08 -2.36 6.91
N MET A 36 -7.45 -2.81 5.83
CA MET A 36 -7.23 -1.95 4.67
C MET A 36 -8.50 -1.81 3.84
N ARG A 37 -9.51 -2.62 4.16
CA ARG A 37 -10.77 -2.57 3.46
C ARG A 37 -11.42 -1.19 3.55
N GLU A 38 -11.28 -0.57 4.72
CA GLU A 38 -11.84 0.75 4.95
C GLU A 38 -11.60 1.67 3.75
N ALA A 39 -10.40 1.58 3.18
CA ALA A 39 -10.05 2.40 2.02
C ALA A 39 -11.03 2.17 0.87
N GLY A 40 -11.45 0.92 0.70
CA GLY A 40 -12.38 0.60 -0.37
C GLY A 40 -12.60 -0.89 -0.51
N ASP A 41 -11.91 -1.50 -1.48
CA ASP A 41 -12.03 -2.93 -1.71
C ASP A 41 -10.67 -3.55 -2.00
N VAL A 42 -10.37 -4.66 -1.33
CA VAL A 42 -9.10 -5.35 -1.51
C VAL A 42 -9.22 -6.45 -2.55
N CYS A 43 -8.26 -6.50 -3.48
CA CYS A 43 -8.27 -7.50 -4.54
C CYS A 43 -7.23 -8.59 -4.25
N TYR A 44 -6.13 -8.20 -3.62
CA TYR A 44 -5.06 -9.12 -3.30
C TYR A 44 -4.51 -8.86 -1.89
N ALA A 45 -4.33 -9.93 -1.13
CA ALA A 45 -3.81 -9.81 0.23
C ALA A 45 -2.83 -10.94 0.55
N ASP A 46 -1.66 -10.57 1.06
CA ASP A 46 -0.65 -11.56 1.41
C ASP A 46 0.31 -11.00 2.46
N VAL A 47 0.62 -11.81 3.47
CA VAL A 47 1.52 -11.40 4.53
C VAL A 47 2.70 -12.35 4.65
N TYR A 48 3.88 -11.79 4.95
CA TYR A 48 5.08 -12.59 5.09
C TYR A 48 5.42 -12.82 6.56
N ARG A 49 6.24 -13.84 6.82
CA ARG A 49 6.63 -14.17 8.19
C ARG A 49 7.80 -13.28 8.64
N ASP A 50 7.74 -12.01 8.27
CA ASP A 50 8.78 -11.06 8.65
C ASP A 50 8.18 -9.72 9.07
N GLY A 51 6.96 -9.78 9.62
CA GLY A 51 6.30 -8.57 10.06
C GLY A 51 6.00 -7.62 8.91
N THR A 52 5.79 -8.18 7.72
CA THR A 52 5.49 -7.38 6.55
C THR A 52 4.33 -7.98 5.76
N GLY A 53 3.76 -7.18 4.86
CA GLY A 53 2.64 -7.65 4.07
C GLY A 53 2.37 -6.74 2.87
N VAL A 54 1.63 -7.26 1.90
CA VAL A 54 1.30 -6.50 0.70
C VAL A 54 -0.19 -6.56 0.41
N VAL A 55 -0.71 -5.51 -0.23
CA VAL A 55 -2.13 -5.44 -0.56
C VAL A 55 -2.34 -4.72 -1.90
N GLU A 56 -3.30 -5.19 -2.67
CA GLU A 56 -3.60 -4.59 -3.96
C GLU A 56 -5.08 -4.20 -4.05
N PHE A 57 -5.34 -2.90 -4.04
CA PHE A 57 -6.70 -2.40 -4.12
C PHE A 57 -7.21 -2.42 -5.55
N VAL A 58 -8.41 -2.99 -5.74
CA VAL A 58 -9.01 -3.08 -7.06
C VAL A 58 -9.16 -1.71 -7.70
N ARG A 59 -9.44 -0.70 -6.87
CA ARG A 59 -9.62 0.66 -7.35
C ARG A 59 -8.49 1.56 -6.85
N LYS A 60 -7.59 1.93 -7.76
CA LYS A 60 -6.47 2.79 -7.41
C LYS A 60 -6.86 3.81 -6.34
N GLU A 61 -8.04 4.39 -6.50
CA GLU A 61 -8.54 5.38 -5.56
C GLU A 61 -8.31 4.92 -4.12
N ASP A 62 -8.74 3.70 -3.82
CA ASP A 62 -8.59 3.14 -2.48
C ASP A 62 -7.11 2.99 -2.12
N MET A 63 -6.28 2.76 -3.13
CA MET A 63 -4.84 2.60 -2.92
C MET A 63 -4.21 3.92 -2.48
N THR A 64 -4.63 5.02 -3.10
CA THR A 64 -4.11 6.33 -2.76
C THR A 64 -4.70 6.84 -1.46
N TYR A 65 -5.83 6.29 -1.08
CA TYR A 65 -6.51 6.70 0.17
C TYR A 65 -5.93 5.95 1.36
N ALA A 66 -5.63 4.66 1.17
CA ALA A 66 -5.08 3.84 2.24
C ALA A 66 -3.70 4.36 2.67
N VAL A 67 -2.89 4.74 1.69
CA VAL A 67 -1.56 5.26 1.98
C VAL A 67 -1.63 6.62 2.66
N ARG A 68 -2.76 7.30 2.51
CA ARG A 68 -2.96 8.61 3.12
C ARG A 68 -3.52 8.48 4.53
N LYS A 69 -4.59 7.70 4.66
CA LYS A 69 -5.23 7.49 5.96
C LYS A 69 -4.69 6.23 6.62
N LEU A 70 -4.63 5.13 5.87
CA LEU A 70 -4.14 3.87 6.39
C LEU A 70 -2.63 3.75 6.20
N ASP A 71 -1.90 4.73 6.71
CA ASP A 71 -0.44 4.74 6.59
C ASP A 71 0.20 5.10 7.93
N ASN A 72 0.88 4.13 8.53
CA ASN A 72 1.54 4.34 9.81
C ASN A 72 0.53 4.42 10.94
N THR A 73 -0.49 3.56 10.88
CA THR A 73 -1.54 3.54 11.90
C THR A 73 -1.47 2.26 12.71
N LYS A 74 -2.10 2.27 13.88
CA LYS A 74 -2.12 1.11 14.76
C LYS A 74 -3.08 0.05 14.24
N PHE A 75 -2.53 -1.08 13.81
CA PHE A 75 -3.35 -2.17 13.29
C PHE A 75 -3.57 -3.25 14.36
N ARG A 76 -4.80 -3.73 14.47
CA ARG A 76 -5.14 -4.75 15.45
C ARG A 76 -5.42 -6.08 14.76
N SER A 77 -4.84 -7.15 15.30
CA SER A 77 -5.03 -8.49 14.74
C SER A 77 -6.20 -9.20 15.42
N HIS A 78 -6.53 -10.38 14.91
CA HIS A 78 -7.62 -11.16 15.46
C HIS A 78 -7.41 -11.45 16.95
N GLU A 79 -6.16 -11.75 17.31
CA GLU A 79 -5.82 -12.04 18.69
C GLU A 79 -6.11 -10.84 19.59
N GLY A 80 -6.13 -9.65 18.99
CA GLY A 80 -6.41 -8.45 19.76
C GLY A 80 -5.19 -7.57 19.90
N GLU A 81 -4.02 -8.10 19.54
CA GLU A 81 -2.77 -7.35 19.63
C GLU A 81 -2.78 -6.16 18.67
N THR A 82 -2.07 -5.10 19.06
CA THR A 82 -2.01 -3.90 18.25
C THR A 82 -0.56 -3.58 17.87
N ALA A 83 -0.37 -3.12 16.63
CA ALA A 83 0.97 -2.77 16.15
C ALA A 83 0.90 -1.73 15.04
N TYR A 84 1.73 -0.71 15.14
CA TYR A 84 1.75 0.36 14.15
C TYR A 84 2.36 -0.15 12.84
N ILE A 85 1.54 -0.15 11.78
CA ILE A 85 1.99 -0.60 10.47
C ILE A 85 2.09 0.56 9.50
N ARG A 86 3.04 0.48 8.57
CA ARG A 86 3.24 1.52 7.58
C ARG A 86 2.76 1.06 6.20
N VAL A 87 2.22 2.01 5.44
CA VAL A 87 1.71 1.71 4.10
C VAL A 87 2.23 2.71 3.07
N LYS A 88 2.65 2.22 1.91
CA LYS A 88 3.16 3.08 0.85
C LYS A 88 2.90 2.45 -0.52
N VAL A 89 2.76 3.30 -1.53
CA VAL A 89 2.52 2.84 -2.88
C VAL A 89 3.74 2.13 -3.46
N ASP A 90 3.53 0.93 -4.00
CA ASP A 90 4.62 0.15 -4.58
C ASP A 90 5.24 0.88 -5.76
N GLY A 91 6.54 1.14 -5.68
CA GLY A 91 7.23 1.84 -6.75
C GLY A 91 7.33 1.00 -8.01
N PRO A 92 7.26 1.67 -9.17
CA PRO A 92 7.35 1.00 -10.47
C PRO A 92 8.73 0.45 -10.75
N ARG A 93 8.89 -0.20 -11.90
CA ARG A 93 10.18 -0.77 -12.30
C ARG A 93 10.38 -0.66 -13.80
N SER A 94 10.86 0.49 -14.24
CA SER A 94 11.10 0.73 -15.67
C SER A 94 12.15 1.82 -15.87
N PRO A 95 12.93 1.69 -16.96
CA PRO A 95 13.98 2.66 -17.28
C PRO A 95 13.42 4.00 -17.72
N SER A 96 12.40 3.98 -18.58
CA SER A 96 11.77 5.19 -19.07
C SER A 96 11.07 5.94 -17.94
N TYR A 97 11.04 7.26 -18.04
CA TYR A 97 10.40 8.08 -17.02
C TYR A 97 9.57 9.19 -17.67
N GLY A 98 8.29 9.26 -17.29
CA GLY A 98 7.41 10.27 -17.84
C GLY A 98 7.78 11.68 -17.39
N ARG A 99 7.88 12.59 -18.36
CA ARG A 99 8.24 13.97 -18.06
C ARG A 99 7.07 14.90 -18.35
N SER A 100 6.31 15.23 -17.29
CA SER A 100 5.17 16.12 -17.44
C SER A 100 5.44 17.46 -16.77
N ARG A 101 4.95 18.54 -17.41
CA ARG A 101 5.14 19.88 -16.89
C ARG A 101 3.81 20.51 -16.50
N SER A 102 3.84 21.40 -15.51
CA SER A 102 2.63 22.07 -15.04
C SER A 102 2.60 23.52 -15.52
N SER A 103 3.61 24.28 -15.14
CA SER A 103 3.70 25.69 -15.52
C SER A 103 2.85 26.55 -14.60
N GLY A 104 3.00 27.87 -14.72
CA GLY A 104 2.25 28.78 -13.88
C GLY A 104 2.63 30.23 -14.12
N PRO A 105 2.04 30.85 -15.16
CA PRO A 105 2.30 32.24 -15.51
C PRO A 105 1.74 33.21 -14.49
N SER A 106 2.29 34.43 -14.46
CA SER A 106 1.85 35.45 -13.52
C SER A 106 1.13 36.59 -14.26
N SER A 107 0.54 37.49 -13.49
CA SER A 107 -0.17 38.63 -14.07
C SER A 107 0.41 39.95 -13.57
N GLY A 108 0.57 40.06 -12.27
CA GLY A 108 1.12 41.28 -11.68
C GLY A 108 2.19 41.00 -10.66
N GLY A 1 2.47 20.31 1.27
CA GLY A 1 3.65 19.51 1.56
C GLY A 1 4.48 19.23 0.32
N SER A 2 4.68 20.26 -0.50
CA SER A 2 5.45 20.12 -1.72
C SER A 2 6.86 19.59 -1.43
N SER A 3 7.63 19.37 -2.48
CA SER A 3 8.99 18.86 -2.34
C SER A 3 10.01 19.88 -2.86
N GLY A 4 11.10 20.04 -2.13
CA GLY A 4 12.13 20.97 -2.53
C GLY A 4 12.49 20.84 -4.00
N SER A 5 12.66 19.61 -4.45
CA SER A 5 13.02 19.34 -5.84
C SER A 5 11.77 19.32 -6.73
N SER A 6 11.98 19.34 -8.04
CA SER A 6 10.88 19.33 -8.99
C SER A 6 10.80 17.98 -9.71
N GLY A 7 9.59 17.43 -9.81
CA GLY A 7 9.41 16.16 -10.48
C GLY A 7 8.06 15.53 -10.18
N GLY A 8 7.89 15.07 -8.94
CA GLY A 8 6.64 14.45 -8.56
C GLY A 8 6.72 12.93 -8.55
N PRO A 9 5.85 12.29 -7.74
CA PRO A 9 5.81 10.83 -7.63
C PRO A 9 5.27 10.17 -8.89
N PRO A 10 5.70 8.92 -9.13
CA PRO A 10 5.27 8.15 -10.31
C PRO A 10 3.81 7.75 -10.23
N SER A 11 3.18 7.61 -11.40
CA SER A 11 1.77 7.22 -11.46
C SER A 11 1.53 6.24 -12.60
N ARG A 12 0.43 5.51 -12.52
CA ARG A 12 0.08 4.53 -13.54
C ARG A 12 1.14 3.44 -13.63
N ARG A 13 0.95 2.52 -14.57
CA ARG A 13 1.89 1.42 -14.76
C ARG A 13 1.90 0.49 -13.55
N SER A 14 1.03 0.79 -12.58
CA SER A 14 0.94 -0.02 -11.38
C SER A 14 -0.40 -0.75 -11.31
N GLU A 15 -0.40 -1.89 -10.61
CA GLU A 15 -1.62 -2.69 -10.47
C GLU A 15 -2.36 -2.34 -9.18
N ASN A 16 -2.04 -1.18 -8.63
CA ASN A 16 -2.67 -0.72 -7.39
C ASN A 16 -2.21 -1.57 -6.21
N ARG A 17 -0.92 -1.85 -6.16
CA ARG A 17 -0.36 -2.66 -5.07
C ARG A 17 0.46 -1.80 -4.12
N VAL A 18 0.39 -2.11 -2.83
CA VAL A 18 1.12 -1.37 -1.82
C VAL A 18 1.91 -2.30 -0.90
N VAL A 19 2.84 -1.74 -0.14
CA VAL A 19 3.65 -2.53 0.78
C VAL A 19 3.27 -2.25 2.23
N VAL A 20 3.33 -3.29 3.07
CA VAL A 20 2.99 -3.15 4.47
C VAL A 20 4.13 -3.65 5.37
N SER A 21 4.50 -2.84 6.36
CA SER A 21 5.57 -3.20 7.27
C SER A 21 5.15 -2.99 8.72
N GLY A 22 5.92 -3.54 9.65
CA GLY A 22 5.61 -3.40 11.06
C GLY A 22 4.46 -4.29 11.49
N LEU A 23 4.21 -5.34 10.72
CA LEU A 23 3.12 -6.26 11.04
C LEU A 23 3.51 -7.19 12.19
N PRO A 24 2.53 -7.48 13.07
CA PRO A 24 2.73 -8.35 14.22
C PRO A 24 2.95 -9.81 13.82
N PRO A 25 3.41 -10.62 14.79
CA PRO A 25 3.66 -12.05 14.56
C PRO A 25 2.38 -12.84 14.36
N SER A 26 1.33 -12.44 15.07
CA SER A 26 0.04 -13.11 14.97
C SER A 26 -0.79 -12.55 13.82
N GLY A 27 -0.40 -11.37 13.35
CA GLY A 27 -1.13 -10.74 12.25
C GLY A 27 -1.14 -11.60 11.01
N SER A 28 -2.29 -11.63 10.33
CA SER A 28 -2.44 -12.43 9.12
C SER A 28 -3.09 -11.61 8.01
N TRP A 29 -3.03 -12.13 6.78
CA TRP A 29 -3.61 -11.44 5.64
C TRP A 29 -5.11 -11.21 5.84
N GLN A 30 -5.82 -12.27 6.23
CA GLN A 30 -7.26 -12.17 6.45
C GLN A 30 -7.59 -11.00 7.39
N ASP A 31 -6.68 -10.71 8.29
CA ASP A 31 -6.86 -9.61 9.24
C ASP A 31 -6.41 -8.29 8.64
N LEU A 32 -5.23 -8.30 8.02
CA LEU A 32 -4.68 -7.10 7.41
C LEU A 32 -5.65 -6.52 6.37
N LYS A 33 -6.09 -7.37 5.46
CA LYS A 33 -7.02 -6.94 4.41
C LYS A 33 -8.28 -6.35 5.02
N ASP A 34 -8.69 -6.88 6.16
CA ASP A 34 -9.88 -6.41 6.85
C ASP A 34 -9.70 -4.97 7.33
N HIS A 35 -8.45 -4.58 7.53
CA HIS A 35 -8.13 -3.23 7.99
C HIS A 35 -8.04 -2.26 6.81
N MET A 36 -7.43 -2.73 5.72
CA MET A 36 -7.26 -1.90 4.53
C MET A 36 -8.58 -1.80 3.75
N ARG A 37 -9.55 -2.62 4.15
CA ARG A 37 -10.86 -2.62 3.49
C ARG A 37 -11.53 -1.26 3.64
N GLU A 38 -11.26 -0.58 4.74
CA GLU A 38 -11.84 0.74 5.00
C GLU A 38 -11.68 1.65 3.78
N ALA A 39 -10.50 1.60 3.17
CA ALA A 39 -10.23 2.42 2.00
C ALA A 39 -11.25 2.18 0.89
N GLY A 40 -11.66 0.91 0.74
CA GLY A 40 -12.64 0.57 -0.28
C GLY A 40 -12.78 -0.92 -0.46
N ASP A 41 -12.16 -1.46 -1.50
CA ASP A 41 -12.23 -2.89 -1.78
C ASP A 41 -10.84 -3.43 -2.12
N VAL A 42 -10.53 -4.61 -1.58
CA VAL A 42 -9.24 -5.25 -1.82
C VAL A 42 -9.35 -6.31 -2.91
N CYS A 43 -8.27 -6.48 -3.66
CA CYS A 43 -8.24 -7.46 -4.74
C CYS A 43 -7.20 -8.54 -4.47
N TYR A 44 -6.23 -8.21 -3.63
CA TYR A 44 -5.17 -9.15 -3.29
C TYR A 44 -4.62 -8.87 -1.88
N ALA A 45 -4.36 -9.93 -1.13
CA ALA A 45 -3.84 -9.80 0.22
C ALA A 45 -2.84 -10.90 0.52
N ASP A 46 -1.76 -10.55 1.23
CA ASP A 46 -0.73 -11.51 1.59
C ASP A 46 0.23 -10.92 2.62
N VAL A 47 0.63 -11.74 3.59
CA VAL A 47 1.55 -11.30 4.64
C VAL A 47 2.77 -12.20 4.71
N TYR A 48 3.81 -11.72 5.38
CA TYR A 48 5.04 -12.48 5.53
C TYR A 48 5.38 -12.70 7.00
N ARG A 49 6.23 -13.68 7.26
CA ARG A 49 6.65 -13.99 8.63
C ARG A 49 7.75 -13.05 9.10
N ASP A 50 7.91 -11.94 8.40
CA ASP A 50 8.94 -10.96 8.74
C ASP A 50 8.30 -9.62 9.12
N GLY A 51 7.05 -9.67 9.56
CA GLY A 51 6.35 -8.45 9.94
C GLY A 51 6.06 -7.55 8.76
N THR A 52 5.89 -8.16 7.59
CA THR A 52 5.61 -7.40 6.37
C THR A 52 4.38 -7.94 5.67
N GLY A 53 3.95 -7.24 4.62
CA GLY A 53 2.78 -7.66 3.88
C GLY A 53 2.57 -6.86 2.61
N VAL A 54 1.59 -7.26 1.81
CA VAL A 54 1.30 -6.57 0.56
C VAL A 54 -0.19 -6.67 0.21
N VAL A 55 -0.76 -5.56 -0.26
CA VAL A 55 -2.16 -5.54 -0.64
C VAL A 55 -2.36 -4.83 -1.98
N GLU A 56 -3.38 -5.28 -2.72
CA GLU A 56 -3.67 -4.71 -4.02
C GLU A 56 -5.13 -4.28 -4.12
N PHE A 57 -5.37 -2.96 -4.08
CA PHE A 57 -6.72 -2.43 -4.16
C PHE A 57 -7.23 -2.47 -5.59
N VAL A 58 -8.39 -3.12 -5.78
CA VAL A 58 -9.00 -3.23 -7.10
C VAL A 58 -9.07 -1.87 -7.79
N ARG A 59 -9.27 -0.83 -6.99
CA ARG A 59 -9.37 0.53 -7.53
C ARG A 59 -8.32 1.43 -6.89
N LYS A 60 -7.34 1.86 -7.68
CA LYS A 60 -6.29 2.73 -7.20
C LYS A 60 -6.84 3.75 -6.21
N GLU A 61 -8.00 4.31 -6.52
CA GLU A 61 -8.63 5.29 -5.65
C GLU A 61 -8.46 4.93 -4.18
N ASP A 62 -8.80 3.69 -3.84
CA ASP A 62 -8.68 3.20 -2.47
C ASP A 62 -7.22 3.13 -2.05
N MET A 63 -6.35 2.78 -3.00
CA MET A 63 -4.93 2.67 -2.72
C MET A 63 -4.34 4.02 -2.32
N THR A 64 -4.62 5.04 -3.12
CA THR A 64 -4.12 6.39 -2.85
C THR A 64 -4.70 6.93 -1.55
N TYR A 65 -5.84 6.39 -1.14
CA TYR A 65 -6.51 6.82 0.08
C TYR A 65 -5.93 6.10 1.30
N ALA A 66 -5.68 4.81 1.14
CA ALA A 66 -5.12 4.01 2.22
C ALA A 66 -3.75 4.51 2.64
N VAL A 67 -2.92 4.84 1.66
CA VAL A 67 -1.57 5.34 1.92
C VAL A 67 -1.63 6.72 2.58
N ARG A 68 -2.76 7.39 2.44
CA ARG A 68 -2.94 8.72 3.02
C ARG A 68 -3.50 8.63 4.43
N LYS A 69 -4.55 7.84 4.59
CA LYS A 69 -5.18 7.66 5.90
C LYS A 69 -4.66 6.41 6.59
N LEU A 70 -4.64 5.30 5.85
CA LEU A 70 -4.15 4.04 6.40
C LEU A 70 -2.64 3.92 6.26
N ASP A 71 -1.92 4.88 6.83
CA ASP A 71 -0.46 4.89 6.77
C ASP A 71 0.14 5.21 8.14
N ASN A 72 0.95 4.28 8.64
CA ASN A 72 1.59 4.47 9.95
C ASN A 72 0.55 4.51 11.06
N THR A 73 -0.43 3.62 10.98
CA THR A 73 -1.49 3.56 11.98
C THR A 73 -1.39 2.27 12.80
N LYS A 74 -2.05 2.26 13.95
CA LYS A 74 -2.03 1.09 14.84
C LYS A 74 -3.02 0.03 14.34
N PHE A 75 -2.49 -1.08 13.84
CA PHE A 75 -3.31 -2.17 13.34
C PHE A 75 -3.55 -3.22 14.42
N ARG A 76 -4.74 -3.81 14.41
CA ARG A 76 -5.09 -4.82 15.40
C ARG A 76 -5.30 -6.18 14.72
N SER A 77 -4.82 -7.23 15.36
CA SER A 77 -4.95 -8.58 14.82
C SER A 77 -6.11 -9.32 15.47
N HIS A 78 -6.47 -10.47 14.91
CA HIS A 78 -7.57 -11.27 15.44
C HIS A 78 -7.27 -11.74 16.87
N GLU A 79 -6.00 -11.59 17.27
CA GLU A 79 -5.58 -11.99 18.61
C GLU A 79 -5.72 -10.84 19.60
N GLY A 80 -6.13 -9.68 19.09
CA GLY A 80 -6.30 -8.52 19.93
C GLY A 80 -5.02 -7.72 20.08
N GLU A 81 -3.94 -8.20 19.46
CA GLU A 81 -2.66 -7.53 19.52
C GLU A 81 -2.66 -6.27 18.65
N THR A 82 -1.95 -5.24 19.11
CA THR A 82 -1.88 -3.98 18.39
C THR A 82 -0.45 -3.68 17.96
N ALA A 83 -0.28 -3.25 16.71
CA ALA A 83 1.03 -2.91 16.18
C ALA A 83 0.94 -1.89 15.06
N TYR A 84 1.81 -0.88 15.11
CA TYR A 84 1.82 0.17 14.11
C TYR A 84 2.36 -0.35 12.78
N ILE A 85 1.59 -0.15 11.71
CA ILE A 85 2.00 -0.59 10.39
C ILE A 85 2.12 0.58 9.41
N ARG A 86 2.97 0.43 8.40
CA ARG A 86 3.18 1.48 7.42
C ARG A 86 2.71 1.02 6.04
N VAL A 87 2.09 1.93 5.30
CA VAL A 87 1.59 1.62 3.96
C VAL A 87 2.12 2.62 2.94
N LYS A 88 2.52 2.10 1.78
CA LYS A 88 3.05 2.94 0.71
C LYS A 88 2.82 2.29 -0.65
N VAL A 89 2.61 3.13 -1.67
CA VAL A 89 2.38 2.64 -3.02
C VAL A 89 3.62 1.94 -3.57
N ASP A 90 3.49 0.66 -3.90
CA ASP A 90 4.60 -0.12 -4.43
C ASP A 90 5.25 0.61 -5.59
N GLY A 91 6.57 0.75 -5.53
CA GLY A 91 7.31 1.43 -6.58
C GLY A 91 7.86 0.47 -7.62
N PRO A 92 8.46 1.02 -8.68
CA PRO A 92 9.03 0.23 -9.77
C PRO A 92 10.28 -0.54 -9.33
N ARG A 93 10.43 -1.75 -9.84
CA ARG A 93 11.58 -2.59 -9.50
C ARG A 93 12.69 -2.44 -10.54
N SER A 94 12.31 -2.52 -11.82
CA SER A 94 13.27 -2.41 -12.91
C SER A 94 14.04 -1.10 -12.81
N PRO A 95 15.33 -1.14 -13.18
CA PRO A 95 16.20 0.03 -13.15
C PRO A 95 15.83 1.07 -14.20
N SER A 96 15.47 2.27 -13.76
CA SER A 96 15.09 3.34 -14.66
C SER A 96 15.54 4.69 -14.13
N TYR A 97 16.44 5.34 -14.86
CA TYR A 97 16.96 6.64 -14.45
C TYR A 97 17.19 7.54 -15.66
N GLY A 98 17.94 7.03 -16.63
CA GLY A 98 18.22 7.80 -17.83
C GLY A 98 19.04 9.05 -17.55
N ARG A 99 18.90 10.06 -18.41
CA ARG A 99 19.63 11.30 -18.24
C ARG A 99 18.69 12.42 -17.80
N SER A 100 17.72 12.75 -18.64
CA SER A 100 16.76 13.81 -18.33
C SER A 100 17.43 15.18 -18.38
N ARG A 101 17.23 15.89 -19.49
CA ARG A 101 17.82 17.21 -19.66
C ARG A 101 16.98 18.05 -20.62
N SER A 102 17.01 19.37 -20.41
CA SER A 102 16.24 20.28 -21.25
C SER A 102 16.42 21.73 -20.78
N SER A 103 17.18 22.49 -21.55
CA SER A 103 17.44 23.89 -21.20
C SER A 103 18.13 24.61 -22.37
N GLY A 104 17.68 25.84 -22.63
CA GLY A 104 18.26 26.62 -23.72
C GLY A 104 18.17 28.10 -23.46
N PRO A 105 19.19 28.85 -23.93
CA PRO A 105 19.25 30.30 -23.77
C PRO A 105 18.20 31.03 -24.61
N SER A 106 17.38 31.83 -23.96
CA SER A 106 16.33 32.57 -24.64
C SER A 106 16.07 33.91 -23.94
N SER A 107 16.18 35.00 -24.71
CA SER A 107 15.95 36.33 -24.16
C SER A 107 15.04 37.14 -25.07
N GLY A 108 14.07 37.82 -24.47
CA GLY A 108 13.15 38.63 -25.25
C GLY A 108 12.51 37.86 -26.39
N GLY A 1 -10.10 -24.89 -0.01
CA GLY A 1 -10.40 -25.13 -1.41
C GLY A 1 -11.89 -25.12 -1.69
N SER A 2 -12.26 -24.76 -2.91
CA SER A 2 -13.67 -24.71 -3.30
C SER A 2 -13.80 -24.65 -4.83
N SER A 3 -14.49 -25.63 -5.39
CA SER A 3 -14.69 -25.69 -6.83
C SER A 3 -13.45 -25.22 -7.57
N GLY A 4 -12.55 -26.17 -7.87
CA GLY A 4 -11.32 -25.83 -8.58
C GLY A 4 -10.31 -25.14 -7.69
N SER A 5 -9.07 -25.62 -7.73
CA SER A 5 -8.01 -25.05 -6.92
C SER A 5 -7.45 -23.78 -7.55
N SER A 6 -7.13 -22.79 -6.72
CA SER A 6 -6.60 -21.53 -7.21
C SER A 6 -5.63 -20.93 -6.19
N GLY A 7 -4.34 -20.98 -6.51
CA GLY A 7 -3.33 -20.45 -5.62
C GLY A 7 -1.93 -20.65 -6.15
N GLY A 8 -1.03 -19.71 -5.83
CA GLY A 8 0.35 -19.81 -6.29
C GLY A 8 1.10 -18.50 -6.15
N PRO A 9 2.21 -18.38 -6.88
CA PRO A 9 3.05 -17.17 -6.85
C PRO A 9 2.36 -15.98 -7.52
N PRO A 10 2.71 -14.76 -7.05
CA PRO A 10 2.14 -13.53 -7.59
C PRO A 10 2.62 -13.24 -9.01
N SER A 11 1.93 -12.32 -9.68
CA SER A 11 2.29 -11.96 -11.05
C SER A 11 2.50 -10.45 -11.18
N ARG A 12 3.75 -10.05 -11.33
CA ARG A 12 4.09 -8.63 -11.46
C ARG A 12 3.74 -7.87 -10.17
N ARG A 13 4.16 -6.61 -10.11
CA ARG A 13 3.89 -5.78 -8.95
C ARG A 13 2.59 -4.99 -9.12
N SER A 14 2.02 -5.08 -10.31
CA SER A 14 0.77 -4.38 -10.62
C SER A 14 0.99 -2.86 -10.58
N GLU A 15 -0.11 -2.12 -10.57
CA GLU A 15 -0.05 -0.67 -10.54
C GLU A 15 -0.63 -0.13 -9.24
N ASN A 16 -1.72 -0.73 -8.79
CA ASN A 16 -2.39 -0.31 -7.56
C ASN A 16 -2.05 -1.25 -6.41
N ARG A 17 -0.76 -1.42 -6.15
CA ARG A 17 -0.31 -2.29 -5.08
C ARG A 17 0.54 -1.51 -4.06
N VAL A 18 0.30 -1.78 -2.79
CA VAL A 18 1.04 -1.11 -1.72
C VAL A 18 1.75 -2.11 -0.82
N VAL A 19 2.83 -1.67 -0.18
CA VAL A 19 3.61 -2.53 0.70
C VAL A 19 3.29 -2.24 2.16
N VAL A 20 3.31 -3.28 3.00
CA VAL A 20 3.03 -3.13 4.42
C VAL A 20 4.21 -3.57 5.25
N SER A 21 4.39 -2.91 6.41
CA SER A 21 5.50 -3.24 7.30
C SER A 21 5.10 -3.01 8.76
N GLY A 22 5.92 -3.52 9.67
CA GLY A 22 5.63 -3.37 11.09
C GLY A 22 4.45 -4.20 11.53
N LEU A 23 4.19 -5.30 10.82
CA LEU A 23 3.08 -6.18 11.15
C LEU A 23 3.42 -7.05 12.34
N PRO A 24 2.41 -7.33 13.19
CA PRO A 24 2.58 -8.16 14.38
C PRO A 24 2.82 -9.63 14.04
N PRO A 25 3.38 -10.37 15.00
CA PRO A 25 3.68 -11.80 14.83
C PRO A 25 2.41 -12.64 14.78
N SER A 26 1.26 -11.99 14.95
CA SER A 26 -0.01 -12.70 14.93
C SER A 26 -0.96 -12.05 13.92
N GLY A 27 -0.41 -11.25 13.02
CA GLY A 27 -1.22 -10.58 12.02
C GLY A 27 -1.26 -11.35 10.71
N SER A 28 -2.43 -11.90 10.38
CA SER A 28 -2.59 -12.66 9.15
C SER A 28 -3.26 -11.81 8.06
N TRP A 29 -3.01 -12.16 6.80
CA TRP A 29 -3.59 -11.44 5.68
C TRP A 29 -5.08 -11.21 5.89
N GLN A 30 -5.78 -12.26 6.33
CA GLN A 30 -7.21 -12.17 6.57
C GLN A 30 -7.54 -11.01 7.49
N ASP A 31 -6.61 -10.68 8.38
CA ASP A 31 -6.81 -9.58 9.32
C ASP A 31 -6.32 -8.27 8.73
N LEU A 32 -5.16 -8.31 8.07
CA LEU A 32 -4.59 -7.11 7.46
C LEU A 32 -5.58 -6.48 6.48
N LYS A 33 -5.95 -7.24 5.45
CA LYS A 33 -6.88 -6.75 4.45
C LYS A 33 -8.10 -6.11 5.10
N ASP A 34 -8.68 -6.81 6.07
CA ASP A 34 -9.85 -6.30 6.77
C ASP A 34 -9.62 -4.88 7.28
N HIS A 35 -8.36 -4.57 7.56
CA HIS A 35 -8.00 -3.23 8.05
C HIS A 35 -7.75 -2.28 6.89
N MET A 36 -7.50 -2.83 5.71
CA MET A 36 -7.24 -2.03 4.52
C MET A 36 -8.56 -1.69 3.80
N ARG A 37 -9.62 -2.41 4.16
CA ARG A 37 -10.92 -2.20 3.54
C ARG A 37 -11.38 -0.76 3.74
N GLU A 38 -10.89 -0.13 4.80
CA GLU A 38 -11.25 1.26 5.10
C GLU A 38 -11.10 2.14 3.87
N ALA A 39 -10.27 1.70 2.92
CA ALA A 39 -10.04 2.44 1.69
C ALA A 39 -11.14 2.17 0.67
N GLY A 40 -11.55 0.92 0.57
CA GLY A 40 -12.59 0.55 -0.37
C GLY A 40 -12.75 -0.96 -0.51
N ASP A 41 -12.13 -1.52 -1.53
CA ASP A 41 -12.20 -2.96 -1.77
C ASP A 41 -10.82 -3.54 -2.04
N VAL A 42 -10.56 -4.72 -1.49
CA VAL A 42 -9.28 -5.38 -1.67
C VAL A 42 -9.36 -6.46 -2.74
N CYS A 43 -8.35 -6.49 -3.61
CA CYS A 43 -8.30 -7.47 -4.69
C CYS A 43 -7.32 -8.59 -4.37
N TYR A 44 -6.27 -8.25 -3.63
CA TYR A 44 -5.25 -9.23 -3.27
C TYR A 44 -4.64 -8.89 -1.90
N ALA A 45 -4.40 -9.92 -1.10
CA ALA A 45 -3.83 -9.75 0.23
C ALA A 45 -2.88 -10.90 0.58
N ASP A 46 -1.78 -10.56 1.23
CA ASP A 46 -0.79 -11.56 1.62
C ASP A 46 0.20 -10.98 2.62
N VAL A 47 0.62 -11.81 3.57
CA VAL A 47 1.57 -11.39 4.60
C VAL A 47 2.70 -12.39 4.75
N TYR A 48 3.88 -11.89 5.13
CA TYR A 48 5.04 -12.75 5.32
C TYR A 48 5.45 -12.81 6.78
N ARG A 49 6.20 -13.86 7.15
CA ARG A 49 6.65 -14.03 8.51
C ARG A 49 7.84 -13.12 8.81
N ASP A 50 7.67 -11.84 8.53
CA ASP A 50 8.73 -10.85 8.77
C ASP A 50 8.14 -9.48 9.08
N GLY A 51 6.89 -9.47 9.54
CA GLY A 51 6.23 -8.22 9.86
C GLY A 51 5.93 -7.38 8.63
N THR A 52 5.81 -8.04 7.48
CA THR A 52 5.52 -7.35 6.23
C THR A 52 4.33 -7.98 5.52
N GLY A 53 3.74 -7.22 4.60
CA GLY A 53 2.59 -7.72 3.86
C GLY A 53 2.26 -6.85 2.66
N VAL A 54 1.83 -7.50 1.58
CA VAL A 54 1.48 -6.78 0.35
C VAL A 54 -0.02 -6.82 0.11
N VAL A 55 -0.55 -5.75 -0.48
CA VAL A 55 -1.96 -5.66 -0.77
C VAL A 55 -2.22 -4.93 -2.09
N GLU A 56 -3.31 -5.28 -2.76
CA GLU A 56 -3.65 -4.66 -4.03
C GLU A 56 -5.14 -4.26 -4.06
N PHE A 57 -5.40 -2.97 -4.05
CA PHE A 57 -6.77 -2.46 -4.07
C PHE A 57 -7.32 -2.45 -5.49
N VAL A 58 -8.40 -3.18 -5.71
CA VAL A 58 -9.03 -3.25 -7.02
C VAL A 58 -9.15 -1.87 -7.66
N ARG A 59 -9.40 -0.87 -6.82
CA ARG A 59 -9.54 0.51 -7.30
C ARG A 59 -8.38 1.37 -6.80
N LYS A 60 -7.66 1.99 -7.74
CA LYS A 60 -6.54 2.84 -7.40
C LYS A 60 -6.92 3.85 -6.31
N GLU A 61 -8.04 4.53 -6.52
CA GLU A 61 -8.51 5.52 -5.56
C GLU A 61 -8.36 5.00 -4.13
N ASP A 62 -8.70 3.74 -3.93
CA ASP A 62 -8.61 3.12 -2.61
C ASP A 62 -7.15 2.97 -2.19
N MET A 63 -6.27 2.76 -3.15
CA MET A 63 -4.85 2.60 -2.88
C MET A 63 -4.23 3.92 -2.45
N THR A 64 -4.50 4.98 -3.22
CA THR A 64 -3.97 6.29 -2.92
C THR A 64 -4.57 6.85 -1.63
N TYR A 65 -5.71 6.31 -1.24
CA TYR A 65 -6.40 6.76 -0.02
C TYR A 65 -5.85 6.02 1.20
N ALA A 66 -5.50 4.75 1.02
CA ALA A 66 -4.97 3.94 2.11
C ALA A 66 -3.62 4.46 2.57
N VAL A 67 -2.79 4.87 1.61
CA VAL A 67 -1.46 5.39 1.92
C VAL A 67 -1.55 6.75 2.59
N ARG A 68 -2.69 7.41 2.44
CA ARG A 68 -2.89 8.72 3.03
C ARG A 68 -3.49 8.60 4.43
N LYS A 69 -4.58 7.86 4.54
CA LYS A 69 -5.25 7.66 5.83
C LYS A 69 -4.71 6.41 6.52
N LEU A 70 -4.66 5.31 5.79
CA LEU A 70 -4.16 4.05 6.34
C LEU A 70 -2.65 3.94 6.18
N ASP A 71 -1.93 4.92 6.73
CA ASP A 71 -0.48 4.92 6.66
C ASP A 71 0.13 5.30 8.01
N ASN A 72 0.67 4.30 8.70
CA ASN A 72 1.28 4.51 10.01
C ASN A 72 0.23 4.54 11.11
N THR A 73 -0.73 3.60 11.03
CA THR A 73 -1.79 3.52 12.01
C THR A 73 -1.66 2.25 12.86
N LYS A 74 -2.38 2.20 13.97
CA LYS A 74 -2.35 1.06 14.86
C LYS A 74 -3.27 -0.06 14.35
N PHE A 75 -2.67 -1.18 13.95
CA PHE A 75 -3.43 -2.31 13.43
C PHE A 75 -3.57 -3.39 14.50
N ARG A 76 -4.75 -3.99 14.58
CA ARG A 76 -5.01 -5.05 15.56
C ARG A 76 -5.31 -6.37 14.86
N SER A 77 -4.75 -7.45 15.38
CA SER A 77 -4.94 -8.77 14.81
C SER A 77 -6.15 -9.47 15.44
N HIS A 78 -6.37 -10.72 15.07
CA HIS A 78 -7.49 -11.49 15.60
C HIS A 78 -7.20 -11.96 17.02
N GLU A 79 -5.92 -12.00 17.38
CA GLU A 79 -5.52 -12.43 18.71
C GLU A 79 -5.66 -11.30 19.72
N GLY A 80 -5.89 -10.09 19.21
CA GLY A 80 -6.04 -8.93 20.08
C GLY A 80 -4.76 -8.14 20.21
N GLU A 81 -3.75 -8.50 19.43
CA GLU A 81 -2.46 -7.82 19.46
C GLU A 81 -2.49 -6.57 18.57
N THR A 82 -1.88 -5.49 19.06
CA THR A 82 -1.84 -4.24 18.32
C THR A 82 -0.42 -3.92 17.86
N ALA A 83 -0.30 -3.28 16.70
CA ALA A 83 1.00 -2.93 16.15
C ALA A 83 0.86 -1.89 15.03
N TYR A 84 1.69 -0.85 15.09
CA TYR A 84 1.66 0.19 14.08
C TYR A 84 2.25 -0.29 12.76
N ILE A 85 1.48 -0.15 11.69
CA ILE A 85 1.92 -0.57 10.37
C ILE A 85 2.07 0.62 9.42
N ARG A 86 3.01 0.53 8.50
CA ARG A 86 3.26 1.60 7.54
C ARG A 86 2.90 1.16 6.13
N VAL A 87 2.02 1.91 5.48
CA VAL A 87 1.59 1.59 4.13
C VAL A 87 2.12 2.62 3.13
N LYS A 88 2.53 2.13 1.96
CA LYS A 88 3.06 3.00 0.92
C LYS A 88 2.82 2.41 -0.47
N VAL A 89 2.65 3.29 -1.45
CA VAL A 89 2.41 2.85 -2.83
C VAL A 89 3.63 2.13 -3.39
N ASP A 90 3.44 0.86 -3.76
CA ASP A 90 4.53 0.06 -4.31
C ASP A 90 5.19 0.79 -5.48
N GLY A 91 6.48 0.50 -5.68
CA GLY A 91 7.21 1.14 -6.77
C GLY A 91 8.45 1.86 -6.28
N PRO A 92 9.13 2.56 -7.20
CA PRO A 92 10.35 3.31 -6.88
C PRO A 92 10.07 4.53 -6.02
N ARG A 93 8.81 4.71 -5.65
CA ARG A 93 8.40 5.85 -4.81
C ARG A 93 8.49 7.15 -5.60
N SER A 94 7.93 8.21 -5.03
CA SER A 94 7.93 9.51 -5.68
C SER A 94 7.45 9.41 -7.12
N PRO A 95 6.12 9.38 -7.29
CA PRO A 95 5.48 9.28 -8.61
C PRO A 95 5.65 10.55 -9.43
N SER A 96 6.38 11.52 -8.87
CA SER A 96 6.61 12.79 -9.55
C SER A 96 8.10 13.04 -9.74
N TYR A 97 8.47 13.55 -10.91
CA TYR A 97 9.87 13.84 -11.21
C TYR A 97 10.30 15.16 -10.60
N GLY A 98 11.21 15.07 -9.63
CA GLY A 98 11.70 16.27 -8.96
C GLY A 98 12.39 17.23 -9.92
N ARG A 99 12.55 18.47 -9.49
CA ARG A 99 13.19 19.49 -10.32
C ARG A 99 14.00 20.45 -9.47
N SER A 100 14.91 21.17 -10.10
CA SER A 100 15.76 22.13 -9.40
C SER A 100 15.43 23.55 -9.82
N ARG A 101 15.60 24.50 -8.90
CA ARG A 101 15.31 25.91 -9.17
C ARG A 101 15.77 26.28 -10.57
N SER A 102 14.95 27.07 -11.26
CA SER A 102 15.27 27.51 -12.62
C SER A 102 14.89 28.97 -12.83
N SER A 103 15.85 29.86 -12.63
CA SER A 103 15.62 31.29 -12.78
C SER A 103 15.27 31.63 -14.24
N GLY A 104 14.38 32.60 -14.41
CA GLY A 104 13.97 33.00 -15.74
C GLY A 104 13.29 34.35 -15.76
N PRO A 105 14.10 35.42 -15.73
CA PRO A 105 13.58 36.80 -15.74
C PRO A 105 12.97 37.18 -17.08
N SER A 106 12.72 38.47 -17.27
CA SER A 106 12.13 38.97 -18.51
C SER A 106 12.04 40.49 -18.50
N SER A 107 11.61 41.04 -17.37
CA SER A 107 11.47 42.48 -17.23
C SER A 107 11.13 42.86 -15.79
N GLY A 108 10.04 42.32 -15.28
CA GLY A 108 9.63 42.61 -13.92
C GLY A 108 8.14 42.37 -13.71
N GLY A 1 -5.17 -22.08 -0.45
CA GLY A 1 -4.27 -21.01 -0.79
C GLY A 1 -2.81 -21.46 -0.78
N SER A 2 -2.10 -21.19 -1.86
CA SER A 2 -0.70 -21.57 -1.98
C SER A 2 -0.13 -21.14 -3.32
N SER A 3 -0.75 -21.60 -4.40
CA SER A 3 -0.30 -21.27 -5.75
C SER A 3 -0.20 -19.76 -5.92
N GLY A 4 0.64 -19.33 -6.88
CA GLY A 4 0.80 -17.91 -7.13
C GLY A 4 2.25 -17.49 -7.14
N SER A 5 2.76 -17.09 -5.97
CA SER A 5 4.15 -16.66 -5.86
C SER A 5 4.48 -15.61 -6.90
N SER A 6 5.71 -15.10 -6.86
CA SER A 6 6.16 -14.09 -7.80
C SER A 6 7.01 -14.71 -8.91
N GLY A 7 7.25 -13.95 -9.96
CA GLY A 7 8.04 -14.43 -11.08
C GLY A 7 8.10 -13.45 -12.22
N GLY A 8 7.02 -13.38 -12.99
CA GLY A 8 6.97 -12.47 -14.12
C GLY A 8 7.47 -11.08 -13.77
N PRO A 9 7.80 -10.29 -14.80
CA PRO A 9 8.31 -8.92 -14.63
C PRO A 9 7.24 -7.97 -14.13
N PRO A 10 7.66 -6.80 -13.61
CA PRO A 10 6.75 -5.78 -13.08
C PRO A 10 5.94 -5.11 -14.19
N SER A 11 4.83 -4.49 -13.81
CA SER A 11 3.96 -3.81 -14.76
C SER A 11 4.06 -2.29 -14.60
N ARG A 12 3.99 -1.59 -15.72
CA ARG A 12 4.07 -0.13 -15.70
C ARG A 12 2.79 0.48 -15.16
N ARG A 13 2.89 1.72 -14.66
CA ARG A 13 1.73 2.41 -14.11
C ARG A 13 1.24 1.72 -12.84
N SER A 14 1.96 0.67 -12.42
CA SER A 14 1.60 -0.08 -11.23
C SER A 14 0.22 -0.72 -11.40
N GLU A 15 -0.07 -1.70 -10.54
CA GLU A 15 -1.34 -2.40 -10.58
C GLU A 15 -2.15 -2.15 -9.31
N ASN A 16 -1.93 -1.00 -8.69
CA ASN A 16 -2.64 -0.64 -7.48
C ASN A 16 -2.19 -1.53 -6.31
N ARG A 17 -0.88 -1.73 -6.21
CA ARG A 17 -0.33 -2.55 -5.14
C ARG A 17 0.48 -1.71 -4.16
N VAL A 18 0.33 -2.01 -2.87
CA VAL A 18 1.05 -1.27 -1.83
C VAL A 18 1.77 -2.23 -0.88
N VAL A 19 2.82 -1.72 -0.23
CA VAL A 19 3.59 -2.53 0.70
C VAL A 19 3.28 -2.14 2.15
N VAL A 20 3.35 -3.13 3.04
CA VAL A 20 3.07 -2.90 4.45
C VAL A 20 4.23 -3.37 5.32
N SER A 21 4.36 -2.77 6.50
CA SER A 21 5.43 -3.14 7.43
C SER A 21 5.00 -2.91 8.88
N GLY A 22 5.76 -3.47 9.81
CA GLY A 22 5.43 -3.31 11.22
C GLY A 22 4.30 -4.23 11.65
N LEU A 23 4.12 -5.33 10.94
CA LEU A 23 3.06 -6.28 11.25
C LEU A 23 3.49 -7.21 12.39
N PRO A 24 2.53 -7.57 13.25
CA PRO A 24 2.79 -8.46 14.38
C PRO A 24 3.06 -9.89 13.95
N PRO A 25 3.52 -10.72 14.90
CA PRO A 25 3.83 -12.13 14.63
C PRO A 25 2.58 -12.96 14.39
N SER A 26 1.50 -12.63 15.10
CA SER A 26 0.24 -13.34 14.96
C SER A 26 -0.61 -12.75 13.83
N GLY A 27 -0.26 -11.53 13.43
CA GLY A 27 -1.00 -10.87 12.36
C GLY A 27 -1.12 -11.72 11.12
N SER A 28 -2.29 -11.72 10.52
CA SER A 28 -2.54 -12.51 9.31
C SER A 28 -3.19 -11.66 8.22
N TRP A 29 -3.15 -12.15 6.99
CA TRP A 29 -3.74 -11.44 5.86
C TRP A 29 -5.21 -11.14 6.12
N GLN A 30 -5.95 -12.17 6.53
CA GLN A 30 -7.38 -12.01 6.80
C GLN A 30 -7.65 -10.74 7.61
N ASP A 31 -6.66 -10.32 8.38
CA ASP A 31 -6.78 -9.11 9.20
C ASP A 31 -6.35 -7.89 8.42
N LEU A 32 -5.10 -7.88 7.96
CA LEU A 32 -4.56 -6.76 7.20
C LEU A 32 -5.61 -6.21 6.23
N LYS A 33 -6.20 -7.10 5.45
CA LYS A 33 -7.22 -6.72 4.48
C LYS A 33 -8.35 -5.93 5.15
N ASP A 34 -8.77 -6.41 6.31
CA ASP A 34 -9.84 -5.74 7.06
C ASP A 34 -9.51 -4.27 7.29
N HIS A 35 -8.28 -4.01 7.74
CA HIS A 35 -7.84 -2.65 8.01
C HIS A 35 -7.68 -1.87 6.71
N MET A 36 -7.24 -2.56 5.66
CA MET A 36 -7.05 -1.93 4.36
C MET A 36 -8.38 -1.64 3.69
N ARG A 37 -9.42 -2.40 4.06
CA ARG A 37 -10.74 -2.23 3.49
C ARG A 37 -11.20 -0.77 3.63
N GLU A 38 -10.92 -0.17 4.78
CA GLU A 38 -11.30 1.21 5.03
C GLU A 38 -11.10 2.07 3.78
N ALA A 39 -10.16 1.66 2.94
CA ALA A 39 -9.86 2.39 1.71
C ALA A 39 -10.92 2.12 0.64
N GLY A 40 -11.32 0.86 0.52
CA GLY A 40 -12.31 0.48 -0.46
C GLY A 40 -12.45 -1.02 -0.62
N ASP A 41 -12.10 -1.53 -1.79
CA ASP A 41 -12.19 -2.96 -2.06
C ASP A 41 -10.80 -3.56 -2.25
N VAL A 42 -10.57 -4.71 -1.63
CA VAL A 42 -9.29 -5.39 -1.73
C VAL A 42 -9.31 -6.47 -2.81
N CYS A 43 -8.20 -6.62 -3.52
CA CYS A 43 -8.09 -7.61 -4.58
C CYS A 43 -7.08 -8.68 -4.22
N TYR A 44 -6.03 -8.28 -3.50
CA TYR A 44 -4.98 -9.21 -3.10
C TYR A 44 -4.51 -8.90 -1.67
N ALA A 45 -4.38 -9.96 -0.87
CA ALA A 45 -3.94 -9.81 0.51
C ALA A 45 -3.12 -11.02 0.96
N ASP A 46 -1.96 -10.77 1.52
CA ASP A 46 -1.08 -11.84 1.99
C ASP A 46 0.05 -11.28 2.85
N VAL A 47 0.33 -11.94 3.97
CA VAL A 47 1.38 -11.52 4.88
C VAL A 47 2.62 -12.39 4.74
N TYR A 48 3.74 -11.93 5.28
CA TYR A 48 4.99 -12.67 5.21
C TYR A 48 5.53 -12.95 6.61
N ARG A 49 6.42 -13.94 6.71
CA ARG A 49 7.02 -14.30 7.99
C ARG A 49 8.16 -13.36 8.35
N ASP A 50 7.80 -12.17 8.86
CA ASP A 50 8.79 -11.18 9.24
C ASP A 50 8.12 -9.90 9.74
N GLY A 51 6.90 -9.66 9.25
CA GLY A 51 6.17 -8.46 9.65
C GLY A 51 5.91 -7.52 8.49
N THR A 52 5.76 -8.09 7.30
CA THR A 52 5.51 -7.30 6.10
C THR A 52 4.43 -7.94 5.23
N GLY A 53 3.59 -7.12 4.64
CA GLY A 53 2.52 -7.62 3.78
C GLY A 53 2.27 -6.74 2.58
N VAL A 54 1.60 -7.29 1.57
CA VAL A 54 1.30 -6.54 0.36
C VAL A 54 -0.18 -6.65 0.00
N VAL A 55 -0.81 -5.51 -0.25
CA VAL A 55 -2.23 -5.48 -0.60
C VAL A 55 -2.46 -4.69 -1.89
N GLU A 56 -3.29 -5.23 -2.77
CA GLU A 56 -3.58 -4.58 -4.04
C GLU A 56 -5.06 -4.18 -4.11
N PHE A 57 -5.30 -2.88 -4.18
CA PHE A 57 -6.66 -2.36 -4.26
C PHE A 57 -7.17 -2.35 -5.69
N VAL A 58 -8.25 -3.09 -5.94
CA VAL A 58 -8.83 -3.17 -7.27
C VAL A 58 -9.03 -1.78 -7.86
N ARG A 59 -9.28 -0.80 -7.01
CA ARG A 59 -9.49 0.58 -7.45
C ARG A 59 -8.39 1.49 -6.91
N LYS A 60 -7.52 1.94 -7.80
CA LYS A 60 -6.42 2.82 -7.41
C LYS A 60 -6.88 3.86 -6.40
N GLU A 61 -8.00 4.52 -6.70
CA GLU A 61 -8.56 5.53 -5.82
C GLU A 61 -8.43 5.10 -4.35
N ASP A 62 -8.76 3.85 -4.09
CA ASP A 62 -8.69 3.32 -2.73
C ASP A 62 -7.23 3.19 -2.28
N MET A 63 -6.36 2.83 -3.20
CA MET A 63 -4.94 2.66 -2.90
C MET A 63 -4.34 3.98 -2.44
N THR A 64 -4.50 5.03 -3.25
CA THR A 64 -3.97 6.34 -2.92
C THR A 64 -4.55 6.86 -1.61
N TYR A 65 -5.80 6.52 -1.34
CA TYR A 65 -6.47 6.94 -0.12
C TYR A 65 -5.96 6.15 1.09
N ALA A 66 -5.58 4.90 0.85
CA ALA A 66 -5.07 4.05 1.91
C ALA A 66 -3.73 4.55 2.44
N VAL A 67 -2.84 4.93 1.52
CA VAL A 67 -1.53 5.44 1.89
C VAL A 67 -1.63 6.81 2.56
N ARG A 68 -2.77 7.46 2.37
CA ARG A 68 -3.01 8.78 2.95
C ARG A 68 -3.63 8.66 4.33
N LYS A 69 -4.73 7.91 4.42
CA LYS A 69 -5.42 7.71 5.69
C LYS A 69 -4.94 6.44 6.38
N LEU A 70 -4.87 5.34 5.63
CA LEU A 70 -4.42 4.07 6.18
C LEU A 70 -2.91 3.94 6.07
N ASP A 71 -2.19 4.87 6.69
CA ASP A 71 -0.74 4.86 6.67
C ASP A 71 -0.18 5.19 8.05
N ASN A 72 0.39 4.19 8.70
CA ASN A 72 0.97 4.38 10.03
C ASN A 72 -0.12 4.38 11.10
N THR A 73 -1.06 3.46 10.98
CA THR A 73 -2.16 3.35 11.94
C THR A 73 -2.03 2.09 12.79
N LYS A 74 -2.64 2.11 13.97
CA LYS A 74 -2.60 0.97 14.88
C LYS A 74 -3.43 -0.18 14.34
N PHE A 75 -2.77 -1.28 13.99
CA PHE A 75 -3.45 -2.46 13.47
C PHE A 75 -3.53 -3.57 14.53
N ARG A 76 -4.72 -4.13 14.70
CA ARG A 76 -4.91 -5.20 15.67
C ARG A 76 -5.25 -6.51 14.98
N SER A 77 -4.71 -7.61 15.50
CA SER A 77 -4.95 -8.93 14.92
C SER A 77 -6.01 -9.69 15.73
N HIS A 78 -6.38 -10.87 15.24
CA HIS A 78 -7.38 -11.69 15.91
C HIS A 78 -6.91 -12.11 17.30
N GLU A 79 -5.60 -12.00 17.53
CA GLU A 79 -5.02 -12.36 18.81
C GLU A 79 -5.10 -11.20 19.81
N GLY A 80 -5.69 -10.10 19.37
CA GLY A 80 -5.81 -8.94 20.23
C GLY A 80 -4.59 -8.05 20.18
N GLU A 81 -3.46 -8.60 19.74
CA GLU A 81 -2.22 -7.84 19.65
C GLU A 81 -2.39 -6.64 18.73
N THR A 82 -1.65 -5.57 19.02
CA THR A 82 -1.71 -4.36 18.22
C THR A 82 -0.32 -3.95 17.73
N ALA A 83 -0.28 -3.18 16.65
CA ALA A 83 0.99 -2.72 16.09
C ALA A 83 0.75 -1.73 14.95
N TYR A 84 1.46 -0.61 15.00
CA TYR A 84 1.33 0.43 13.98
C TYR A 84 1.96 -0.01 12.67
N ILE A 85 1.14 -0.12 11.63
CA ILE A 85 1.62 -0.54 10.32
C ILE A 85 1.67 0.65 9.35
N ARG A 86 2.64 0.61 8.45
CA ARG A 86 2.79 1.69 7.46
C ARG A 86 2.44 1.18 6.06
N VAL A 87 1.73 2.02 5.31
CA VAL A 87 1.33 1.66 3.95
C VAL A 87 1.89 2.65 2.93
N LYS A 88 2.47 2.13 1.85
CA LYS A 88 3.03 2.97 0.81
C LYS A 88 2.85 2.34 -0.57
N VAL A 89 2.73 3.17 -1.59
CA VAL A 89 2.55 2.69 -2.96
C VAL A 89 3.80 1.97 -3.46
N ASP A 90 3.64 0.73 -3.88
CA ASP A 90 4.75 -0.06 -4.39
C ASP A 90 5.57 0.73 -5.41
N GLY A 91 6.68 1.30 -4.95
CA GLY A 91 7.53 2.08 -5.83
C GLY A 91 6.88 3.38 -6.27
N PRO A 92 7.69 4.42 -6.44
CA PRO A 92 7.21 5.75 -6.86
C PRO A 92 6.73 5.76 -8.31
N ARG A 93 6.32 6.93 -8.77
CA ARG A 93 5.83 7.07 -10.14
C ARG A 93 5.46 8.52 -10.43
N SER A 94 4.66 9.11 -9.54
CA SER A 94 4.23 10.50 -9.72
C SER A 94 3.74 11.08 -8.39
N PRO A 95 4.69 11.49 -7.54
CA PRO A 95 4.38 12.07 -6.23
C PRO A 95 3.75 13.45 -6.34
N SER A 96 2.62 13.64 -5.66
CA SER A 96 1.91 14.91 -5.69
C SER A 96 1.31 15.17 -7.07
N TYR A 97 0.03 14.83 -7.22
CA TYR A 97 -0.66 15.02 -8.49
C TYR A 97 -1.54 16.26 -8.45
N GLY A 98 -2.34 16.38 -7.39
CA GLY A 98 -3.22 17.52 -7.24
C GLY A 98 -3.91 17.54 -5.89
N ARG A 99 -4.87 18.46 -5.75
CA ARG A 99 -5.61 18.59 -4.49
C ARG A 99 -6.96 17.89 -4.59
N SER A 100 -7.05 16.69 -4.00
CA SER A 100 -8.28 15.92 -4.01
C SER A 100 -8.33 14.95 -2.84
N ARG A 101 -9.51 14.85 -2.20
CA ARG A 101 -9.69 13.97 -1.06
C ARG A 101 -10.75 12.91 -1.35
N SER A 102 -11.92 13.37 -1.80
CA SER A 102 -13.03 12.47 -2.11
C SER A 102 -13.20 11.43 -1.01
N SER A 103 -14.00 11.76 -0.01
CA SER A 103 -14.25 10.86 1.11
C SER A 103 -15.75 10.76 1.40
N GLY A 104 -16.12 9.74 2.17
CA GLY A 104 -17.53 9.55 2.51
C GLY A 104 -17.72 8.50 3.58
N PRO A 105 -18.76 8.69 4.41
CA PRO A 105 -19.08 7.75 5.50
C PRO A 105 -19.59 6.42 4.99
N SER A 106 -19.91 5.51 5.92
CA SER A 106 -20.42 4.20 5.56
C SER A 106 -20.71 3.37 6.80
N SER A 107 -21.49 2.31 6.63
CA SER A 107 -21.85 1.43 7.74
C SER A 107 -22.38 0.10 7.24
N GLY A 108 -22.58 -0.84 8.16
CA GLY A 108 -23.08 -2.15 7.79
C GLY A 108 -21.97 -3.12 7.43
N GLY A 1 -4.99 -0.23 -47.64
CA GLY A 1 -5.96 -0.94 -46.81
C GLY A 1 -5.81 -0.61 -45.34
N SER A 2 -6.35 0.53 -44.93
CA SER A 2 -6.27 0.96 -43.53
C SER A 2 -4.82 1.23 -43.13
N SER A 3 -4.64 1.90 -42.00
CA SER A 3 -3.31 2.22 -41.51
C SER A 3 -2.90 1.26 -40.39
N GLY A 4 -3.67 1.26 -39.31
CA GLY A 4 -3.37 0.39 -38.18
C GLY A 4 -4.35 0.57 -37.03
N SER A 5 -4.38 -0.39 -36.12
CA SER A 5 -5.27 -0.33 -34.97
C SER A 5 -4.48 -0.15 -33.68
N SER A 6 -3.47 0.71 -33.72
CA SER A 6 -2.64 0.97 -32.56
C SER A 6 -3.23 2.08 -31.69
N GLY A 7 -3.63 1.72 -30.47
CA GLY A 7 -4.20 2.70 -29.57
C GLY A 7 -3.87 2.42 -28.12
N GLY A 8 -4.87 2.52 -27.25
CA GLY A 8 -4.66 2.27 -25.83
C GLY A 8 -4.11 0.89 -25.56
N PRO A 9 -3.11 0.81 -24.67
CA PRO A 9 -2.47 -0.46 -24.30
C PRO A 9 -3.40 -1.37 -23.51
N PRO A 10 -3.18 -2.68 -23.63
CA PRO A 10 -3.99 -3.69 -22.93
C PRO A 10 -3.74 -3.68 -21.42
N SER A 11 -4.51 -4.49 -20.69
CA SER A 11 -4.37 -4.57 -19.25
C SER A 11 -2.96 -5.00 -18.86
N ARG A 12 -2.37 -4.28 -17.90
CA ARG A 12 -1.02 -4.59 -17.45
C ARG A 12 -0.94 -4.55 -15.92
N ARG A 13 0.28 -4.62 -15.39
CA ARG A 13 0.49 -4.60 -13.95
C ARG A 13 -0.56 -3.73 -13.26
N SER A 14 -1.35 -4.33 -12.39
CA SER A 14 -2.41 -3.61 -11.68
C SER A 14 -1.96 -2.19 -11.36
N GLU A 15 -0.73 -2.05 -10.85
CA GLU A 15 -0.20 -0.74 -10.51
C GLU A 15 -0.82 -0.22 -9.22
N ASN A 16 -1.73 -1.01 -8.65
CA ASN A 16 -2.40 -0.62 -7.41
C ASN A 16 -1.97 -1.51 -6.25
N ARG A 17 -0.66 -1.65 -6.08
CA ARG A 17 -0.11 -2.47 -5.02
C ARG A 17 0.65 -1.63 -4.00
N VAL A 18 0.47 -1.94 -2.72
CA VAL A 18 1.13 -1.20 -1.66
C VAL A 18 1.89 -2.15 -0.72
N VAL A 19 2.99 -1.66 -0.16
CA VAL A 19 3.80 -2.46 0.75
C VAL A 19 3.50 -2.11 2.20
N VAL A 20 3.39 -3.14 3.04
CA VAL A 20 3.10 -2.93 4.46
C VAL A 20 4.26 -3.41 5.32
N SER A 21 4.46 -2.73 6.45
CA SER A 21 5.54 -3.09 7.37
C SER A 21 5.10 -2.91 8.82
N GLY A 22 5.90 -3.42 9.75
CA GLY A 22 5.58 -3.30 11.16
C GLY A 22 4.39 -4.14 11.55
N LEU A 23 4.30 -5.34 10.99
CA LEU A 23 3.21 -6.26 11.28
C LEU A 23 3.57 -7.20 12.42
N PRO A 24 2.58 -7.50 13.28
CA PRO A 24 2.77 -8.40 14.42
C PRO A 24 2.97 -9.84 13.99
N PRO A 25 3.52 -10.66 14.91
CA PRO A 25 3.77 -12.08 14.65
C PRO A 25 2.48 -12.89 14.55
N SER A 26 1.38 -12.27 14.93
CA SER A 26 0.07 -12.94 14.88
C SER A 26 -0.79 -12.37 13.76
N GLY A 27 -0.49 -11.14 13.36
CA GLY A 27 -1.25 -10.49 12.30
C GLY A 27 -1.21 -11.27 11.00
N SER A 28 -2.38 -11.70 10.53
CA SER A 28 -2.47 -12.46 9.29
C SER A 28 -3.18 -11.67 8.21
N TRP A 29 -2.96 -12.04 6.95
CA TRP A 29 -3.58 -11.36 5.83
C TRP A 29 -5.09 -11.22 6.04
N GLN A 30 -5.71 -12.31 6.46
CA GLN A 30 -7.15 -12.31 6.71
C GLN A 30 -7.58 -11.10 7.52
N ASP A 31 -6.70 -10.68 8.44
CA ASP A 31 -6.99 -9.53 9.29
C ASP A 31 -6.54 -8.24 8.61
N LEU A 32 -5.33 -8.25 8.07
CA LEU A 32 -4.78 -7.07 7.40
C LEU A 32 -5.73 -6.58 6.31
N LYS A 33 -6.04 -7.45 5.37
CA LYS A 33 -6.95 -7.11 4.27
C LYS A 33 -8.21 -6.45 4.80
N ASP A 34 -8.66 -6.87 5.98
CA ASP A 34 -9.85 -6.31 6.60
C ASP A 34 -9.60 -4.88 7.08
N HIS A 35 -8.36 -4.60 7.47
CA HIS A 35 -7.99 -3.28 7.96
C HIS A 35 -7.84 -2.30 6.80
N MET A 36 -7.40 -2.81 5.66
CA MET A 36 -7.21 -1.98 4.47
C MET A 36 -8.52 -1.81 3.71
N ARG A 37 -9.51 -2.62 4.06
CA ARG A 37 -10.82 -2.56 3.42
C ARG A 37 -11.44 -1.18 3.58
N GLU A 38 -11.31 -0.61 4.77
CA GLU A 38 -11.86 0.71 5.04
C GLU A 38 -11.62 1.66 3.88
N ALA A 39 -10.42 1.60 3.31
CA ALA A 39 -10.06 2.46 2.18
C ALA A 39 -11.04 2.27 1.02
N GLY A 40 -11.46 1.03 0.80
CA GLY A 40 -12.39 0.74 -0.27
C GLY A 40 -12.64 -0.75 -0.44
N ASP A 41 -11.98 -1.35 -1.42
CA ASP A 41 -12.12 -2.77 -1.69
C ASP A 41 -10.78 -3.42 -1.99
N VAL A 42 -10.53 -4.57 -1.39
CA VAL A 42 -9.27 -5.29 -1.59
C VAL A 42 -9.44 -6.41 -2.62
N CYS A 43 -8.38 -6.66 -3.37
CA CYS A 43 -8.41 -7.70 -4.40
C CYS A 43 -7.36 -8.76 -4.13
N TYR A 44 -6.21 -8.34 -3.61
CA TYR A 44 -5.13 -9.27 -3.30
C TYR A 44 -4.48 -8.92 -1.96
N ALA A 45 -4.42 -9.92 -1.08
CA ALA A 45 -3.83 -9.72 0.25
C ALA A 45 -2.86 -10.85 0.57
N ASP A 46 -1.78 -10.51 1.28
CA ASP A 46 -0.77 -11.49 1.66
C ASP A 46 0.18 -10.92 2.70
N VAL A 47 0.64 -11.76 3.62
CA VAL A 47 1.55 -11.34 4.67
C VAL A 47 2.73 -12.29 4.79
N TYR A 48 3.94 -11.75 4.80
CA TYR A 48 5.15 -12.56 4.92
C TYR A 48 5.51 -12.78 6.37
N ARG A 49 6.35 -13.78 6.62
CA ARG A 49 6.78 -14.11 7.98
C ARG A 49 7.92 -13.19 8.41
N ASP A 50 7.82 -11.91 8.06
CA ASP A 50 8.83 -10.94 8.42
C ASP A 50 8.20 -9.61 8.84
N GLY A 51 7.02 -9.70 9.45
CA GLY A 51 6.33 -8.50 9.90
C GLY A 51 5.99 -7.57 8.75
N THR A 52 5.86 -8.13 7.55
CA THR A 52 5.55 -7.34 6.37
C THR A 52 4.41 -7.97 5.57
N GLY A 53 3.72 -7.15 4.78
CA GLY A 53 2.62 -7.65 3.98
C GLY A 53 2.29 -6.74 2.81
N VAL A 54 1.81 -7.32 1.71
CA VAL A 54 1.47 -6.55 0.52
C VAL A 54 -0.02 -6.65 0.23
N VAL A 55 -0.59 -5.55 -0.26
CA VAL A 55 -2.01 -5.51 -0.60
C VAL A 55 -2.25 -4.83 -1.95
N GLU A 56 -3.26 -5.30 -2.67
CA GLU A 56 -3.58 -4.74 -3.98
C GLU A 56 -5.04 -4.30 -4.02
N PHE A 57 -5.25 -2.99 -4.00
CA PHE A 57 -6.60 -2.43 -4.04
C PHE A 57 -7.17 -2.50 -5.46
N VAL A 58 -8.33 -3.15 -5.60
CA VAL A 58 -8.97 -3.28 -6.89
C VAL A 58 -9.13 -1.93 -7.58
N ARG A 59 -9.29 -0.88 -6.78
CA ARG A 59 -9.45 0.46 -7.30
C ARG A 59 -8.35 1.39 -6.76
N LYS A 60 -7.46 1.83 -7.66
CA LYS A 60 -6.38 2.72 -7.28
C LYS A 60 -6.84 3.74 -6.25
N GLU A 61 -8.08 4.19 -6.39
CA GLU A 61 -8.64 5.18 -5.47
C GLU A 61 -8.40 4.76 -4.01
N ASP A 62 -8.77 3.52 -3.68
CA ASP A 62 -8.58 3.01 -2.34
C ASP A 62 -7.10 2.92 -1.98
N MET A 63 -6.26 2.82 -3.00
CA MET A 63 -4.82 2.72 -2.79
C MET A 63 -4.25 4.08 -2.39
N THR A 64 -4.57 5.11 -3.16
CA THR A 64 -4.08 6.46 -2.88
C THR A 64 -4.66 6.99 -1.58
N TYR A 65 -5.79 6.44 -1.17
CA TYR A 65 -6.44 6.86 0.06
C TYR A 65 -5.91 6.08 1.27
N ALA A 66 -5.69 4.78 1.07
CA ALA A 66 -5.17 3.94 2.15
C ALA A 66 -3.80 4.41 2.60
N VAL A 67 -2.95 4.79 1.65
CA VAL A 67 -1.61 5.26 1.96
C VAL A 67 -1.65 6.60 2.67
N ARG A 68 -2.78 7.28 2.57
CA ARG A 68 -2.96 8.59 3.22
C ARG A 68 -3.54 8.43 4.62
N LYS A 69 -4.64 7.68 4.72
CA LYS A 69 -5.31 7.45 5.99
C LYS A 69 -4.81 6.17 6.64
N LEU A 70 -4.70 5.12 5.83
CA LEU A 70 -4.23 3.82 6.32
C LEU A 70 -2.73 3.68 6.14
N ASP A 71 -1.98 4.60 6.74
CA ASP A 71 -0.52 4.58 6.64
C ASP A 71 0.11 5.02 7.96
N ASN A 72 0.82 4.10 8.60
CA ASN A 72 1.47 4.39 9.88
C ASN A 72 0.46 4.43 11.01
N THR A 73 -0.55 3.58 10.92
CA THR A 73 -1.59 3.52 11.94
C THR A 73 -1.46 2.25 12.78
N LYS A 74 -2.15 2.21 13.91
CA LYS A 74 -2.11 1.06 14.80
C LYS A 74 -3.05 -0.04 14.31
N PHE A 75 -2.47 -1.06 13.69
CA PHE A 75 -3.25 -2.18 13.16
C PHE A 75 -3.51 -3.22 14.25
N ARG A 76 -4.76 -3.68 14.33
CA ARG A 76 -5.15 -4.66 15.33
C ARG A 76 -5.51 -5.98 14.67
N SER A 77 -4.90 -7.06 15.14
CA SER A 77 -5.16 -8.39 14.59
C SER A 77 -6.29 -9.08 15.34
N HIS A 78 -6.77 -10.19 14.78
CA HIS A 78 -7.86 -10.94 15.40
C HIS A 78 -7.52 -11.30 16.85
N GLU A 79 -6.26 -11.63 17.10
CA GLU A 79 -5.81 -11.99 18.44
C GLU A 79 -5.98 -10.82 19.40
N GLY A 80 -6.18 -9.62 18.85
CA GLY A 80 -6.36 -8.45 19.67
C GLY A 80 -5.11 -7.60 19.74
N GLU A 81 -3.97 -8.19 19.41
CA GLU A 81 -2.70 -7.47 19.45
C GLU A 81 -2.73 -6.26 18.52
N THR A 82 -2.00 -5.21 18.90
CA THR A 82 -1.95 -4.00 18.10
C THR A 82 -0.51 -3.62 17.77
N ALA A 83 -0.31 -3.14 16.55
CA ALA A 83 1.03 -2.74 16.10
C ALA A 83 0.95 -1.70 14.99
N TYR A 84 1.80 -0.69 15.06
CA TYR A 84 1.82 0.37 14.05
C TYR A 84 2.42 -0.14 12.74
N ILE A 85 1.65 -0.01 11.66
CA ILE A 85 2.10 -0.45 10.35
C ILE A 85 2.15 0.71 9.36
N ARG A 86 3.09 0.63 8.42
CA ARG A 86 3.24 1.68 7.41
C ARG A 86 2.85 1.17 6.03
N VAL A 87 2.14 2.00 5.27
CA VAL A 87 1.71 1.64 3.94
C VAL A 87 2.16 2.68 2.91
N LYS A 88 2.57 2.20 1.74
CA LYS A 88 3.03 3.08 0.67
C LYS A 88 2.83 2.42 -0.70
N VAL A 89 2.71 3.25 -1.73
CA VAL A 89 2.51 2.75 -3.09
C VAL A 89 3.80 2.16 -3.65
N ASP A 90 3.76 0.88 -3.97
CA ASP A 90 4.92 0.18 -4.51
C ASP A 90 5.55 0.99 -5.65
N GLY A 91 6.82 1.35 -5.47
CA GLY A 91 7.53 2.12 -6.47
C GLY A 91 8.49 3.12 -5.87
N PRO A 92 8.84 4.16 -6.65
CA PRO A 92 9.76 5.20 -6.20
C PRO A 92 9.16 6.09 -5.12
N ARG A 93 9.94 6.37 -4.08
CA ARG A 93 9.48 7.20 -2.98
C ARG A 93 10.50 8.31 -2.68
N SER A 94 10.22 9.51 -3.17
CA SER A 94 11.11 10.64 -2.96
C SER A 94 10.58 11.89 -3.68
N PRO A 95 10.59 13.03 -2.98
CA PRO A 95 10.12 14.30 -3.54
C PRO A 95 11.05 14.84 -4.60
N SER A 96 10.75 14.53 -5.86
CA SER A 96 11.58 14.99 -6.97
C SER A 96 11.49 16.50 -7.12
N TYR A 97 12.65 17.15 -7.25
CA TYR A 97 12.72 18.60 -7.40
C TYR A 97 14.04 19.03 -8.03
N GLY A 98 14.02 20.16 -8.72
CA GLY A 98 15.23 20.66 -9.35
C GLY A 98 15.23 22.17 -9.48
N ARG A 99 16.11 22.69 -10.33
CA ARG A 99 16.21 24.13 -10.54
C ARG A 99 15.06 24.63 -11.40
N SER A 100 14.59 25.85 -11.10
CA SER A 100 13.49 26.44 -11.84
C SER A 100 13.41 27.94 -11.58
N ARG A 101 12.88 28.68 -12.56
CA ARG A 101 12.75 30.12 -12.43
C ARG A 101 11.29 30.55 -12.56
N SER A 102 10.77 31.18 -11.51
CA SER A 102 9.39 31.64 -11.51
C SER A 102 9.04 32.31 -10.19
N SER A 103 8.03 33.18 -10.22
CA SER A 103 7.60 33.91 -9.02
C SER A 103 6.61 33.07 -8.21
N GLY A 104 6.31 33.53 -7.01
CA GLY A 104 5.38 32.83 -6.14
C GLY A 104 4.95 33.65 -4.95
N PRO A 105 3.69 33.46 -4.53
CA PRO A 105 3.12 34.18 -3.39
C PRO A 105 3.74 33.76 -2.06
N SER A 106 3.42 34.49 -1.00
CA SER A 106 3.94 34.20 0.32
C SER A 106 2.88 34.40 1.39
N SER A 107 2.84 33.50 2.37
CA SER A 107 1.88 33.59 3.45
C SER A 107 2.53 33.31 4.80
N GLY A 108 1.74 33.40 5.87
CA GLY A 108 2.27 33.16 7.20
C GLY A 108 1.55 32.03 7.91
N GLY A 1 2.33 22.27 2.93
CA GLY A 1 1.77 21.54 1.82
C GLY A 1 2.00 20.05 1.91
N SER A 2 3.01 19.56 1.18
CA SER A 2 3.35 18.15 1.20
C SER A 2 2.08 17.29 1.20
N SER A 3 1.33 17.33 0.10
CA SER A 3 0.10 16.58 -0.03
C SER A 3 0.16 15.63 -1.23
N GLY A 4 1.19 14.80 -1.27
CA GLY A 4 1.36 13.87 -2.37
C GLY A 4 1.97 14.52 -3.59
N SER A 5 1.48 14.12 -4.77
CA SER A 5 1.99 14.67 -6.02
C SER A 5 0.99 14.45 -7.16
N SER A 6 0.13 15.43 -7.37
CA SER A 6 -0.88 15.35 -8.41
C SER A 6 -1.39 13.92 -8.58
N GLY A 7 -2.45 13.59 -7.84
CA GLY A 7 -3.01 12.25 -7.91
C GLY A 7 -1.93 11.17 -7.91
N GLY A 8 -2.19 10.09 -8.65
CA GLY A 8 -1.24 9.00 -8.74
C GLY A 8 0.07 9.42 -9.38
N PRO A 9 1.18 8.83 -8.91
CA PRO A 9 2.51 9.13 -9.44
C PRO A 9 2.71 8.61 -10.85
N PRO A 10 3.63 9.25 -11.60
CA PRO A 10 3.94 8.87 -12.99
C PRO A 10 4.66 7.52 -13.07
N SER A 11 4.84 6.88 -11.92
CA SER A 11 5.52 5.60 -11.85
C SER A 11 5.21 4.76 -13.09
N ARG A 12 3.96 4.30 -13.18
CA ARG A 12 3.54 3.48 -14.31
C ARG A 12 3.95 2.03 -14.12
N ARG A 13 3.26 1.13 -14.80
CA ARG A 13 3.55 -0.30 -14.72
C ARG A 13 3.02 -0.88 -13.40
N SER A 14 2.38 -0.04 -12.61
CA SER A 14 1.83 -0.46 -11.32
C SER A 14 0.50 -1.19 -11.52
N GLU A 15 -0.02 -1.75 -10.44
CA GLU A 15 -1.29 -2.48 -10.48
C GLU A 15 -2.12 -2.21 -9.23
N ASN A 16 -1.88 -1.06 -8.61
CA ASN A 16 -2.62 -0.68 -7.41
C ASN A 16 -2.18 -1.54 -6.22
N ARG A 17 -0.87 -1.76 -6.11
CA ARG A 17 -0.33 -2.56 -5.02
C ARG A 17 0.46 -1.70 -4.05
N VAL A 18 0.31 -1.99 -2.75
CA VAL A 18 1.01 -1.23 -1.72
C VAL A 18 1.74 -2.16 -0.76
N VAL A 19 2.85 -1.68 -0.20
CA VAL A 19 3.64 -2.48 0.74
C VAL A 19 3.27 -2.15 2.18
N VAL A 20 3.28 -3.17 3.03
CA VAL A 20 2.94 -3.00 4.44
C VAL A 20 4.04 -3.55 5.34
N SER A 21 4.45 -2.75 6.31
CA SER A 21 5.50 -3.16 7.25
C SER A 21 5.07 -2.92 8.68
N GLY A 22 5.80 -3.51 9.63
CA GLY A 22 5.49 -3.34 11.03
C GLY A 22 4.29 -4.17 11.45
N LEU A 23 4.09 -5.30 10.81
CA LEU A 23 2.98 -6.18 11.11
C LEU A 23 3.33 -7.14 12.25
N PRO A 24 2.34 -7.43 13.12
CA PRO A 24 2.52 -8.33 14.25
C PRO A 24 2.71 -9.78 13.83
N PRO A 25 3.48 -10.53 14.62
CA PRO A 25 3.76 -11.95 14.33
C PRO A 25 2.54 -12.83 14.53
N SER A 26 1.50 -12.26 15.15
CA SER A 26 0.26 -13.00 15.41
C SER A 26 -0.79 -12.67 14.36
N GLY A 27 -0.63 -11.52 13.70
CA GLY A 27 -1.58 -11.11 12.68
C GLY A 27 -1.29 -11.74 11.34
N SER A 28 -2.33 -11.89 10.52
CA SER A 28 -2.19 -12.48 9.20
C SER A 28 -2.92 -11.66 8.14
N TRP A 29 -2.78 -12.07 6.89
CA TRP A 29 -3.43 -11.37 5.79
C TRP A 29 -4.93 -11.22 6.04
N GLN A 30 -5.56 -12.31 6.47
CA GLN A 30 -7.00 -12.29 6.75
C GLN A 30 -7.37 -11.11 7.65
N ASP A 31 -6.47 -10.77 8.57
CA ASP A 31 -6.70 -9.66 9.48
C ASP A 31 -6.26 -8.34 8.86
N LEU A 32 -5.12 -8.38 8.16
CA LEU A 32 -4.59 -7.17 7.51
C LEU A 32 -5.59 -6.60 6.51
N LYS A 33 -5.95 -7.40 5.52
CA LYS A 33 -6.91 -6.97 4.50
C LYS A 33 -8.18 -6.43 5.15
N ASP A 34 -8.57 -7.03 6.28
CA ASP A 34 -9.77 -6.60 6.99
C ASP A 34 -9.65 -5.15 7.45
N HIS A 35 -8.42 -4.71 7.66
CA HIS A 35 -8.17 -3.34 8.11
C HIS A 35 -8.04 -2.40 6.91
N MET A 36 -7.35 -2.86 5.88
CA MET A 36 -7.15 -2.06 4.67
C MET A 36 -8.49 -1.75 4.00
N ARG A 37 -9.52 -2.49 4.39
CA ARG A 37 -10.85 -2.30 3.83
C ARG A 37 -11.26 -0.83 3.88
N GLU A 38 -10.90 -0.16 4.98
CA GLU A 38 -11.23 1.25 5.15
C GLU A 38 -11.03 2.02 3.85
N ALA A 39 -9.95 1.70 3.15
CA ALA A 39 -9.65 2.37 1.88
C ALA A 39 -10.76 2.13 0.85
N GLY A 40 -11.25 0.90 0.80
CA GLY A 40 -12.30 0.56 -0.14
C GLY A 40 -12.47 -0.93 -0.32
N ASP A 41 -12.03 -1.44 -1.46
CA ASP A 41 -12.14 -2.87 -1.75
C ASP A 41 -10.75 -3.48 -1.98
N VAL A 42 -10.56 -4.70 -1.51
CA VAL A 42 -9.29 -5.40 -1.66
C VAL A 42 -9.36 -6.41 -2.79
N CYS A 43 -8.29 -6.47 -3.58
CA CYS A 43 -8.22 -7.40 -4.71
C CYS A 43 -7.18 -8.48 -4.46
N TYR A 44 -6.17 -8.16 -3.66
CA TYR A 44 -5.12 -9.10 -3.33
C TYR A 44 -4.54 -8.83 -1.95
N ALA A 45 -4.31 -9.89 -1.19
CA ALA A 45 -3.76 -9.77 0.15
C ALA A 45 -2.77 -10.89 0.45
N ASP A 46 -1.66 -10.53 1.08
CA ASP A 46 -0.62 -11.51 1.41
C ASP A 46 0.35 -10.93 2.43
N VAL A 47 0.70 -11.73 3.43
CA VAL A 47 1.63 -11.30 4.47
C VAL A 47 2.80 -12.27 4.61
N TYR A 48 3.99 -11.73 4.83
CA TYR A 48 5.19 -12.54 4.97
C TYR A 48 5.53 -12.77 6.44
N ARG A 49 6.32 -13.80 6.70
CA ARG A 49 6.72 -14.12 8.07
C ARG A 49 7.87 -13.24 8.53
N ASP A 50 7.70 -11.93 8.38
CA ASP A 50 8.73 -10.97 8.78
C ASP A 50 8.11 -9.63 9.17
N GLY A 51 6.81 -9.65 9.44
CA GLY A 51 6.12 -8.44 9.82
C GLY A 51 5.83 -7.54 8.63
N THR A 52 5.69 -8.14 7.45
CA THR A 52 5.41 -7.39 6.24
C THR A 52 4.25 -7.98 5.47
N GLY A 53 3.72 -7.22 4.51
CA GLY A 53 2.60 -7.70 3.72
C GLY A 53 2.30 -6.79 2.55
N VAL A 54 1.77 -7.37 1.47
CA VAL A 54 1.43 -6.61 0.29
C VAL A 54 -0.06 -6.73 -0.04
N VAL A 55 -0.69 -5.59 -0.29
CA VAL A 55 -2.12 -5.57 -0.63
C VAL A 55 -2.38 -4.78 -1.90
N GLU A 56 -3.29 -5.29 -2.73
CA GLU A 56 -3.63 -4.64 -3.99
C GLU A 56 -5.10 -4.27 -4.03
N PHE A 57 -5.38 -2.96 -4.11
CA PHE A 57 -6.75 -2.47 -4.16
C PHE A 57 -7.29 -2.49 -5.58
N VAL A 58 -8.45 -3.10 -5.77
CA VAL A 58 -9.07 -3.19 -7.08
C VAL A 58 -9.18 -1.81 -7.73
N ARG A 59 -9.51 -0.80 -6.92
CA ARG A 59 -9.65 0.56 -7.41
C ARG A 59 -8.55 1.45 -6.86
N LYS A 60 -7.60 1.82 -7.72
CA LYS A 60 -6.48 2.67 -7.32
C LYS A 60 -6.94 3.70 -6.29
N GLU A 61 -8.05 4.37 -6.57
CA GLU A 61 -8.58 5.38 -5.67
C GLU A 61 -8.41 4.96 -4.22
N ASP A 62 -8.81 3.72 -3.91
CA ASP A 62 -8.70 3.19 -2.55
C ASP A 62 -7.24 3.08 -2.13
N MET A 63 -6.38 2.72 -3.07
CA MET A 63 -4.96 2.57 -2.80
C MET A 63 -4.35 3.90 -2.35
N THR A 64 -4.32 4.87 -3.27
CA THR A 64 -3.77 6.18 -2.96
C THR A 64 -4.36 6.75 -1.67
N TYR A 65 -5.57 6.29 -1.33
CA TYR A 65 -6.25 6.74 -0.12
C TYR A 65 -5.71 6.03 1.11
N ALA A 66 -5.51 4.72 0.99
CA ALA A 66 -5.00 3.92 2.09
C ALA A 66 -3.65 4.44 2.57
N VAL A 67 -2.83 4.91 1.63
CA VAL A 67 -1.51 5.43 1.95
C VAL A 67 -1.61 6.81 2.61
N ARG A 68 -2.77 7.46 2.44
CA ARG A 68 -2.99 8.78 3.01
C ARG A 68 -3.60 8.66 4.41
N LYS A 69 -4.70 7.92 4.51
CA LYS A 69 -5.37 7.73 5.79
C LYS A 69 -4.83 6.50 6.53
N LEU A 70 -4.72 5.39 5.81
CA LEU A 70 -4.21 4.15 6.39
C LEU A 70 -2.69 4.05 6.20
N ASP A 71 -1.97 5.00 6.76
CA ASP A 71 -0.51 5.01 6.64
C ASP A 71 0.13 5.33 8.00
N ASN A 72 0.64 4.29 8.65
CA ASN A 72 1.28 4.45 9.95
C ASN A 72 0.25 4.52 11.06
N THR A 73 -0.74 3.64 11.01
CA THR A 73 -1.79 3.60 12.01
C THR A 73 -1.73 2.33 12.84
N LYS A 74 -2.42 2.32 13.97
CA LYS A 74 -2.43 1.16 14.86
C LYS A 74 -3.31 0.05 14.29
N PHE A 75 -2.69 -1.07 13.94
CA PHE A 75 -3.41 -2.21 13.39
C PHE A 75 -3.62 -3.29 14.44
N ARG A 76 -4.83 -3.83 14.51
CA ARG A 76 -5.15 -4.88 15.48
C ARG A 76 -5.38 -6.21 14.77
N SER A 77 -4.94 -7.29 15.41
CA SER A 77 -5.09 -8.62 14.83
C SER A 77 -6.24 -9.37 15.51
N HIS A 78 -6.60 -10.52 14.95
CA HIS A 78 -7.68 -11.33 15.49
C HIS A 78 -7.46 -11.61 16.98
N GLU A 79 -6.20 -11.87 17.35
CA GLU A 79 -5.87 -12.15 18.74
C GLU A 79 -6.08 -10.92 19.61
N GLY A 80 -6.17 -9.75 18.97
CA GLY A 80 -6.37 -8.52 19.70
C GLY A 80 -5.11 -7.69 19.81
N GLU A 81 -3.97 -8.31 19.50
CA GLU A 81 -2.69 -7.62 19.56
C GLU A 81 -2.71 -6.35 18.70
N THR A 82 -2.04 -5.31 19.19
CA THR A 82 -1.98 -4.04 18.47
C THR A 82 -0.56 -3.74 17.99
N ALA A 83 -0.45 -3.11 16.83
CA ALA A 83 0.85 -2.78 16.26
C ALA A 83 0.69 -1.81 15.09
N TYR A 84 1.50 -0.74 15.10
CA TYR A 84 1.46 0.26 14.05
C TYR A 84 2.06 -0.28 12.75
N ILE A 85 1.40 0.00 11.64
CA ILE A 85 1.87 -0.46 10.34
C ILE A 85 1.95 0.70 9.35
N ARG A 86 2.92 0.65 8.45
CA ARG A 86 3.11 1.68 7.45
C ARG A 86 2.67 1.19 6.07
N VAL A 87 2.05 2.09 5.30
CA VAL A 87 1.58 1.74 3.96
C VAL A 87 2.14 2.72 2.92
N LYS A 88 2.55 2.18 1.78
CA LYS A 88 3.10 2.99 0.70
C LYS A 88 2.92 2.30 -0.65
N VAL A 89 2.76 3.10 -1.70
CA VAL A 89 2.58 2.56 -3.04
C VAL A 89 3.84 1.87 -3.53
N ASP A 90 3.70 0.61 -3.94
CA ASP A 90 4.84 -0.16 -4.44
C ASP A 90 5.57 0.60 -5.53
N GLY A 91 6.63 1.29 -5.15
CA GLY A 91 7.41 2.05 -6.12
C GLY A 91 8.86 1.61 -6.17
N PRO A 92 9.69 2.38 -6.88
CA PRO A 92 11.12 2.08 -7.03
C PRO A 92 11.89 2.28 -5.72
N ARG A 93 11.72 3.45 -5.11
CA ARG A 93 12.39 3.76 -3.86
C ARG A 93 12.11 5.19 -3.42
N SER A 94 12.44 5.51 -2.18
CA SER A 94 12.22 6.84 -1.64
C SER A 94 13.30 7.81 -2.12
N PRO A 95 12.91 9.06 -2.37
CA PRO A 95 13.83 10.10 -2.84
C PRO A 95 14.82 10.52 -1.76
N SER A 96 16.10 10.25 -2.00
CA SER A 96 17.15 10.60 -1.04
C SER A 96 18.29 11.35 -1.73
N TYR A 97 18.14 12.67 -1.84
CA TYR A 97 19.15 13.49 -2.49
C TYR A 97 20.55 13.12 -1.99
N GLY A 98 21.43 12.77 -2.93
CA GLY A 98 22.78 12.39 -2.57
C GLY A 98 23.20 11.07 -3.18
N ARG A 99 22.57 9.99 -2.73
CA ARG A 99 22.88 8.66 -3.23
C ARG A 99 24.25 8.19 -2.73
N SER A 100 24.26 7.49 -1.60
CA SER A 100 25.49 6.99 -1.01
C SER A 100 26.37 8.15 -0.54
N ARG A 101 26.71 8.14 0.74
CA ARG A 101 27.55 9.19 1.32
C ARG A 101 26.85 10.55 1.25
N SER A 102 26.37 11.02 2.39
CA SER A 102 25.69 12.30 2.46
C SER A 102 26.68 13.45 2.59
N SER A 103 26.33 14.60 2.01
CA SER A 103 27.20 15.77 2.07
C SER A 103 26.40 17.05 1.86
N GLY A 104 25.53 17.03 0.85
CA GLY A 104 24.70 18.20 0.56
C GLY A 104 24.45 18.37 -0.92
N PRO A 105 23.35 19.07 -1.25
CA PRO A 105 22.96 19.32 -2.65
C PRO A 105 23.92 20.28 -3.35
N SER A 106 24.93 20.74 -2.62
CA SER A 106 25.91 21.68 -3.18
C SER A 106 26.93 20.93 -4.04
N SER A 107 26.54 20.66 -5.29
CA SER A 107 27.42 19.97 -6.22
C SER A 107 27.94 20.92 -7.30
N GLY A 108 29.12 20.59 -7.84
CA GLY A 108 29.70 21.43 -8.87
C GLY A 108 30.57 20.64 -9.84
#